data_4A92
#
_entry.id   4A92
#
_cell.length_a   91.972
_cell.length_b   110.470
_cell.length_c   137.227
_cell.angle_alpha   90.00
_cell.angle_beta   90.00
_cell.angle_gamma   90.00
#
_symmetry.space_group_name_H-M   'P 21 21 21'
#
loop_
_entity.id
_entity.type
_entity.pdbx_description
1 polymer 'SERINE PROTEASE NS3'
2 non-polymer 'ZINC ION'
3 non-polymer "(1'R,2R,2'S,6S,24AS)-17-FLUORO-6-(1-METHYL-2-OXOPIPERIDINE-3-CARBOXAMIDO)-19,19-DIOXIDO-5,21,24-TRIOXO-2'-VINYL-1,2,3,5,6,7,8,9,10,11,12,13,14,20,21,23,24,24A-OCTADECAHYDROSPIRO[BENZO[S]PYRROLO[2,1-G][1,2,5,8,18]THIATETRAAZACYCLOICOSINE-22,1'-CYCLOPRO-2-CARBOXYLATEPAN]-2-YL 4-FLUOROISOINDOLINE"
4 water water
#
_entity_poly.entity_id   1
_entity_poly.type   'polypeptide(L)'
_entity_poly.pdbx_seq_one_letter_code
;MGSSHHHHHHSSGLVPRGSHMGSVVIVGRIILSGSGSITAYSQQTRGLLGCIITSLTGRDKNQVEGEVQVVSTATQSFLA
TCVNGVCWTVYHGAGSKTLAGPKGPITQMYTNVDQDLVGWQAPPGARSLTPCTCGSSDLYLVTRHADVIPVRRRGDSRGS
LLSPRPVSYLKGSSGGPLLCPSGHAVGIFRAAVCTRGVAKAVDFVPVESMETTMRSPVFTDNSSPPAVPQSFQVAHLHAP
TGSGKSTKVPAAYAAQGYKVLVLNPSVAATLGFGAYMSKAHGIDPNIRTGVRTITTGAPVTYSTYGKFLADGGCSGGAYD
IIICDECHSTDSTTILGIGTVLDQAETAGARLVVLATATPPGSVTVPHPNIEEVALSNTGEIPFYGKAIPIEAIRGGRHL
IFCHSKKKCDELAAKLSGLGINAVAYYRGLDVSVIPTIGDVVVVATDALMTGYTGDFDSVIDCNTCVTQTVDFSLDPTFT
IETTTVPQDAVSRSQRRGRTGRGRRGIYRFVTPGERPSGMFDSSVLCECYDAGCAWYELTPAETSVRLRAYLNTPGLPVC
QDHLEFWESVFTGLTHIDAHFLSQTKQAGDNFPYLVAYQATVCARAQAPPPSWDQMWKCLIRLKPTLHGPTPLLYRLGAV
QNEVTLTHPITKYIMACMSADLAVVL
;
_entity_poly.pdbx_strand_id   A,B
#
loop_
_chem_comp.id
_chem_comp.type
_chem_comp.name
_chem_comp.formula
F9K non-polymer '(1'R,2R,2'S,6S,24AS)-17-FLUORO-6-(1-METHYL-2-OXOPIPERIDINE-3-CARBOXAMIDO)-19,19-DIOXIDO-5,21,24-TRIOXO-2'-VINYL-1,2,3,5,6,7,8,9,10,11,12,13,14,20,21,23,24,24A-OCTADECAHYDROSPIRO[BENZO[S]PYRROLO[2,1-G][1,2,5,8,18]THIATETRAAZACYCLOICOSINE-22,1'-CYCLOPRO-2-CARBOXYLATEPAN]-2-YL 4-FLUOROISOINDOLINE' 'C42 H51 F2 N7 O9 S'
ZN non-polymer 'ZINC ION' 'Zn 2'
#
# COMPACT_ATOMS: atom_id res chain seq x y z
N GLY A 22 6.34 -19.85 9.57
CA GLY A 22 7.22 -19.48 8.46
C GLY A 22 8.52 -18.86 8.92
N SER A 23 9.60 -19.13 8.18
CA SER A 23 10.91 -18.58 8.52
C SER A 23 11.20 -17.32 7.69
N VAL A 24 12.18 -16.51 8.15
CA VAL A 24 12.71 -15.34 7.44
C VAL A 24 13.64 -15.99 6.38
N VAL A 25 13.56 -15.53 5.11
CA VAL A 25 14.33 -16.08 3.98
C VAL A 25 15.27 -15.05 3.38
N ILE A 26 16.56 -15.45 3.17
CA ILE A 26 17.54 -14.64 2.44
C ILE A 26 17.16 -14.75 0.95
N VAL A 27 16.81 -13.62 0.35
CA VAL A 27 16.37 -13.56 -1.05
C VAL A 27 17.36 -12.88 -1.96
N GLY A 28 18.39 -12.33 -1.33
CA GLY A 28 19.43 -11.61 -2.03
C GLY A 28 20.44 -11.05 -1.07
N ARG A 29 21.36 -10.26 -1.59
CA ARG A 29 22.44 -9.69 -0.81
C ARG A 29 22.92 -8.37 -1.43
N ILE A 30 23.49 -7.51 -0.57
CA ILE A 30 24.08 -6.21 -0.96
C ILE A 30 25.57 -6.44 -0.77
N ILE A 31 26.36 -6.29 -1.88
CA ILE A 31 27.80 -6.51 -1.92
C ILE A 31 28.56 -5.21 -1.77
N LEU A 32 29.36 -5.10 -0.70
CA LEU A 32 30.13 -3.90 -0.38
C LEU A 32 31.55 -3.98 -0.89
N SER A 33 32.09 -2.82 -1.34
CA SER A 33 33.45 -2.76 -1.82
C SER A 33 34.43 -2.86 -0.63
N GLY A 34 35.50 -3.62 -0.81
CA GLY A 34 36.52 -3.82 0.20
C GLY A 34 37.69 -2.89 0.04
N SER A 35 37.70 -2.12 -1.05
CA SER A 35 38.76 -1.18 -1.41
C SER A 35 38.18 0.14 -1.85
N GLY A 36 38.92 1.21 -1.58
CA GLY A 36 38.61 2.59 -1.94
C GLY A 36 37.34 3.11 -1.32
N SER A 37 36.58 3.89 -2.11
CA SER A 37 35.30 4.48 -1.71
C SER A 37 34.24 3.40 -1.43
N ILE A 38 33.29 3.71 -0.52
CA ILE A 38 32.23 2.77 -0.17
C ILE A 38 31.15 2.79 -1.25
N THR A 39 31.06 1.68 -1.98
CA THR A 39 30.09 1.45 -3.06
C THR A 39 29.43 0.12 -2.80
N ALA A 40 28.24 -0.08 -3.38
CA ALA A 40 27.49 -1.31 -3.18
C ALA A 40 26.69 -1.68 -4.40
N TYR A 41 26.33 -2.97 -4.49
CA TYR A 41 25.49 -3.50 -5.55
C TYR A 41 24.65 -4.66 -5.05
N SER A 42 23.44 -4.78 -5.58
CA SER A 42 22.53 -5.83 -5.17
C SER A 42 22.64 -7.04 -6.08
N GLN A 43 22.38 -8.20 -5.50
CA GLN A 43 22.42 -9.48 -6.19
C GLN A 43 21.26 -10.31 -5.64
N GLN A 44 20.24 -10.54 -6.47
CA GLN A 44 19.07 -11.35 -6.11
C GLN A 44 19.49 -12.83 -6.21
N THR A 45 19.04 -13.67 -5.28
CA THR A 45 19.35 -15.11 -5.27
C THR A 45 18.04 -15.96 -5.30
N ARG A 46 16.89 -15.32 -5.10
CA ARG A 46 15.64 -16.01 -5.02
C ARG A 46 14.49 -15.16 -5.53
N GLY A 47 13.51 -15.83 -6.14
CA GLY A 47 12.26 -15.23 -6.57
C GLY A 47 11.15 -15.55 -5.57
N LEU A 48 9.93 -15.02 -5.79
CA LEU A 48 8.79 -15.27 -4.92
C LEU A 48 8.52 -16.76 -4.63
N LEU A 49 8.63 -17.64 -5.65
CA LEU A 49 8.37 -19.04 -5.42
C LEU A 49 9.37 -19.69 -4.47
N GLY A 50 10.66 -19.55 -4.77
CA GLY A 50 11.74 -20.09 -3.94
C GLY A 50 11.70 -19.54 -2.54
N CYS A 51 11.28 -18.30 -2.41
CA CYS A 51 11.15 -17.58 -1.16
C CYS A 51 10.03 -18.17 -0.32
N ILE A 52 8.88 -18.46 -0.94
CA ILE A 52 7.72 -19.04 -0.26
C ILE A 52 7.99 -20.49 0.15
N ILE A 53 8.56 -21.29 -0.76
CA ILE A 53 8.92 -22.67 -0.44
C ILE A 53 9.89 -22.69 0.76
N THR A 54 11.00 -21.94 0.66
CA THR A 54 12.01 -21.83 1.71
C THR A 54 11.44 -21.38 3.09
N SER A 55 10.48 -20.45 3.08
CA SER A 55 9.80 -19.94 4.27
C SER A 55 9.05 -21.04 4.99
N LEU A 56 8.29 -21.87 4.22
CA LEU A 56 7.53 -23.01 4.73
C LEU A 56 8.42 -24.08 5.34
N THR A 57 9.43 -24.55 4.58
CA THR A 57 10.35 -25.60 5.02
C THR A 57 11.33 -25.15 6.10
N GLY A 58 11.86 -23.94 5.98
CA GLY A 58 12.90 -23.42 6.86
C GLY A 58 14.27 -23.92 6.41
N ARG A 59 14.31 -24.64 5.29
CA ARG A 59 15.55 -25.17 4.74
C ARG A 59 16.02 -24.36 3.55
N ASP A 60 17.21 -23.76 3.70
CA ASP A 60 17.90 -22.93 2.71
C ASP A 60 19.27 -23.52 2.51
N LYS A 61 19.44 -24.25 1.40
CA LYS A 61 20.72 -24.88 1.11
C LYS A 61 21.68 -23.95 0.39
N ASN A 62 21.18 -22.80 -0.14
CA ASN A 62 21.95 -21.76 -0.84
C ASN A 62 23.12 -21.27 -0.02
N GLN A 63 24.24 -21.05 -0.69
CA GLN A 63 25.44 -20.54 -0.03
C GLN A 63 25.19 -19.09 0.35
N VAL A 64 25.35 -18.78 1.64
CA VAL A 64 25.22 -17.39 2.11
C VAL A 64 26.58 -16.68 1.91
N GLU A 65 26.55 -15.51 1.28
CA GLU A 65 27.74 -14.71 0.99
C GLU A 65 27.45 -13.25 1.37
N GLY A 66 28.52 -12.48 1.61
CA GLY A 66 28.40 -11.06 1.93
C GLY A 66 27.99 -10.79 3.37
N GLU A 67 28.09 -9.53 3.76
CA GLU A 67 27.76 -9.09 5.12
C GLU A 67 26.31 -8.60 5.23
N VAL A 68 25.81 -7.92 4.18
CA VAL A 68 24.43 -7.42 4.12
C VAL A 68 23.53 -8.35 3.32
N GLN A 69 22.46 -8.81 3.96
CA GLN A 69 21.48 -9.73 3.37
C GLN A 69 20.15 -9.03 3.09
N VAL A 70 19.52 -9.45 1.99
CA VAL A 70 18.19 -9.01 1.64
C VAL A 70 17.32 -10.17 2.10
N VAL A 71 16.57 -9.94 3.17
CA VAL A 71 15.70 -10.93 3.79
C VAL A 71 14.23 -10.62 3.51
N SER A 72 13.41 -11.63 3.62
CA SER A 72 12.00 -11.53 3.35
C SER A 72 11.18 -12.55 4.15
N THR A 73 9.98 -12.12 4.53
CA THR A 73 8.86 -12.88 5.09
C THR A 73 7.87 -12.87 3.88
N ALA A 74 6.66 -13.41 4.04
CA ALA A 74 5.71 -13.39 2.91
C ALA A 74 5.21 -11.94 2.66
N THR A 75 4.87 -11.25 3.77
CA THR A 75 4.33 -9.90 3.79
C THR A 75 5.38 -8.77 3.68
N GLN A 76 6.62 -8.99 4.13
CA GLN A 76 7.61 -7.92 4.20
C GLN A 76 9.01 -8.27 3.74
N SER A 77 9.74 -7.23 3.32
CA SER A 77 11.14 -7.35 2.95
C SER A 77 11.92 -6.25 3.63
N PHE A 78 13.16 -6.59 4.06
CA PHE A 78 14.05 -5.65 4.77
C PHE A 78 15.48 -6.20 4.68
N LEU A 79 16.40 -5.67 5.51
CA LEU A 79 17.76 -6.13 5.47
C LEU A 79 18.19 -6.74 6.77
N ALA A 80 19.32 -7.47 6.73
CA ALA A 80 19.99 -8.07 7.87
C ALA A 80 21.48 -7.92 7.62
N THR A 81 22.23 -7.66 8.66
CA THR A 81 23.68 -7.45 8.60
C THR A 81 24.39 -8.40 9.54
N CYS A 82 25.49 -9.00 9.07
CA CYS A 82 26.32 -9.88 9.87
C CYS A 82 27.45 -9.11 10.47
N VAL A 83 27.45 -9.09 11.78
CA VAL A 83 28.40 -8.38 12.59
C VAL A 83 28.79 -9.37 13.66
N ASN A 84 30.10 -9.69 13.73
CA ASN A 84 30.69 -10.59 14.73
C ASN A 84 30.06 -11.97 14.82
N GLY A 85 29.75 -12.52 13.64
CA GLY A 85 29.19 -13.86 13.51
C GLY A 85 27.72 -14.02 13.78
N VAL A 86 27.03 -12.93 14.14
CA VAL A 86 25.60 -12.95 14.37
C VAL A 86 24.96 -12.19 13.22
N CYS A 87 23.95 -12.78 12.59
CA CYS A 87 23.20 -12.13 11.54
C CYS A 87 22.04 -11.33 12.23
N TRP A 88 22.13 -9.99 12.25
CA TRP A 88 21.18 -9.09 12.94
C TRP A 88 20.16 -8.44 12.04
N THR A 89 18.95 -8.28 12.55
CA THR A 89 17.84 -7.56 11.92
C THR A 89 16.96 -6.87 12.94
N VAL A 90 15.89 -6.25 12.46
CA VAL A 90 14.94 -5.51 13.28
C VAL A 90 13.78 -6.41 13.71
N TYR A 91 13.37 -6.28 14.98
CA TYR A 91 12.26 -7.02 15.57
C TYR A 91 10.96 -6.71 14.82
N HIS A 92 10.79 -5.42 14.41
CA HIS A 92 9.61 -4.98 13.68
C HIS A 92 9.38 -5.65 12.34
N GLY A 93 10.44 -6.22 11.77
CA GLY A 93 10.35 -6.93 10.52
C GLY A 93 10.33 -8.44 10.69
N ALA A 94 11.22 -8.97 11.55
CA ALA A 94 11.39 -10.40 11.77
C ALA A 94 10.52 -11.00 12.86
N GLY A 95 10.17 -10.20 13.86
CA GLY A 95 9.44 -10.73 15.01
C GLY A 95 10.34 -11.72 15.76
N SER A 96 9.77 -12.87 16.12
CA SER A 96 10.51 -13.94 16.79
C SER A 96 10.80 -15.09 15.80
N LYS A 97 10.52 -14.84 14.49
CA LYS A 97 10.70 -15.81 13.42
C LYS A 97 12.11 -16.41 13.35
N THR A 98 12.14 -17.66 12.93
CA THR A 98 13.36 -18.40 12.67
C THR A 98 13.88 -17.96 11.32
N LEU A 99 15.16 -18.22 11.06
CA LEU A 99 15.82 -17.93 9.79
C LEU A 99 16.03 -19.27 9.10
N ALA A 100 15.66 -19.36 7.82
CA ALA A 100 15.86 -20.56 7.00
C ALA A 100 17.37 -20.78 6.79
N GLY A 101 17.86 -21.95 7.21
CA GLY A 101 19.26 -22.35 7.12
C GLY A 101 19.51 -23.69 6.46
N PRO A 102 20.82 -24.06 6.33
CA PRO A 102 21.20 -25.35 5.70
C PRO A 102 20.62 -26.60 6.35
N LYS A 103 20.65 -26.65 7.69
CA LYS A 103 20.15 -27.77 8.51
C LYS A 103 18.66 -27.57 8.87
N GLY A 104 18.07 -26.48 8.41
CA GLY A 104 16.67 -26.18 8.72
C GLY A 104 16.55 -24.86 9.45
N PRO A 105 15.40 -24.60 10.12
CA PRO A 105 15.22 -23.30 10.81
C PRO A 105 16.21 -22.97 11.92
N ILE A 106 16.85 -21.80 11.82
CA ILE A 106 17.74 -21.31 12.87
C ILE A 106 16.87 -20.43 13.80
N THR A 107 16.85 -20.76 15.08
CA THR A 107 16.12 -20.02 16.12
C THR A 107 16.93 -18.79 16.54
N GLN A 108 16.22 -17.67 16.85
CA GLN A 108 16.90 -16.44 17.28
C GLN A 108 17.72 -16.68 18.53
N MET A 109 18.94 -16.18 18.53
CA MET A 109 19.83 -16.27 19.67
C MET A 109 19.52 -15.08 20.57
N TYR A 110 19.17 -13.95 19.97
CA TYR A 110 18.91 -12.72 20.68
C TYR A 110 17.65 -12.08 20.13
N THR A 111 16.83 -11.57 21.02
CA THR A 111 15.58 -10.89 20.73
C THR A 111 15.44 -9.79 21.75
N ASN A 112 15.75 -8.57 21.35
CA ASN A 112 15.65 -7.43 22.24
C ASN A 112 14.66 -6.49 21.64
N VAL A 113 13.43 -6.59 22.12
CA VAL A 113 12.33 -5.74 21.69
C VAL A 113 12.57 -4.25 22.01
N ASP A 114 13.18 -3.92 23.15
CA ASP A 114 13.46 -2.52 23.55
C ASP A 114 14.39 -1.79 22.59
N GLN A 115 15.38 -2.51 22.04
CA GLN A 115 16.32 -1.97 21.05
C GLN A 115 15.81 -2.25 19.62
N ASP A 116 14.75 -3.10 19.43
CA ASP A 116 14.16 -3.50 18.13
C ASP A 116 15.15 -4.38 17.35
N LEU A 117 15.98 -5.11 18.08
CA LEU A 117 17.04 -5.90 17.50
C LEU A 117 16.89 -7.36 17.78
N VAL A 118 17.08 -8.15 16.75
CA VAL A 118 17.08 -9.59 16.85
C VAL A 118 18.30 -10.10 16.15
N GLY A 119 18.75 -11.26 16.56
CA GLY A 119 19.93 -11.88 15.97
C GLY A 119 19.90 -13.38 15.94
N TRP A 120 20.28 -13.97 14.79
CA TRP A 120 20.45 -15.41 14.58
C TRP A 120 21.93 -15.69 14.40
N GLN A 121 22.38 -16.89 14.77
CA GLN A 121 23.77 -17.33 14.57
C GLN A 121 24.00 -17.50 13.06
N ALA A 122 24.98 -16.78 12.51
CA ALA A 122 25.23 -16.84 11.07
C ALA A 122 25.65 -18.23 10.56
N PRO A 123 25.07 -18.66 9.41
CA PRO A 123 25.43 -19.99 8.85
C PRO A 123 26.94 -20.09 8.61
N PRO A 124 27.66 -21.04 9.34
CA PRO A 124 29.14 -21.09 9.29
C PRO A 124 29.82 -20.87 7.95
N GLY A 125 30.86 -20.02 7.99
CA GLY A 125 31.62 -19.58 6.84
C GLY A 125 31.30 -18.14 6.45
N ALA A 126 29.98 -17.76 6.45
CA ALA A 126 29.43 -16.43 6.10
C ALA A 126 30.27 -15.24 6.60
N ARG A 127 30.39 -14.19 5.76
CA ARG A 127 31.20 -13.01 6.09
C ARG A 127 30.51 -12.07 7.04
N SER A 128 31.31 -11.46 7.95
CA SER A 128 30.81 -10.52 8.95
C SER A 128 31.55 -9.22 8.85
N LEU A 129 30.88 -8.15 9.24
CA LEU A 129 31.42 -6.83 9.47
C LEU A 129 31.89 -6.85 10.93
N THR A 130 32.86 -6.01 11.23
CA THR A 130 33.40 -5.92 12.61
C THR A 130 33.10 -4.52 13.13
N PRO A 131 33.02 -4.31 14.46
CA PRO A 131 32.75 -2.95 14.98
C PRO A 131 33.84 -1.94 14.64
N CYS A 132 33.41 -0.69 14.40
CA CYS A 132 34.26 0.47 14.10
C CYS A 132 35.08 0.88 15.34
N THR A 133 36.36 1.20 15.11
CA THR A 133 37.29 1.63 16.16
C THR A 133 37.69 3.11 16.04
N CYS A 134 37.60 3.69 14.82
CA CYS A 134 38.06 5.06 14.51
C CYS A 134 37.30 6.21 15.21
N GLY A 135 36.06 5.95 15.63
CA GLY A 135 35.22 6.95 16.31
C GLY A 135 34.79 8.11 15.44
N SER A 136 34.76 7.89 14.11
CA SER A 136 34.35 8.87 13.09
C SER A 136 32.86 9.26 13.20
N SER A 137 32.54 10.52 12.78
CA SER A 137 31.17 11.02 12.75
C SER A 137 30.62 11.05 11.33
N ASP A 138 31.48 10.82 10.33
CA ASP A 138 31.10 10.73 8.92
C ASP A 138 30.71 9.28 8.65
N LEU A 139 29.41 9.03 8.54
CA LEU A 139 28.82 7.70 8.39
C LEU A 139 28.17 7.47 7.04
N TYR A 140 27.95 6.20 6.72
CA TYR A 140 27.40 5.80 5.44
C TYR A 140 26.35 4.73 5.62
N LEU A 141 25.11 5.06 5.28
CA LEU A 141 23.98 4.15 5.36
C LEU A 141 23.83 3.37 4.04
N VAL A 142 23.79 2.05 4.14
CA VAL A 142 23.62 1.16 3.00
C VAL A 142 22.13 0.83 2.88
N THR A 143 21.52 1.15 1.73
CA THR A 143 20.08 0.93 1.51
C THR A 143 19.82 -0.35 0.77
N ARG A 144 18.55 -0.79 0.70
CA ARG A 144 18.18 -2.01 -0.02
C ARG A 144 18.35 -1.87 -1.52
N HIS A 145 18.51 -0.63 -1.98
CA HIS A 145 18.74 -0.18 -3.36
C HIS A 145 20.20 -0.18 -3.71
N ALA A 146 21.03 -0.60 -2.72
CA ALA A 146 22.47 -0.65 -2.76
C ALA A 146 23.09 0.75 -2.92
N ASP A 147 22.41 1.77 -2.40
CA ASP A 147 22.94 3.12 -2.40
C ASP A 147 23.62 3.39 -1.08
N VAL A 148 24.71 4.15 -1.14
CA VAL A 148 25.51 4.50 0.03
C VAL A 148 25.21 5.96 0.35
N ILE A 149 24.44 6.18 1.44
CA ILE A 149 23.96 7.50 1.79
C ILE A 149 24.78 8.13 2.94
N PRO A 150 25.48 9.27 2.70
CA PRO A 150 26.24 9.90 3.79
C PRO A 150 25.34 10.41 4.93
N VAL A 151 25.77 10.12 6.18
CA VAL A 151 25.08 10.45 7.43
C VAL A 151 26.11 11.09 8.35
N ARG A 152 25.73 12.17 9.03
CA ARG A 152 26.60 12.76 10.02
C ARG A 152 26.05 12.34 11.39
N ARG A 153 26.90 11.67 12.22
CA ARG A 153 26.53 11.22 13.56
C ARG A 153 26.30 12.41 14.46
N ARG A 154 25.14 12.44 15.12
CA ARG A 154 24.78 13.52 16.04
C ARG A 154 24.67 13.07 17.50
N GLY A 155 24.52 11.77 17.71
CA GLY A 155 24.42 11.18 19.03
C GLY A 155 24.74 9.70 19.05
N ASP A 156 24.42 9.04 20.16
CA ASP A 156 24.70 7.61 20.34
C ASP A 156 24.00 6.79 19.29
N SER A 157 22.67 7.03 19.11
CA SER A 157 21.83 6.29 18.19
C SER A 157 21.25 7.18 17.07
N ARG A 158 21.80 8.38 16.88
CA ARG A 158 21.28 9.30 15.86
C ARG A 158 22.30 9.85 14.93
N GLY A 159 21.86 10.09 13.71
CA GLY A 159 22.66 10.66 12.64
C GLY A 159 21.77 11.40 11.67
N SER A 160 22.23 12.58 11.17
CA SER A 160 21.45 13.39 10.23
C SER A 160 21.86 13.15 8.79
N LEU A 161 20.87 13.05 7.91
CA LEU A 161 21.06 12.89 6.46
C LEU A 161 21.54 14.23 5.93
N LEU A 162 22.63 14.24 5.14
CA LEU A 162 23.21 15.46 4.55
C LEU A 162 22.20 16.17 3.60
N SER A 163 21.39 15.35 2.90
CA SER A 163 20.33 15.78 2.00
C SER A 163 19.07 14.97 2.30
N PRO A 164 17.99 15.65 2.77
CA PRO A 164 16.74 14.93 3.12
C PRO A 164 16.18 14.07 2.00
N ARG A 165 15.64 12.90 2.38
CA ARG A 165 15.07 11.90 1.46
C ARG A 165 13.63 11.67 1.81
N PRO A 166 12.73 11.45 0.85
CA PRO A 166 11.37 11.05 1.27
C PRO A 166 11.40 9.70 1.99
N VAL A 167 10.52 9.54 2.98
CA VAL A 167 10.37 8.34 3.77
C VAL A 167 10.36 7.04 2.95
N SER A 168 9.61 7.04 1.82
CA SER A 168 9.45 5.88 0.93
C SER A 168 10.77 5.39 0.35
N TYR A 169 11.76 6.27 0.26
CA TYR A 169 13.07 5.88 -0.24
C TYR A 169 13.79 4.91 0.72
N LEU A 170 13.60 5.11 2.04
CA LEU A 170 14.25 4.29 3.06
C LEU A 170 13.46 3.06 3.51
N LYS A 171 12.20 2.89 3.03
CA LYS A 171 11.44 1.70 3.40
C LYS A 171 12.15 0.47 2.87
N GLY A 172 12.18 -0.57 3.69
CA GLY A 172 12.83 -1.84 3.38
C GLY A 172 14.33 -1.84 3.63
N SER A 173 14.88 -0.78 4.26
CA SER A 173 16.32 -0.70 4.54
C SER A 173 16.67 -0.87 6.01
N SER A 174 15.64 -1.02 6.87
CA SER A 174 15.87 -1.29 8.29
C SER A 174 16.66 -2.59 8.40
N GLY A 175 17.57 -2.67 9.35
CA GLY A 175 18.42 -3.85 9.54
C GLY A 175 19.69 -3.76 8.72
N GLY A 176 19.81 -2.67 7.95
CA GLY A 176 20.95 -2.35 7.10
C GLY A 176 22.04 -1.68 7.92
N PRO A 177 23.31 -1.69 7.47
CA PRO A 177 24.37 -1.11 8.31
C PRO A 177 24.63 0.39 8.11
N LEU A 178 25.15 0.98 9.19
CA LEU A 178 25.64 2.35 9.23
C LEU A 178 27.15 2.12 9.27
N LEU A 179 27.82 2.47 8.18
CA LEU A 179 29.27 2.26 8.08
C LEU A 179 30.10 3.49 8.34
N CYS A 180 31.35 3.30 8.80
CA CYS A 180 32.31 4.40 9.01
C CYS A 180 33.10 4.53 7.68
N PRO A 181 33.98 5.54 7.46
CA PRO A 181 34.75 5.57 6.19
C PRO A 181 35.65 4.34 5.91
N SER A 182 35.99 3.59 6.96
CA SER A 182 36.88 2.43 6.89
C SER A 182 36.11 1.11 6.61
N GLY A 183 34.78 1.22 6.50
CA GLY A 183 33.91 0.10 6.20
C GLY A 183 33.53 -0.79 7.37
N HIS A 184 33.68 -0.30 8.59
CA HIS A 184 33.28 -1.04 9.80
C HIS A 184 31.88 -0.63 10.25
N ALA A 185 31.26 -1.47 11.10
CA ALA A 185 29.90 -1.26 11.59
C ALA A 185 29.83 -0.29 12.73
N VAL A 186 28.99 0.74 12.57
CA VAL A 186 28.75 1.75 13.61
C VAL A 186 27.40 1.42 14.35
N GLY A 187 26.44 0.93 13.59
CA GLY A 187 25.14 0.53 14.08
C GLY A 187 24.28 -0.10 12.99
N ILE A 188 23.05 -0.53 13.34
CA ILE A 188 22.06 -1.11 12.43
C ILE A 188 20.93 -0.11 12.28
N PHE A 189 20.54 0.23 11.04
CA PHE A 189 19.42 1.14 10.74
C PHE A 189 18.09 0.54 11.28
N ARG A 190 17.40 1.30 12.11
CA ARG A 190 16.20 0.89 12.83
C ARG A 190 14.93 1.72 12.43
N ALA A 191 15.04 3.05 12.50
CA ALA A 191 13.91 3.94 12.18
C ALA A 191 14.36 5.23 11.52
N ALA A 192 13.42 5.88 10.80
CA ALA A 192 13.64 7.17 10.15
C ALA A 192 13.09 8.32 11.00
N VAL A 193 13.89 9.34 11.22
CA VAL A 193 13.43 10.55 11.91
C VAL A 193 12.83 11.43 10.81
N CYS A 194 11.51 11.51 10.78
CA CYS A 194 10.81 12.23 9.72
C CYS A 194 9.73 13.22 10.15
N THR A 195 9.61 14.31 9.37
CA THR A 195 8.59 15.35 9.51
C THR A 195 7.80 15.43 8.20
N ARG A 196 6.48 15.31 8.28
CA ARG A 196 5.53 15.39 7.16
C ARG A 196 5.93 14.53 5.93
N GLY A 197 6.47 13.33 6.23
CA GLY A 197 6.88 12.35 5.22
C GLY A 197 8.24 12.56 4.59
N VAL A 198 9.07 13.44 5.17
CA VAL A 198 10.42 13.73 4.70
C VAL A 198 11.37 13.27 5.78
N ALA A 199 12.29 12.35 5.46
CA ALA A 199 13.27 11.85 6.41
C ALA A 199 14.47 12.79 6.40
N LYS A 200 14.82 13.33 7.56
CA LYS A 200 15.92 14.28 7.72
C LYS A 200 17.05 13.71 8.62
N ALA A 201 16.76 12.61 9.32
CA ALA A 201 17.72 11.91 10.18
C ALA A 201 17.38 10.44 10.29
N VAL A 202 18.34 9.64 10.79
CA VAL A 202 18.20 8.18 10.96
C VAL A 202 18.45 7.77 12.41
N ASP A 203 17.62 6.85 12.91
CA ASP A 203 17.80 6.30 14.24
C ASP A 203 18.38 4.87 14.05
N PHE A 204 19.45 4.57 14.76
CA PHE A 204 20.12 3.28 14.62
C PHE A 204 20.46 2.60 15.94
N VAL A 205 20.56 1.28 15.95
CA VAL A 205 21.00 0.57 17.17
C VAL A 205 22.55 0.67 17.17
N PRO A 206 23.24 1.29 18.16
CA PRO A 206 24.73 1.29 18.11
C PRO A 206 25.35 -0.11 18.20
N VAL A 207 26.49 -0.34 17.51
CA VAL A 207 27.23 -1.62 17.49
C VAL A 207 27.69 -2.03 18.89
N GLU A 208 27.94 -1.04 19.77
CA GLU A 208 28.35 -1.35 21.13
C GLU A 208 27.23 -1.98 21.93
N SER A 209 25.97 -1.77 21.50
CA SER A 209 24.82 -2.41 22.14
C SER A 209 24.71 -3.90 21.83
N MET A 210 25.09 -4.27 20.62
CA MET A 210 25.15 -5.64 20.15
C MET A 210 26.34 -6.35 20.83
N GLU A 211 27.43 -5.59 21.09
CA GLU A 211 28.63 -6.08 21.77
C GLU A 211 28.29 -6.38 23.24
N THR A 212 27.42 -5.58 23.86
CA THR A 212 26.96 -5.84 25.22
C THR A 212 26.08 -7.10 25.22
N THR A 213 25.06 -7.14 24.32
CA THR A 213 24.18 -8.30 24.14
C THR A 213 24.97 -9.60 23.97
N MET A 214 25.96 -9.62 23.09
CA MET A 214 26.77 -10.80 22.83
C MET A 214 27.66 -11.27 23.96
N ARG A 215 27.89 -10.38 24.97
CA ARG A 215 28.72 -10.63 26.16
C ARG A 215 27.91 -11.17 27.34
N SER A 216 26.60 -10.89 27.36
CA SER A 216 25.63 -11.17 28.45
C SER A 216 24.88 -12.54 28.38
N PRO A 217 24.17 -12.92 29.47
CA PRO A 217 23.39 -14.18 29.45
C PRO A 217 22.24 -14.18 28.43
N VAL A 218 22.15 -15.25 27.63
CA VAL A 218 21.14 -15.50 26.60
C VAL A 218 19.74 -15.74 27.18
N PHE A 219 19.66 -16.53 28.25
CA PHE A 219 18.44 -16.88 28.94
C PHE A 219 18.43 -16.12 30.27
N THR A 220 17.26 -15.72 30.72
CA THR A 220 17.08 -15.02 31.99
C THR A 220 15.94 -15.73 32.71
N ASP A 221 15.93 -15.72 34.06
CA ASP A 221 14.84 -16.35 34.80
C ASP A 221 13.84 -15.40 35.50
N ASN A 222 12.56 -15.53 35.11
CA ASN A 222 11.45 -14.76 35.67
C ASN A 222 10.21 -15.68 35.76
N SER A 223 10.40 -16.95 36.18
CA SER A 223 9.31 -17.93 36.26
C SER A 223 8.77 -18.00 37.67
N SER A 224 9.58 -17.57 38.64
CA SER A 224 9.23 -17.59 40.06
C SER A 224 9.13 -16.15 40.58
N PRO A 225 8.18 -15.85 41.50
CA PRO A 225 8.05 -14.47 42.00
C PRO A 225 9.29 -13.95 42.72
N PRO A 226 9.61 -12.66 42.57
CA PRO A 226 10.81 -12.12 43.24
C PRO A 226 10.65 -11.97 44.74
N ALA A 227 11.76 -12.06 45.49
CA ALA A 227 11.73 -11.87 46.93
C ALA A 227 11.63 -10.35 47.15
N VAL A 228 10.92 -9.91 48.21
CA VAL A 228 10.74 -8.47 48.49
C VAL A 228 12.06 -7.82 48.90
N PRO A 229 12.63 -6.90 48.09
CA PRO A 229 13.91 -6.28 48.48
C PRO A 229 13.70 -5.17 49.52
N GLN A 230 14.80 -4.54 49.99
CA GLN A 230 14.67 -3.46 50.95
C GLN A 230 14.48 -2.13 50.23
N SER A 231 15.27 -1.89 49.17
CA SER A 231 15.15 -0.70 48.33
C SER A 231 14.01 -0.96 47.33
N PHE A 232 13.42 0.11 46.76
CA PHE A 232 12.39 -0.02 45.73
C PHE A 232 13.00 -0.68 44.49
N GLN A 233 12.21 -1.56 43.85
CA GLN A 233 12.63 -2.31 42.67
C GLN A 233 11.42 -2.69 41.78
N VAL A 234 11.66 -2.80 40.45
CA VAL A 234 10.68 -3.22 39.45
C VAL A 234 11.10 -4.58 38.93
N ALA A 235 10.28 -5.60 39.18
CA ALA A 235 10.58 -6.97 38.77
C ALA A 235 9.62 -7.49 37.74
N HIS A 236 10.11 -8.46 36.95
CA HIS A 236 9.31 -9.13 35.95
C HIS A 236 8.92 -10.52 36.40
N LEU A 237 7.68 -10.92 36.13
CA LEU A 237 7.22 -12.27 36.44
C LEU A 237 6.61 -12.87 35.19
N HIS A 238 7.33 -13.81 34.56
CA HIS A 238 6.89 -14.48 33.34
C HIS A 238 6.54 -15.92 33.64
N ALA A 239 5.29 -16.14 34.06
CA ALA A 239 4.82 -17.45 34.46
C ALA A 239 3.53 -17.79 33.75
N PRO A 240 3.22 -19.10 33.52
CA PRO A 240 2.00 -19.43 32.77
C PRO A 240 0.69 -19.09 33.48
N THR A 241 -0.42 -19.03 32.73
CA THR A 241 -1.75 -18.82 33.30
C THR A 241 -2.09 -20.24 33.78
N GLY A 242 -1.91 -20.44 35.06
CA GLY A 242 -2.02 -21.74 35.72
C GLY A 242 -0.97 -21.84 36.81
N SER A 243 -0.21 -20.74 37.00
CA SER A 243 0.81 -20.50 38.04
C SER A 243 0.16 -19.69 39.17
N GLY A 244 -0.99 -19.09 38.87
CA GLY A 244 -1.75 -18.27 39.80
C GLY A 244 -1.01 -17.00 40.16
N LYS A 245 -0.63 -16.23 39.12
CA LYS A 245 0.10 -14.95 39.25
C LYS A 245 -0.79 -13.97 39.99
N SER A 246 -2.11 -14.11 39.84
CA SER A 246 -3.14 -13.28 40.46
C SER A 246 -3.73 -13.89 41.74
N THR A 247 -3.54 -15.21 41.98
CA THR A 247 -4.07 -15.89 43.17
C THR A 247 -2.98 -16.39 44.13
N LYS A 248 -2.27 -17.46 43.74
CA LYS A 248 -1.19 -18.05 44.53
C LYS A 248 -0.13 -17.02 44.96
N VAL A 249 0.43 -16.24 43.99
CA VAL A 249 1.47 -15.22 44.21
C VAL A 249 1.09 -14.12 45.24
N PRO A 250 -0.05 -13.41 45.08
CA PRO A 250 -0.41 -12.40 46.09
C PRO A 250 -0.66 -13.06 47.44
N ALA A 251 -1.32 -14.27 47.45
CA ALA A 251 -1.61 -15.04 48.67
C ALA A 251 -0.33 -15.32 49.43
N ALA A 252 0.68 -15.83 48.69
CA ALA A 252 2.02 -16.17 49.16
C ALA A 252 2.71 -14.99 49.83
N TYR A 253 2.72 -13.83 49.18
CA TYR A 253 3.30 -12.58 49.69
C TYR A 253 2.56 -12.12 50.95
N ALA A 254 1.22 -12.25 50.94
CA ALA A 254 0.37 -11.83 52.04
C ALA A 254 0.62 -12.71 53.26
N ALA A 255 0.81 -14.03 53.03
CA ALA A 255 1.12 -15.01 54.07
C ALA A 255 2.43 -14.62 54.77
N GLN A 256 3.34 -13.96 54.01
CA GLN A 256 4.63 -13.43 54.44
C GLN A 256 4.46 -12.10 55.22
N GLY A 257 3.20 -11.66 55.36
CA GLY A 257 2.81 -10.45 56.09
C GLY A 257 3.05 -9.14 55.36
N TYR A 258 2.58 -9.05 54.09
CA TYR A 258 2.77 -7.84 53.27
C TYR A 258 1.48 -7.22 52.73
N LYS A 259 1.49 -5.88 52.48
CA LYS A 259 0.34 -5.17 51.90
C LYS A 259 0.49 -5.24 50.36
N VAL A 260 -0.44 -5.95 49.70
CA VAL A 260 -0.41 -6.19 48.25
C VAL A 260 -1.66 -5.64 47.49
N LEU A 261 -1.40 -4.92 46.39
CA LEU A 261 -2.39 -4.43 45.44
C LEU A 261 -2.18 -5.24 44.19
N VAL A 262 -3.27 -5.79 43.63
CA VAL A 262 -3.26 -6.65 42.44
C VAL A 262 -4.14 -5.99 41.41
N LEU A 263 -3.55 -5.58 40.29
CA LEU A 263 -4.26 -4.88 39.22
C LEU A 263 -4.47 -5.75 38.01
N ASN A 264 -5.63 -5.60 37.35
CA ASN A 264 -6.01 -6.38 36.17
C ASN A 264 -6.82 -5.53 35.22
N PRO A 265 -6.77 -5.80 33.89
CA PRO A 265 -7.64 -5.05 32.96
C PRO A 265 -9.15 -5.33 33.07
N SER A 266 -9.55 -6.57 33.43
CA SER A 266 -10.93 -7.05 33.47
C SER A 266 -11.61 -6.93 34.85
N VAL A 267 -12.87 -6.48 34.88
CA VAL A 267 -13.68 -6.42 36.10
C VAL A 267 -13.99 -7.87 36.53
N ALA A 268 -14.43 -8.70 35.56
CA ALA A 268 -14.76 -10.11 35.77
C ALA A 268 -13.61 -10.87 36.42
N ALA A 269 -12.38 -10.67 35.89
CA ALA A 269 -11.15 -11.30 36.41
C ALA A 269 -10.93 -10.87 37.85
N THR A 270 -10.96 -9.54 38.14
CA THR A 270 -10.80 -8.88 39.45
C THR A 270 -11.75 -9.48 40.51
N LEU A 271 -13.08 -9.45 40.25
CA LEU A 271 -14.13 -9.97 41.15
C LEU A 271 -13.95 -11.48 41.38
N GLY A 272 -13.72 -12.23 40.30
CA GLY A 272 -13.51 -13.67 40.32
C GLY A 272 -12.33 -14.12 41.16
N PHE A 273 -11.24 -13.33 41.16
CA PHE A 273 -10.04 -13.64 41.93
C PHE A 273 -10.25 -13.36 43.37
N GLY A 274 -11.16 -12.43 43.66
CA GLY A 274 -11.54 -12.09 45.03
C GLY A 274 -12.42 -13.18 45.60
N ALA A 275 -13.31 -13.71 44.72
CA ALA A 275 -14.26 -14.79 44.99
C ALA A 275 -13.51 -16.09 45.17
N TYR A 276 -12.40 -16.24 44.43
CA TYR A 276 -11.54 -17.41 44.55
C TYR A 276 -10.79 -17.34 45.88
N MET A 277 -10.21 -16.18 46.23
CA MET A 277 -9.47 -16.02 47.47
C MET A 277 -10.32 -16.22 48.73
N SER A 278 -11.63 -15.90 48.67
CA SER A 278 -12.53 -16.09 49.81
C SER A 278 -12.77 -17.58 50.01
N LYS A 279 -13.24 -18.28 48.96
CA LYS A 279 -13.53 -19.71 48.99
C LYS A 279 -12.28 -20.57 49.19
N ALA A 280 -11.22 -20.35 48.39
CA ALA A 280 -9.98 -21.14 48.46
C ALA A 280 -8.98 -20.83 49.59
N HIS A 281 -8.41 -19.61 49.62
CA HIS A 281 -7.38 -19.22 50.61
C HIS A 281 -7.90 -18.66 51.94
N GLY A 282 -9.23 -18.62 52.09
CA GLY A 282 -9.91 -18.16 53.30
C GLY A 282 -9.70 -16.71 53.70
N ILE A 283 -9.29 -15.86 52.75
CA ILE A 283 -9.06 -14.42 52.96
C ILE A 283 -10.14 -13.66 52.18
N ASP A 284 -10.80 -12.68 52.82
CA ASP A 284 -11.83 -11.85 52.22
C ASP A 284 -11.10 -10.56 51.79
N PRO A 285 -10.69 -10.43 50.51
CA PRO A 285 -9.89 -9.25 50.13
C PRO A 285 -10.72 -8.00 49.87
N ASN A 286 -10.03 -6.85 49.82
CA ASN A 286 -10.65 -5.58 49.45
C ASN A 286 -10.81 -5.62 47.92
N ILE A 287 -12.00 -5.29 47.44
CA ILE A 287 -12.28 -5.33 46.01
C ILE A 287 -12.52 -3.94 45.53
N ARG A 288 -11.88 -3.54 44.44
CA ARG A 288 -12.11 -2.21 43.89
C ARG A 288 -12.35 -2.23 42.41
N THR A 289 -13.62 -2.13 42.01
CA THR A 289 -14.07 -2.04 40.62
C THR A 289 -15.13 -0.93 40.62
N GLY A 290 -15.48 -0.42 39.43
CA GLY A 290 -16.50 0.61 39.29
C GLY A 290 -17.88 0.07 39.62
N VAL A 291 -18.09 -1.21 39.35
CA VAL A 291 -19.34 -1.93 39.60
C VAL A 291 -19.50 -2.24 41.09
N ARG A 292 -18.46 -2.78 41.71
CA ARG A 292 -18.47 -3.24 43.10
C ARG A 292 -17.17 -2.91 43.83
N THR A 293 -17.30 -2.24 44.98
CA THR A 293 -16.18 -1.90 45.87
C THR A 293 -16.49 -2.48 47.24
N ILE A 294 -15.56 -3.21 47.79
CA ILE A 294 -15.71 -3.80 49.13
C ILE A 294 -14.43 -3.44 49.92
N THR A 295 -14.59 -2.98 51.18
CA THR A 295 -13.45 -2.64 52.04
C THR A 295 -13.57 -3.43 53.32
N THR A 296 -12.69 -4.42 53.48
CA THR A 296 -12.64 -5.34 54.61
C THR A 296 -11.48 -5.00 55.55
N GLY A 297 -10.47 -4.33 55.00
CA GLY A 297 -9.24 -4.01 55.71
C GLY A 297 -8.24 -5.15 55.64
N ALA A 298 -8.38 -6.07 54.66
CA ALA A 298 -7.49 -7.23 54.47
C ALA A 298 -6.12 -6.79 53.92
N PRO A 299 -5.06 -7.63 53.93
CA PRO A 299 -3.77 -7.19 53.38
C PRO A 299 -3.67 -7.29 51.85
N VAL A 300 -4.73 -7.81 51.20
CA VAL A 300 -4.79 -7.96 49.73
C VAL A 300 -5.94 -7.16 49.16
N THR A 301 -5.65 -6.39 48.10
CA THR A 301 -6.64 -5.62 47.35
C THR A 301 -6.58 -6.03 45.88
N TYR A 302 -7.73 -6.40 45.30
CA TYR A 302 -7.92 -6.74 43.90
C TYR A 302 -8.68 -5.54 43.24
N SER A 303 -8.01 -4.80 42.29
CA SER A 303 -8.56 -3.63 41.61
C SER A 303 -8.33 -3.73 40.12
N THR A 304 -9.16 -3.04 39.33
CA THR A 304 -8.94 -2.93 37.90
C THR A 304 -7.97 -1.73 37.72
N TYR A 305 -7.34 -1.59 36.53
CA TYR A 305 -6.47 -0.45 36.26
C TYR A 305 -7.29 0.84 36.20
N GLY A 306 -8.51 0.75 35.68
CA GLY A 306 -9.44 1.86 35.55
C GLY A 306 -9.83 2.44 36.89
N LYS A 307 -10.23 1.56 37.83
CA LYS A 307 -10.62 1.99 39.18
C LYS A 307 -9.42 2.64 39.89
N PHE A 308 -8.23 2.08 39.70
CA PHE A 308 -6.99 2.57 40.28
C PHE A 308 -6.73 4.00 39.77
N LEU A 309 -6.95 4.24 38.46
CA LEU A 309 -6.78 5.54 37.80
C LEU A 309 -7.85 6.52 38.29
N ALA A 310 -9.09 6.03 38.44
CA ALA A 310 -10.25 6.79 38.95
C ALA A 310 -9.99 7.27 40.36
N ASP A 311 -9.40 6.39 41.20
CA ASP A 311 -9.04 6.63 42.59
C ASP A 311 -7.94 7.66 42.75
N GLY A 312 -7.25 8.00 41.66
CA GLY A 312 -6.14 8.95 41.68
C GLY A 312 -4.76 8.31 41.72
N GLY A 313 -4.73 6.98 41.54
CA GLY A 313 -3.49 6.20 41.55
C GLY A 313 -3.02 5.90 42.93
N CYS A 314 -1.70 5.96 43.14
CA CYS A 314 -1.06 5.68 44.41
C CYS A 314 -1.26 6.76 45.45
N SER A 315 -1.61 6.31 46.65
CA SER A 315 -1.73 7.12 47.85
C SER A 315 -0.61 6.59 48.73
N GLY A 316 0.02 7.49 49.49
CA GLY A 316 1.14 7.17 50.35
C GLY A 316 0.90 6.02 51.33
N GLY A 317 1.98 5.25 51.55
CA GLY A 317 2.06 4.10 52.46
C GLY A 317 0.92 3.11 52.46
N ALA A 318 0.19 2.99 51.34
CA ALA A 318 -0.95 2.10 51.23
C ALA A 318 -0.53 0.64 50.96
N TYR A 319 0.44 0.42 50.05
CA TYR A 319 0.89 -0.93 49.69
C TYR A 319 2.39 -1.10 49.70
N ASP A 320 2.84 -2.36 49.89
CA ASP A 320 4.26 -2.74 49.87
C ASP A 320 4.60 -3.30 48.51
N ILE A 321 3.74 -4.19 47.99
CA ILE A 321 3.89 -4.82 46.67
C ILE A 321 2.68 -4.50 45.76
N ILE A 322 2.96 -4.00 44.54
CA ILE A 322 1.92 -3.79 43.55
C ILE A 322 2.19 -4.78 42.42
N ILE A 323 1.22 -5.65 42.15
CA ILE A 323 1.31 -6.60 41.07
C ILE A 323 0.46 -6.10 39.90
N CYS A 324 1.11 -5.86 38.77
CA CYS A 324 0.49 -5.43 37.54
C CYS A 324 0.29 -6.65 36.67
N ASP A 325 -0.86 -7.31 36.83
CA ASP A 325 -1.15 -8.53 36.08
C ASP A 325 -1.54 -8.18 34.65
N GLU A 326 -1.32 -9.13 33.73
CA GLU A 326 -1.58 -9.00 32.30
C GLU A 326 -0.91 -7.73 31.77
N CYS A 327 0.38 -7.56 32.12
CA CYS A 327 1.14 -6.37 31.74
C CYS A 327 1.55 -6.31 30.28
N HIS A 328 1.17 -7.34 29.51
CA HIS A 328 1.35 -7.43 28.06
C HIS A 328 0.23 -6.66 27.36
N SER A 329 -0.92 -6.38 28.07
CA SER A 329 -2.12 -5.67 27.58
C SER A 329 -1.83 -4.31 27.05
N THR A 330 -2.17 -4.08 25.78
CA THR A 330 -1.92 -2.78 25.17
C THR A 330 -3.15 -1.90 25.11
N ASP A 331 -4.09 -2.09 26.04
CA ASP A 331 -5.22 -1.18 26.06
C ASP A 331 -4.76 0.09 26.80
N SER A 332 -5.33 1.25 26.42
CA SER A 332 -4.94 2.54 27.00
C SER A 332 -5.03 2.60 28.53
N THR A 333 -5.95 1.85 29.12
CA THR A 333 -6.15 1.85 30.57
C THR A 333 -5.00 1.19 31.28
N THR A 334 -4.54 0.03 30.74
CA THR A 334 -3.44 -0.75 31.28
C THR A 334 -2.14 0.04 31.17
N ILE A 335 -1.90 0.64 29.99
CA ILE A 335 -0.70 1.45 29.75
C ILE A 335 -0.67 2.63 30.72
N LEU A 336 -1.79 3.32 30.83
CA LEU A 336 -1.89 4.46 31.73
C LEU A 336 -1.82 4.05 33.22
N GLY A 337 -2.37 2.88 33.53
CA GLY A 337 -2.37 2.30 34.86
C GLY A 337 -0.98 1.88 35.28
N ILE A 338 -0.28 1.12 34.42
CA ILE A 338 1.08 0.66 34.69
C ILE A 338 2.02 1.88 34.78
N GLY A 339 1.87 2.81 33.85
CA GLY A 339 2.63 4.06 33.84
C GLY A 339 2.50 4.84 35.13
N THR A 340 1.25 4.89 35.68
CA THR A 340 0.93 5.54 36.95
C THR A 340 1.66 4.85 38.07
N VAL A 341 1.58 3.50 38.13
CA VAL A 341 2.27 2.69 39.14
C VAL A 341 3.78 2.98 39.09
N LEU A 342 4.39 2.95 37.90
CA LEU A 342 5.83 3.18 37.70
C LEU A 342 6.33 4.58 38.05
N ASP A 343 5.45 5.56 37.98
CA ASP A 343 5.78 6.94 38.32
C ASP A 343 5.57 7.22 39.83
N GLN A 344 4.54 6.62 40.44
CA GLN A 344 4.14 6.88 41.82
C GLN A 344 4.61 5.93 42.91
N ALA A 345 4.78 4.63 42.60
CA ALA A 345 5.10 3.59 43.57
C ALA A 345 6.26 3.83 44.55
N GLU A 346 7.45 4.22 44.06
CA GLU A 346 8.61 4.48 44.93
C GLU A 346 8.24 5.53 46.00
N THR A 347 7.68 6.67 45.54
CA THR A 347 7.23 7.80 46.36
C THR A 347 6.20 7.40 47.42
N ALA A 348 5.17 6.64 47.05
CA ALA A 348 4.12 6.20 47.97
C ALA A 348 4.57 5.07 48.97
N GLY A 349 5.88 4.78 48.99
CA GLY A 349 6.48 3.81 49.89
C GLY A 349 6.40 2.34 49.55
N ALA A 350 6.12 2.01 48.28
CA ALA A 350 6.04 0.62 47.83
C ALA A 350 7.48 0.13 47.65
N ARG A 351 7.74 -1.15 47.96
CA ARG A 351 9.08 -1.70 47.86
C ARG A 351 9.30 -2.56 46.62
N LEU A 352 8.19 -3.06 46.03
CA LEU A 352 8.25 -3.91 44.84
C LEU A 352 7.08 -3.72 43.88
N VAL A 353 7.38 -3.59 42.57
CA VAL A 353 6.40 -3.54 41.48
C VAL A 353 6.67 -4.79 40.66
N VAL A 354 5.65 -5.65 40.49
CA VAL A 354 5.78 -6.89 39.73
C VAL A 354 4.97 -6.84 38.44
N LEU A 355 5.68 -6.71 37.30
CA LEU A 355 5.06 -6.73 36.00
C LEU A 355 4.88 -8.21 35.63
N ALA A 356 3.66 -8.72 35.80
CA ALA A 356 3.31 -10.13 35.54
C ALA A 356 2.56 -10.35 34.25
N THR A 357 2.94 -11.41 33.54
CA THR A 357 2.36 -11.82 32.25
C THR A 357 2.76 -13.26 31.89
N ALA A 358 1.90 -13.92 31.08
CA ALA A 358 2.13 -15.27 30.54
C ALA A 358 2.83 -15.11 29.19
N THR A 359 2.56 -13.98 28.52
CA THR A 359 3.07 -13.66 27.17
C THR A 359 3.89 -12.37 27.11
N PRO A 360 5.16 -12.38 27.59
CA PRO A 360 5.98 -11.14 27.52
C PRO A 360 6.30 -10.69 26.07
N PRO A 361 6.79 -9.44 25.77
CA PRO A 361 7.06 -9.09 24.35
C PRO A 361 8.11 -10.01 23.74
N GLY A 362 7.87 -10.47 22.53
CA GLY A 362 8.78 -11.38 21.83
C GLY A 362 8.46 -12.84 22.06
N SER A 363 7.31 -13.11 22.70
CA SER A 363 6.77 -14.43 22.95
C SER A 363 6.47 -15.17 21.66
N VAL A 364 6.71 -16.48 21.67
CA VAL A 364 6.37 -17.41 20.60
C VAL A 364 5.39 -18.46 21.19
N THR A 365 4.20 -18.60 20.58
CA THR A 365 3.23 -19.58 21.09
C THR A 365 3.79 -20.99 20.94
N VAL A 366 3.76 -21.72 22.04
CA VAL A 366 4.25 -23.08 22.13
C VAL A 366 3.06 -24.01 22.39
N PRO A 367 3.17 -25.32 22.08
CA PRO A 367 2.03 -26.22 22.33
C PRO A 367 1.62 -26.27 23.79
N HIS A 368 0.33 -26.53 24.04
CA HIS A 368 -0.19 -26.68 25.39
C HIS A 368 -0.51 -28.17 25.58
N PRO A 369 -0.02 -28.80 26.68
CA PRO A 369 -0.24 -30.25 26.88
C PRO A 369 -1.68 -30.74 26.89
N ASN A 370 -2.62 -29.91 27.35
CA ASN A 370 -4.04 -30.25 27.42
C ASN A 370 -4.83 -29.85 26.17
N ILE A 371 -4.21 -29.10 25.22
CA ILE A 371 -4.90 -28.61 24.05
C ILE A 371 -4.48 -29.22 22.72
N GLU A 372 -5.41 -29.96 22.09
CA GLU A 372 -5.23 -30.52 20.76
C GLU A 372 -5.61 -29.41 19.73
N GLU A 373 -4.66 -29.10 18.84
CA GLU A 373 -4.78 -28.08 17.80
C GLU A 373 -5.04 -28.70 16.44
N VAL A 374 -6.19 -28.37 15.83
CA VAL A 374 -6.62 -28.94 14.55
C VAL A 374 -6.94 -27.84 13.57
N ALA A 375 -6.19 -27.78 12.47
CA ALA A 375 -6.42 -26.81 11.41
C ALA A 375 -7.80 -27.02 10.79
N LEU A 376 -8.53 -25.93 10.59
CA LEU A 376 -9.84 -25.94 9.94
C LEU A 376 -9.64 -26.16 8.43
N SER A 377 -10.46 -27.04 7.84
CA SER A 377 -10.41 -27.35 6.41
C SER A 377 -11.71 -26.89 5.75
N ASN A 378 -11.92 -27.23 4.45
CA ASN A 378 -13.13 -26.84 3.73
C ASN A 378 -14.22 -27.90 3.83
N THR A 379 -13.91 -28.97 4.57
CA THR A 379 -14.84 -30.06 4.86
C THR A 379 -15.66 -29.60 6.09
N GLY A 380 -16.89 -29.20 5.86
CA GLY A 380 -17.78 -28.77 6.92
C GLY A 380 -19.06 -28.16 6.41
N GLU A 381 -20.09 -28.08 7.25
CA GLU A 381 -21.39 -27.54 6.86
C GLU A 381 -21.55 -26.08 7.21
N ILE A 382 -20.64 -25.53 8.03
CA ILE A 382 -20.70 -24.13 8.46
C ILE A 382 -19.56 -23.30 7.86
N PRO A 383 -19.85 -22.35 6.94
CA PRO A 383 -18.78 -21.49 6.41
C PRO A 383 -18.19 -20.61 7.51
N PHE A 384 -16.86 -20.53 7.56
CA PHE A 384 -16.16 -19.76 8.55
C PHE A 384 -14.84 -19.30 7.99
N TYR A 385 -14.74 -18.00 7.71
CA TYR A 385 -13.53 -17.33 7.21
C TYR A 385 -12.81 -17.99 6.04
N GLY A 386 -13.59 -18.43 5.04
CA GLY A 386 -13.07 -19.09 3.85
C GLY A 386 -12.90 -20.58 4.02
N LYS A 387 -12.92 -21.04 5.28
CA LYS A 387 -12.84 -22.44 5.67
C LYS A 387 -14.25 -22.89 6.10
N ALA A 388 -14.34 -24.05 6.78
CA ALA A 388 -15.59 -24.59 7.22
C ALA A 388 -15.51 -25.25 8.58
N ILE A 389 -16.63 -25.23 9.32
CA ILE A 389 -16.75 -25.88 10.61
C ILE A 389 -17.69 -27.06 10.45
N PRO A 390 -17.25 -28.30 10.76
CA PRO A 390 -18.20 -29.44 10.71
C PRO A 390 -19.20 -29.28 11.85
N ILE A 391 -20.49 -29.59 11.60
CA ILE A 391 -21.55 -29.48 12.63
C ILE A 391 -21.27 -30.35 13.89
N GLU A 392 -20.58 -31.50 13.71
CA GLU A 392 -20.21 -32.45 14.77
C GLU A 392 -19.26 -31.87 15.80
N ALA A 393 -18.38 -30.96 15.38
CA ALA A 393 -17.40 -30.28 16.24
C ALA A 393 -18.05 -29.35 17.29
N ILE A 394 -19.29 -28.87 17.01
CA ILE A 394 -20.02 -27.93 17.86
C ILE A 394 -21.40 -28.37 18.38
N ARG A 395 -22.00 -29.42 17.79
CA ARG A 395 -23.32 -29.94 18.20
C ARG A 395 -23.17 -30.67 19.53
N GLY A 396 -23.70 -30.06 20.60
CA GLY A 396 -23.56 -30.55 21.96
C GLY A 396 -22.21 -30.15 22.53
N GLY A 397 -22.23 -29.73 23.79
CA GLY A 397 -21.04 -29.27 24.51
C GLY A 397 -20.98 -27.75 24.53
N ARG A 398 -20.02 -27.18 25.28
CA ARG A 398 -19.87 -25.72 25.35
C ARG A 398 -18.68 -25.27 24.48
N HIS A 399 -18.96 -24.47 23.45
CA HIS A 399 -17.96 -24.00 22.49
C HIS A 399 -17.92 -22.51 22.33
N LEU A 400 -16.72 -21.99 22.08
CA LEU A 400 -16.48 -20.57 21.86
C LEU A 400 -15.88 -20.37 20.48
N ILE A 401 -16.51 -19.54 19.68
CA ILE A 401 -16.05 -19.18 18.34
C ILE A 401 -15.68 -17.72 18.34
N PHE A 402 -14.41 -17.40 17.98
CA PHE A 402 -13.94 -16.03 17.89
C PHE A 402 -14.06 -15.48 16.51
N CYS A 403 -14.76 -14.35 16.42
CA CYS A 403 -14.94 -13.56 15.22
C CYS A 403 -14.28 -12.20 15.44
N HIS A 404 -13.83 -11.55 14.35
CA HIS A 404 -13.12 -10.26 14.43
C HIS A 404 -14.06 -9.07 14.66
N SER A 405 -15.36 -9.21 14.33
CA SER A 405 -16.36 -8.15 14.42
C SER A 405 -17.75 -8.58 14.88
N LYS A 406 -18.50 -7.60 15.47
CA LYS A 406 -19.90 -7.72 15.92
C LYS A 406 -20.77 -8.22 14.74
N LYS A 407 -20.52 -7.71 13.50
CA LYS A 407 -21.26 -8.11 12.28
C LYS A 407 -21.18 -9.62 12.06
N LYS A 408 -19.94 -10.18 12.04
CA LYS A 408 -19.63 -11.60 11.87
C LYS A 408 -20.31 -12.45 12.95
N CYS A 409 -20.27 -11.99 14.22
CA CYS A 409 -20.91 -12.66 15.37
C CYS A 409 -22.40 -12.85 15.13
N ASP A 410 -23.10 -11.78 14.72
CA ASP A 410 -24.54 -11.80 14.42
C ASP A 410 -24.86 -12.80 13.34
N GLU A 411 -24.12 -12.75 12.21
CA GLU A 411 -24.29 -13.65 11.08
C GLU A 411 -24.07 -15.11 11.46
N LEU A 412 -22.95 -15.41 12.17
CA LEU A 412 -22.64 -16.78 12.58
C LEU A 412 -23.62 -17.35 13.59
N ALA A 413 -23.99 -16.57 14.65
CA ALA A 413 -25.00 -16.99 15.63
C ALA A 413 -26.36 -17.20 14.98
N ALA A 414 -26.71 -16.43 13.91
CA ALA A 414 -27.98 -16.62 13.20
C ALA A 414 -27.98 -17.89 12.33
N LYS A 415 -26.85 -18.16 11.64
CA LYS A 415 -26.65 -19.33 10.77
C LYS A 415 -26.78 -20.61 11.63
N LEU A 416 -26.12 -20.61 12.83
CA LEU A 416 -26.11 -21.71 13.80
C LEU A 416 -27.46 -21.94 14.44
N SER A 417 -28.21 -20.84 14.74
CA SER A 417 -29.55 -20.94 15.30
C SER A 417 -30.53 -21.56 14.29
N GLY A 418 -30.27 -21.31 13.00
CA GLY A 418 -31.05 -21.89 11.91
C GLY A 418 -30.83 -23.39 11.80
N LEU A 419 -29.64 -23.85 12.21
CA LEU A 419 -29.26 -25.27 12.21
C LEU A 419 -29.59 -25.97 13.55
N GLY A 420 -30.44 -25.31 14.35
CA GLY A 420 -30.87 -25.83 15.66
C GLY A 420 -29.81 -25.84 16.74
N ILE A 421 -28.67 -25.14 16.53
CA ILE A 421 -27.57 -25.08 17.50
C ILE A 421 -27.79 -23.90 18.44
N ASN A 422 -27.73 -24.14 19.77
CA ASN A 422 -27.95 -23.08 20.76
C ASN A 422 -26.80 -22.09 20.73
N ALA A 423 -26.93 -21.10 19.84
CA ALA A 423 -25.90 -20.09 19.60
C ALA A 423 -26.22 -18.72 20.17
N VAL A 424 -25.21 -18.07 20.70
CA VAL A 424 -25.31 -16.76 21.33
C VAL A 424 -24.11 -15.90 20.88
N ALA A 425 -24.40 -14.65 20.47
CA ALA A 425 -23.38 -13.68 20.10
C ALA A 425 -23.09 -12.81 21.35
N TYR A 426 -21.81 -12.48 21.55
CA TYR A 426 -21.38 -11.63 22.65
C TYR A 426 -20.31 -10.67 22.18
N TYR A 427 -20.51 -9.39 22.45
CA TYR A 427 -19.57 -8.32 22.10
C TYR A 427 -19.83 -7.09 22.99
N ARG A 428 -19.07 -6.01 22.79
CA ARG A 428 -19.18 -4.77 23.54
C ARG A 428 -20.56 -4.13 23.40
N GLY A 429 -21.15 -3.79 24.55
CA GLY A 429 -22.48 -3.21 24.62
C GLY A 429 -23.57 -4.20 24.93
N LEU A 430 -23.18 -5.48 25.10
CA LEU A 430 -24.11 -6.57 25.42
C LEU A 430 -23.88 -7.03 26.85
N ASP A 431 -24.94 -7.48 27.52
CA ASP A 431 -24.76 -7.96 28.87
C ASP A 431 -24.25 -9.39 28.86
N VAL A 432 -23.39 -9.72 29.84
CA VAL A 432 -22.74 -11.03 30.05
C VAL A 432 -23.76 -12.13 30.44
N SER A 433 -25.04 -11.74 30.69
CA SER A 433 -26.10 -12.70 30.99
C SER A 433 -26.51 -13.48 29.74
N VAL A 434 -26.18 -12.94 28.51
CA VAL A 434 -26.44 -13.59 27.21
C VAL A 434 -25.81 -14.99 27.18
N ILE A 435 -24.65 -15.15 27.86
CA ILE A 435 -23.95 -16.43 27.95
C ILE A 435 -24.57 -17.31 29.03
N PRO A 436 -25.16 -18.48 28.65
CA PRO A 436 -25.67 -19.42 29.66
C PRO A 436 -24.51 -20.03 30.42
N THR A 437 -24.59 -20.07 31.75
CA THR A 437 -23.49 -20.63 32.55
C THR A 437 -23.53 -22.16 32.63
N ILE A 438 -24.58 -22.81 32.08
CA ILE A 438 -24.63 -24.25 32.21
C ILE A 438 -24.90 -25.15 30.99
N GLY A 439 -25.91 -24.82 30.16
CA GLY A 439 -26.26 -25.66 29.02
C GLY A 439 -25.30 -25.74 27.84
N ASP A 440 -25.62 -26.65 26.86
CA ASP A 440 -24.93 -26.80 25.57
C ASP A 440 -24.98 -25.40 24.96
N VAL A 441 -23.85 -24.88 24.48
CA VAL A 441 -23.83 -23.54 23.93
C VAL A 441 -22.68 -23.30 22.98
N VAL A 442 -22.95 -22.48 21.95
CA VAL A 442 -21.93 -21.99 21.07
C VAL A 442 -21.93 -20.47 21.26
N VAL A 443 -20.88 -19.95 21.91
CA VAL A 443 -20.70 -18.53 22.12
C VAL A 443 -19.91 -18.00 20.92
N VAL A 444 -20.51 -17.07 20.18
CA VAL A 444 -19.84 -16.44 19.04
C VAL A 444 -19.45 -15.04 19.56
N ALA A 445 -18.14 -14.82 19.74
CA ALA A 445 -17.71 -13.58 20.38
C ALA A 445 -16.52 -12.90 19.73
N THR A 446 -16.33 -11.60 20.07
CA THR A 446 -15.17 -10.79 19.71
C THR A 446 -14.26 -10.84 20.95
N ASP A 447 -13.09 -10.14 20.92
CA ASP A 447 -12.14 -10.10 22.05
C ASP A 447 -12.76 -9.46 23.32
N ALA A 448 -13.96 -8.85 23.18
CA ALA A 448 -14.77 -8.26 24.26
C ALA A 448 -15.06 -9.29 25.35
N LEU A 449 -15.05 -10.59 24.98
CA LEU A 449 -15.29 -11.69 25.92
C LEU A 449 -14.25 -11.79 27.02
N MET A 450 -12.97 -11.70 26.68
CA MET A 450 -11.94 -11.89 27.69
C MET A 450 -11.90 -10.87 28.83
N THR A 451 -12.52 -9.70 28.64
CA THR A 451 -12.62 -8.73 29.74
C THR A 451 -14.01 -8.75 30.43
N GLY A 452 -15.00 -9.35 29.75
CA GLY A 452 -16.36 -9.44 30.26
C GLY A 452 -16.73 -10.73 30.98
N TYR A 453 -16.23 -11.90 30.52
CA TYR A 453 -16.56 -13.23 31.06
C TYR A 453 -15.30 -14.04 31.39
N THR A 454 -15.37 -14.86 32.43
CA THR A 454 -14.25 -15.70 32.86
C THR A 454 -14.35 -17.19 32.51
N GLY A 455 -15.43 -17.64 31.92
CA GLY A 455 -15.65 -19.05 31.73
C GLY A 455 -14.74 -19.71 30.72
N ASP A 456 -14.68 -21.03 30.78
CA ASP A 456 -13.85 -21.82 29.89
C ASP A 456 -14.70 -22.82 29.11
N PHE A 457 -14.17 -23.33 28.01
CA PHE A 457 -14.97 -24.08 27.04
C PHE A 457 -14.32 -25.41 26.63
N ASP A 458 -15.13 -26.29 26.01
CA ASP A 458 -14.71 -27.62 25.55
C ASP A 458 -13.79 -27.48 24.39
N SER A 459 -14.08 -26.52 23.49
CA SER A 459 -13.29 -26.21 22.31
C SER A 459 -13.40 -24.73 21.96
N VAL A 460 -12.38 -24.19 21.26
CA VAL A 460 -12.28 -22.79 20.79
C VAL A 460 -12.01 -22.84 19.30
N ILE A 461 -12.78 -22.06 18.54
CA ILE A 461 -12.58 -21.92 17.10
C ILE A 461 -12.16 -20.49 16.87
N ASP A 462 -10.95 -20.32 16.33
CA ASP A 462 -10.33 -19.02 16.15
C ASP A 462 -10.24 -18.63 14.67
N CYS A 463 -10.74 -17.40 14.33
CA CYS A 463 -10.69 -16.82 12.99
C CYS A 463 -9.28 -16.31 12.67
N ASN A 464 -8.45 -16.17 13.72
CA ASN A 464 -7.04 -15.77 13.66
C ASN A 464 -6.79 -14.35 13.19
N THR A 465 -7.83 -13.51 13.27
CA THR A 465 -7.77 -12.10 12.88
C THR A 465 -8.34 -11.23 13.98
N CYS A 466 -7.83 -10.02 14.06
CA CYS A 466 -8.38 -9.04 14.98
C CYS A 466 -8.50 -7.66 14.35
N VAL A 467 -9.10 -6.76 15.09
CA VAL A 467 -9.30 -5.40 14.66
C VAL A 467 -8.38 -4.49 15.48
N THR A 468 -7.62 -3.64 14.81
CA THR A 468 -6.72 -2.71 15.47
C THR A 468 -6.92 -1.31 14.93
N GLN A 469 -6.55 -0.28 15.72
CA GLN A 469 -6.64 1.13 15.29
C GLN A 469 -5.24 1.61 14.98
N THR A 470 -5.05 2.27 13.83
CA THR A 470 -3.72 2.78 13.48
C THR A 470 -3.77 4.29 13.20
N VAL A 471 -2.70 4.99 13.56
CA VAL A 471 -2.64 6.41 13.28
C VAL A 471 -1.84 6.60 12.02
N ASP A 472 -2.36 7.44 11.14
CA ASP A 472 -1.75 7.78 9.89
C ASP A 472 -1.58 9.30 9.88
N PHE A 473 -0.31 9.81 9.85
CA PHE A 473 -0.10 11.24 9.79
C PHE A 473 -0.27 11.70 8.35
N SER A 474 -1.51 11.63 7.88
CA SER A 474 -2.00 11.86 6.52
C SER A 474 -1.98 13.30 5.93
N LEU A 475 -1.98 14.35 6.78
CA LEU A 475 -1.95 15.76 6.38
C LEU A 475 -3.16 16.23 5.54
N ASP A 476 -4.28 15.54 5.70
CA ASP A 476 -5.53 15.83 4.98
C ASP A 476 -6.69 16.27 5.97
N PRO A 477 -6.53 17.23 6.91
CA PRO A 477 -5.40 18.18 7.09
C PRO A 477 -4.33 17.77 8.14
N THR A 478 -4.64 16.78 8.98
CA THR A 478 -3.80 16.46 10.13
C THR A 478 -3.45 15.00 10.20
N PHE A 479 -4.24 14.22 10.90
CA PHE A 479 -3.97 12.79 11.08
C PHE A 479 -5.26 12.03 10.92
N THR A 480 -5.13 10.73 10.79
CA THR A 480 -6.27 9.82 10.62
C THR A 480 -6.13 8.66 11.59
N ILE A 481 -7.25 8.32 12.26
CA ILE A 481 -7.30 7.14 13.10
C ILE A 481 -8.20 6.16 12.41
N GLU A 482 -7.60 5.18 11.73
CA GLU A 482 -8.30 4.13 10.99
C GLU A 482 -8.33 2.80 11.72
N THR A 483 -9.48 2.12 11.65
CA THR A 483 -9.70 0.78 12.18
C THR A 483 -9.32 -0.22 11.05
N THR A 484 -8.43 -1.17 11.35
CA THR A 484 -8.00 -2.17 10.37
C THR A 484 -8.08 -3.61 10.92
N THR A 485 -8.27 -4.57 10.00
CA THR A 485 -8.28 -6.00 10.31
C THR A 485 -6.86 -6.51 10.09
N VAL A 486 -6.30 -7.18 11.09
CA VAL A 486 -4.93 -7.65 11.03
C VAL A 486 -4.80 -9.13 11.43
N PRO A 487 -3.73 -9.86 11.04
CA PRO A 487 -3.56 -11.20 11.57
C PRO A 487 -3.21 -11.09 13.05
N GLN A 488 -3.64 -12.05 13.85
CA GLN A 488 -3.40 -12.04 15.29
C GLN A 488 -1.94 -12.21 15.64
N ASP A 489 -1.53 -11.71 16.79
CA ASP A 489 -0.15 -11.83 17.26
C ASP A 489 -0.08 -12.99 18.27
N ALA A 490 1.12 -13.33 18.80
CA ALA A 490 1.23 -14.44 19.72
C ALA A 490 0.32 -14.30 20.94
N VAL A 491 0.18 -13.03 21.48
CA VAL A 491 -0.64 -12.72 22.69
C VAL A 491 -2.09 -13.06 22.42
N SER A 492 -2.65 -12.58 21.30
CA SER A 492 -4.01 -12.84 20.90
C SER A 492 -4.28 -14.34 20.82
N ARG A 493 -3.39 -15.09 20.10
CA ARG A 493 -3.51 -16.53 19.92
C ARG A 493 -3.54 -17.25 21.25
N SER A 494 -2.69 -16.82 22.19
CA SER A 494 -2.58 -17.40 23.51
C SER A 494 -3.83 -17.13 24.38
N GLN A 495 -4.29 -15.87 24.46
CA GLN A 495 -5.47 -15.53 25.27
C GLN A 495 -6.71 -16.31 24.77
N ARG A 496 -6.94 -16.33 23.43
CA ARG A 496 -8.04 -17.01 22.76
C ARG A 496 -7.97 -18.53 22.99
N ARG A 497 -6.84 -19.19 22.59
CA ARG A 497 -6.62 -20.64 22.82
C ARG A 497 -6.75 -21.00 24.31
N GLY A 498 -6.28 -20.09 25.17
CA GLY A 498 -6.33 -20.20 26.62
C GLY A 498 -7.72 -20.32 27.21
N ARG A 499 -8.77 -20.18 26.38
CA ARG A 499 -10.15 -20.34 26.85
C ARG A 499 -10.54 -21.79 27.03
N THR A 500 -9.76 -22.70 26.45
CA THR A 500 -9.96 -24.13 26.55
C THR A 500 -8.71 -24.75 27.17
N GLY A 501 -8.82 -26.05 27.50
CA GLY A 501 -7.75 -26.86 28.07
C GLY A 501 -7.33 -26.43 29.47
N ARG A 502 -8.29 -25.89 30.26
CA ARG A 502 -8.09 -25.41 31.63
C ARG A 502 -8.31 -26.55 32.66
N GLY A 503 -7.19 -27.19 33.03
CA GLY A 503 -7.15 -28.30 33.99
C GLY A 503 -7.79 -29.58 33.52
N ARG A 504 -8.24 -29.58 32.25
CA ARG A 504 -8.89 -30.70 31.56
C ARG A 504 -8.51 -30.63 30.10
N ARG A 505 -8.84 -31.67 29.30
CA ARG A 505 -8.49 -31.64 27.87
C ARG A 505 -9.38 -30.66 27.09
N GLY A 506 -8.76 -29.97 26.13
CA GLY A 506 -9.41 -29.01 25.24
C GLY A 506 -9.05 -29.19 23.79
N ILE A 507 -9.86 -28.61 22.88
CA ILE A 507 -9.61 -28.62 21.45
C ILE A 507 -9.59 -27.17 20.93
N TYR A 508 -8.61 -26.85 20.08
CA TYR A 508 -8.41 -25.55 19.46
C TYR A 508 -8.33 -25.72 17.95
N ARG A 509 -9.30 -25.14 17.23
CA ARG A 509 -9.37 -25.16 15.76
C ARG A 509 -9.10 -23.77 15.21
N PHE A 510 -8.32 -23.69 14.17
CA PHE A 510 -7.91 -22.41 13.61
C PHE A 510 -8.02 -22.36 12.09
N VAL A 511 -8.10 -21.12 11.56
CA VAL A 511 -8.15 -20.85 10.13
C VAL A 511 -6.69 -20.82 9.55
N THR A 512 -5.74 -20.25 10.29
CA THR A 512 -4.35 -20.10 9.85
C THR A 512 -3.37 -20.14 11.05
N PRO A 513 -2.10 -20.61 10.89
CA PRO A 513 -1.14 -20.57 12.02
C PRO A 513 -0.25 -19.32 12.05
N GLY A 514 -0.32 -18.52 11.00
CA GLY A 514 0.46 -17.29 10.86
C GLY A 514 0.19 -16.21 11.89
N GLU A 515 1.12 -16.04 12.87
CA GLU A 515 1.02 -14.99 13.89
C GLU A 515 1.98 -13.85 13.61
N ARG A 516 1.62 -12.65 14.03
CA ARG A 516 2.36 -11.39 13.89
C ARG A 516 3.23 -11.19 15.17
N PRO A 517 4.30 -10.35 15.14
CA PRO A 517 5.08 -10.12 16.37
C PRO A 517 4.34 -9.38 17.51
N SER A 518 4.46 -9.96 18.71
CA SER A 518 3.88 -9.46 19.95
C SER A 518 4.75 -8.36 20.56
N GLY A 519 4.19 -7.63 21.50
CA GLY A 519 4.92 -6.62 22.27
C GLY A 519 5.12 -5.27 21.65
N MET A 520 4.36 -4.97 20.64
CA MET A 520 4.46 -3.67 19.99
C MET A 520 3.09 -3.10 19.85
N PHE A 521 2.98 -1.79 20.02
CA PHE A 521 1.67 -1.14 19.87
C PHE A 521 1.73 0.15 19.06
N ASP A 522 0.58 0.57 18.53
CA ASP A 522 0.49 1.77 17.71
C ASP A 522 0.44 3.09 18.55
N SER A 523 0.92 4.20 17.93
CA SER A 523 0.90 5.56 18.48
C SER A 523 -0.55 6.01 18.80
N SER A 524 -1.55 5.49 18.09
CA SER A 524 -2.97 5.77 18.36
C SER A 524 -3.33 5.31 19.76
N VAL A 525 -2.58 4.35 20.34
CA VAL A 525 -2.84 3.88 21.70
C VAL A 525 -2.43 4.99 22.69
N LEU A 526 -1.33 5.72 22.38
CA LEU A 526 -0.89 6.86 23.19
C LEU A 526 -1.93 7.94 23.11
N CYS A 527 -2.47 8.22 21.91
CA CYS A 527 -3.54 9.19 21.68
C CYS A 527 -4.76 8.84 22.55
N GLU A 528 -5.07 7.52 22.71
CA GLU A 528 -6.17 7.04 23.56
C GLU A 528 -5.88 7.30 25.03
N CYS A 529 -4.59 7.26 25.45
CA CYS A 529 -4.19 7.57 26.83
C CYS A 529 -4.42 9.02 27.18
N TYR A 530 -4.06 9.95 26.29
CA TYR A 530 -4.33 11.39 26.51
C TYR A 530 -5.83 11.63 26.48
N ASP A 531 -6.55 10.90 25.63
CA ASP A 531 -7.99 10.98 25.53
C ASP A 531 -8.65 10.57 26.85
N ALA A 532 -8.27 9.40 27.40
CA ALA A 532 -8.77 8.84 28.67
C ALA A 532 -8.43 9.75 29.84
N GLY A 533 -7.20 10.26 29.84
CA GLY A 533 -6.71 11.20 30.86
C GLY A 533 -7.62 12.42 30.98
N CYS A 534 -8.03 12.99 29.83
CA CYS A 534 -8.91 14.13 29.75
C CYS A 534 -10.36 13.75 30.06
N ALA A 535 -10.91 12.77 29.31
CA ALA A 535 -12.30 12.31 29.45
C ALA A 535 -12.67 11.72 30.83
N TRP A 536 -11.83 10.82 31.36
CA TRP A 536 -12.14 10.09 32.58
C TRP A 536 -11.33 10.42 33.80
N TYR A 537 -10.03 10.66 33.64
CA TYR A 537 -9.17 10.77 34.80
C TYR A 537 -8.77 12.14 35.30
N GLU A 538 -9.40 13.22 34.78
CA GLU A 538 -9.12 14.61 35.18
C GLU A 538 -7.59 14.86 35.20
N LEU A 539 -6.89 14.32 34.17
CA LEU A 539 -5.45 14.43 34.01
C LEU A 539 -5.20 15.43 32.91
N THR A 540 -4.28 16.39 33.16
CA THR A 540 -3.88 17.38 32.16
C THR A 540 -2.93 16.63 31.22
N PRO A 541 -2.79 17.04 29.94
CA PRO A 541 -1.80 16.38 29.06
C PRO A 541 -0.39 16.23 29.66
N ALA A 542 0.06 17.23 30.42
CA ALA A 542 1.39 17.17 31.08
C ALA A 542 1.48 16.05 32.16
N GLU A 543 0.37 15.82 32.93
CA GLU A 543 0.30 14.75 33.92
C GLU A 543 0.38 13.39 33.22
N THR A 544 -0.35 13.22 32.09
CA THR A 544 -0.41 11.98 31.30
C THR A 544 0.98 11.65 30.75
N SER A 545 1.67 12.63 30.13
CA SER A 545 3.02 12.49 29.61
C SER A 545 3.96 11.93 30.68
N VAL A 546 3.90 12.47 31.90
CA VAL A 546 4.72 12.04 33.04
C VAL A 546 4.53 10.52 33.25
N ARG A 547 3.25 10.07 33.32
CA ARG A 547 2.86 8.69 33.54
C ARG A 547 3.27 7.74 32.41
N LEU A 548 3.07 8.15 31.15
CA LEU A 548 3.43 7.34 30.00
C LEU A 548 4.96 7.26 29.82
N ARG A 549 5.68 8.33 30.22
CA ARG A 549 7.14 8.40 30.18
C ARG A 549 7.70 7.26 31.04
N ALA A 550 7.15 7.10 32.26
CA ALA A 550 7.52 6.06 33.24
C ALA A 550 7.33 4.67 32.61
N TYR A 551 6.26 4.49 31.79
CA TYR A 551 5.97 3.23 31.11
C TYR A 551 6.99 3.02 29.98
N LEU A 552 7.23 4.06 29.16
CA LEU A 552 8.16 3.99 28.03
C LEU A 552 9.58 3.68 28.45
N ASN A 553 10.08 4.39 29.44
CA ASN A 553 11.44 4.22 29.96
C ASN A 553 11.63 2.93 30.80
N THR A 554 10.57 2.15 31.03
CA THR A 554 10.70 0.88 31.73
C THR A 554 10.91 -0.27 30.72
N PRO A 555 12.06 -0.97 30.82
CA PRO A 555 12.32 -2.08 29.88
C PRO A 555 11.44 -3.30 30.19
N GLY A 556 11.31 -4.20 29.20
CA GLY A 556 10.55 -5.44 29.33
C GLY A 556 9.06 -5.34 29.12
N LEU A 557 8.56 -4.15 28.77
CA LEU A 557 7.14 -3.93 28.54
C LEU A 557 6.88 -3.78 27.06
N PRO A 558 5.60 -3.89 26.57
CA PRO A 558 5.35 -3.59 25.14
C PRO A 558 5.94 -2.23 24.71
N VAL A 559 6.44 -2.17 23.49
CA VAL A 559 7.08 -0.98 22.96
C VAL A 559 6.23 -0.19 21.98
N CYS A 560 6.59 1.09 21.84
CA CYS A 560 5.87 2.06 21.07
C CYS A 560 6.79 3.20 20.68
N GLN A 561 6.44 3.91 19.59
CA GLN A 561 7.14 5.12 19.15
C GLN A 561 6.90 6.23 20.18
N ASP A 562 7.97 6.94 20.57
CA ASP A 562 7.80 8.01 21.55
C ASP A 562 7.17 9.24 20.88
N HIS A 563 5.83 9.30 20.87
CA HIS A 563 5.08 10.45 20.31
C HIS A 563 4.44 11.30 21.40
N LEU A 564 4.92 11.07 22.64
CA LEU A 564 4.50 11.71 23.87
C LEU A 564 4.39 13.20 23.75
N GLU A 565 5.46 13.89 23.29
CA GLU A 565 5.40 15.34 23.13
C GLU A 565 4.40 15.80 22.05
N PHE A 566 4.30 15.07 20.94
CA PHE A 566 3.35 15.41 19.89
C PHE A 566 1.90 15.36 20.39
N TRP A 567 1.49 14.23 21.02
CA TRP A 567 0.13 14.07 21.49
C TRP A 567 -0.19 15.04 22.61
N GLU A 568 0.75 15.24 23.53
CA GLU A 568 0.62 16.21 24.61
C GLU A 568 0.30 17.58 23.99
N SER A 569 1.12 18.03 23.03
CA SER A 569 0.90 19.30 22.37
C SER A 569 -0.48 19.43 21.72
N VAL A 570 -0.94 18.35 21.05
CA VAL A 570 -2.27 18.30 20.40
C VAL A 570 -3.40 18.55 21.44
N PHE A 571 -3.45 17.71 22.46
CA PHE A 571 -4.46 17.78 23.50
C PHE A 571 -4.43 19.07 24.31
N THR A 572 -3.22 19.61 24.53
CA THR A 572 -3.01 20.90 25.24
C THR A 572 -3.84 22.04 24.61
N GLY A 573 -4.02 21.98 23.30
CA GLY A 573 -4.80 22.96 22.57
C GLY A 573 -6.28 22.67 22.45
N LEU A 574 -6.76 21.48 22.85
CA LEU A 574 -8.17 21.10 22.76
C LEU A 574 -8.88 21.60 24.01
N THR A 575 -9.00 22.92 24.10
CA THR A 575 -9.59 23.63 25.24
C THR A 575 -11.06 23.95 25.06
N HIS A 576 -11.78 24.06 26.16
CA HIS A 576 -13.19 24.44 26.13
C HIS A 576 -14.08 23.52 25.28
N ILE A 577 -14.01 22.19 25.57
CA ILE A 577 -14.84 21.15 24.94
C ILE A 577 -16.26 21.34 25.53
N ASP A 578 -17.31 20.92 24.80
CA ASP A 578 -18.64 20.99 25.32
C ASP A 578 -18.84 19.81 26.29
N ALA A 579 -19.06 20.12 27.58
CA ALA A 579 -19.25 19.18 28.69
C ALA A 579 -20.34 18.14 28.42
N HIS A 580 -21.45 18.57 27.78
CA HIS A 580 -22.59 17.71 27.43
C HIS A 580 -22.25 16.69 26.37
N PHE A 581 -21.43 17.08 25.37
CA PHE A 581 -20.98 16.15 24.35
C PHE A 581 -20.01 15.16 24.95
N LEU A 582 -19.09 15.66 25.78
CA LEU A 582 -18.16 14.79 26.49
C LEU A 582 -18.89 13.71 27.32
N SER A 583 -19.93 14.10 28.06
CA SER A 583 -20.75 13.19 28.84
C SER A 583 -21.38 12.09 27.97
N GLN A 584 -21.89 12.46 26.79
CA GLN A 584 -22.55 11.53 25.88
C GLN A 584 -21.61 10.53 25.27
N THR A 585 -20.48 11.01 24.72
CA THR A 585 -19.47 10.16 24.08
C THR A 585 -18.89 9.16 25.08
N LYS A 586 -18.62 9.62 26.30
CA LYS A 586 -18.16 8.80 27.40
C LYS A 586 -19.15 7.68 27.73
N GLN A 587 -20.45 8.00 27.82
CA GLN A 587 -21.44 6.97 28.12
C GLN A 587 -21.57 5.98 26.97
N ALA A 588 -21.58 6.44 25.70
CA ALA A 588 -21.72 5.55 24.54
C ALA A 588 -20.65 4.45 24.49
N GLY A 589 -19.50 4.69 25.12
CA GLY A 589 -18.42 3.73 25.23
C GLY A 589 -17.54 3.48 24.01
N ASP A 590 -17.59 4.35 22.99
CA ASP A 590 -16.75 4.18 21.80
C ASP A 590 -15.38 4.85 22.01
N ASN A 591 -14.42 4.50 21.15
CA ASN A 591 -12.99 4.76 21.15
C ASN A 591 -12.90 6.26 20.91
N PHE A 592 -12.00 6.98 21.60
CA PHE A 592 -12.02 8.44 21.39
C PHE A 592 -13.05 9.45 21.84
N PRO A 593 -13.64 9.23 23.04
CA PRO A 593 -14.71 10.12 23.51
C PRO A 593 -14.32 11.59 23.54
N TYR A 594 -13.06 11.90 23.83
CA TYR A 594 -12.62 13.29 23.89
C TYR A 594 -12.50 13.87 22.49
N LEU A 595 -11.87 13.16 21.56
CA LEU A 595 -11.72 13.61 20.18
C LEU A 595 -13.05 13.72 19.43
N VAL A 596 -14.01 12.83 19.74
CA VAL A 596 -15.33 12.84 19.08
C VAL A 596 -16.10 14.04 19.61
N ALA A 597 -16.24 14.12 20.95
CA ALA A 597 -16.88 15.26 21.61
C ALA A 597 -16.26 16.59 21.19
N TYR A 598 -14.92 16.65 21.10
CA TYR A 598 -14.23 17.85 20.63
C TYR A 598 -14.55 18.25 19.20
N GLN A 599 -14.65 17.30 18.29
CA GLN A 599 -15.00 17.62 16.93
C GLN A 599 -16.46 18.12 16.89
N ALA A 600 -17.36 17.47 17.65
CA ALA A 600 -18.78 17.84 17.72
C ALA A 600 -18.92 19.29 18.27
N THR A 601 -18.10 19.64 19.29
CA THR A 601 -18.06 20.95 19.94
C THR A 601 -17.82 22.01 18.93
N VAL A 602 -16.75 21.90 18.10
CA VAL A 602 -16.46 22.87 17.03
C VAL A 602 -17.58 22.90 15.95
N CYS A 603 -18.21 21.74 15.65
CA CYS A 603 -19.29 21.67 14.68
C CYS A 603 -20.50 22.46 15.16
N ALA A 604 -20.97 22.14 16.38
CA ALA A 604 -22.13 22.77 17.03
C ALA A 604 -21.95 24.25 17.13
N ARG A 605 -20.76 24.71 17.57
CA ARG A 605 -20.43 26.13 17.70
C ARG A 605 -20.42 26.89 16.36
N ALA A 606 -20.17 26.18 15.24
CA ALA A 606 -20.17 26.71 13.87
C ALA A 606 -21.55 26.52 13.18
N GLN A 607 -22.50 25.80 13.84
CA GLN A 607 -23.79 25.43 13.25
C GLN A 607 -23.50 24.65 11.95
N ALA A 608 -22.41 23.83 11.99
CA ALA A 608 -21.87 23.01 10.89
C ALA A 608 -22.13 21.54 11.13
N PRO A 609 -22.38 20.73 10.05
CA PRO A 609 -22.67 19.30 10.27
C PRO A 609 -21.43 18.47 10.55
N PRO A 610 -21.56 17.32 11.24
CA PRO A 610 -20.38 16.47 11.52
C PRO A 610 -19.72 15.88 10.26
N PRO A 611 -18.52 15.26 10.34
CA PRO A 611 -17.89 14.72 9.12
C PRO A 611 -18.74 13.72 8.34
N SER A 612 -19.72 13.09 9.03
CA SER A 612 -20.68 12.12 8.48
C SER A 612 -21.82 11.89 9.45
N TRP A 613 -22.83 11.13 9.04
CA TRP A 613 -23.97 10.80 9.89
C TRP A 613 -23.92 9.35 10.46
N ASP A 614 -22.69 8.78 10.54
CA ASP A 614 -22.44 7.50 11.17
C ASP A 614 -22.75 7.59 12.68
N GLN A 615 -22.99 6.44 13.35
CA GLN A 615 -23.26 6.37 14.79
C GLN A 615 -22.25 7.12 15.66
N MET A 616 -21.01 7.29 15.18
CA MET A 616 -19.96 8.04 15.85
C MET A 616 -20.47 9.46 16.23
N TRP A 617 -21.22 10.11 15.33
CA TRP A 617 -21.72 11.46 15.51
C TRP A 617 -23.20 11.58 16.02
N LYS A 618 -23.74 10.52 16.69
CA LYS A 618 -25.12 10.55 17.25
C LYS A 618 -25.42 11.73 18.17
N CYS A 619 -24.45 12.17 18.99
CA CYS A 619 -24.63 13.30 19.89
C CYS A 619 -25.09 14.60 19.17
N LEU A 620 -24.98 14.63 17.79
CA LEU A 620 -25.44 15.75 16.96
C LEU A 620 -26.78 15.53 16.26
N ILE A 621 -27.30 14.27 16.25
CA ILE A 621 -28.56 13.97 15.54
C ILE A 621 -29.65 15.02 15.76
N ARG A 622 -29.93 15.39 17.01
CA ARG A 622 -30.97 16.37 17.36
C ARG A 622 -30.80 17.76 16.72
N LEU A 623 -29.54 18.10 16.35
CA LEU A 623 -29.19 19.39 15.75
C LEU A 623 -29.25 19.37 14.25
N LYS A 624 -29.46 18.17 13.65
CA LYS A 624 -29.48 17.92 12.19
C LYS A 624 -30.24 18.97 11.37
N PRO A 625 -31.47 19.45 11.75
CA PRO A 625 -32.14 20.45 10.91
C PRO A 625 -31.51 21.83 10.95
N THR A 626 -30.68 22.11 11.96
CA THR A 626 -30.03 23.41 12.11
C THR A 626 -28.53 23.38 11.71
N LEU A 627 -28.06 22.30 11.06
CA LEU A 627 -26.65 22.23 10.70
C LEU A 627 -26.48 22.30 9.24
N HIS A 628 -25.60 23.21 8.84
CA HIS A 628 -25.37 23.48 7.44
C HIS A 628 -23.91 23.86 7.17
N GLY A 629 -23.49 23.61 5.95
CA GLY A 629 -22.21 24.03 5.41
C GLY A 629 -21.12 22.99 5.43
N PRO A 630 -19.86 23.42 5.13
CA PRO A 630 -18.75 22.47 5.25
C PRO A 630 -18.45 22.17 6.73
N THR A 631 -17.71 21.11 6.97
CA THR A 631 -17.31 20.71 8.31
C THR A 631 -15.97 21.33 8.66
N PRO A 632 -15.85 21.99 9.84
CA PRO A 632 -14.51 22.43 10.29
C PRO A 632 -13.76 21.17 10.77
N LEU A 633 -13.08 20.48 9.81
CA LEU A 633 -12.40 19.22 10.05
C LEU A 633 -11.10 19.38 10.83
N LEU A 634 -11.03 18.73 12.01
CA LEU A 634 -9.85 18.83 12.88
C LEU A 634 -8.82 17.72 12.63
N TYR A 635 -9.34 16.53 12.28
CA TYR A 635 -8.63 15.26 12.10
C TYR A 635 -9.68 14.27 11.55
N ARG A 636 -9.23 13.12 11.03
CA ARG A 636 -10.14 12.14 10.45
C ARG A 636 -10.25 10.91 11.37
N LEU A 637 -11.50 10.60 11.84
CA LEU A 637 -11.80 9.51 12.77
C LEU A 637 -12.59 8.36 12.12
N GLY A 638 -12.95 8.56 10.87
CA GLY A 638 -13.64 7.61 10.01
C GLY A 638 -13.80 8.26 8.64
N ALA A 639 -14.85 7.87 7.90
CA ALA A 639 -15.13 8.42 6.58
C ALA A 639 -15.76 9.79 6.74
N VAL A 640 -15.35 10.71 5.85
CA VAL A 640 -15.83 12.08 5.81
C VAL A 640 -16.71 12.17 4.56
N GLN A 641 -18.03 12.33 4.74
CA GLN A 641 -18.94 12.40 3.60
C GLN A 641 -19.33 13.83 3.29
N ASN A 642 -19.04 14.74 4.21
CA ASN A 642 -19.38 16.14 4.01
C ASN A 642 -18.22 16.92 3.38
N GLU A 643 -18.52 18.14 2.92
CA GLU A 643 -17.53 19.10 2.42
C GLU A 643 -16.72 19.54 3.66
N VAL A 644 -15.46 19.90 3.48
CA VAL A 644 -14.70 20.33 4.62
C VAL A 644 -14.12 21.71 4.49
N THR A 645 -13.88 22.34 5.64
CA THR A 645 -13.19 23.62 5.78
C THR A 645 -11.96 23.39 6.65
N LEU A 646 -10.82 23.87 6.19
CA LEU A 646 -9.55 23.65 6.89
C LEU A 646 -9.06 24.95 7.54
N THR A 647 -9.99 25.89 7.73
CA THR A 647 -9.74 27.23 8.24
C THR A 647 -9.91 27.39 9.76
N HIS A 648 -10.48 26.39 10.44
CA HIS A 648 -10.72 26.51 11.87
C HIS A 648 -9.41 26.64 12.67
N PRO A 649 -9.32 27.57 13.66
CA PRO A 649 -8.09 27.74 14.44
C PRO A 649 -7.53 26.48 15.09
N ILE A 650 -8.41 25.54 15.48
CA ILE A 650 -7.99 24.27 16.09
C ILE A 650 -7.25 23.38 15.05
N THR A 651 -7.76 23.35 13.81
CA THR A 651 -7.15 22.62 12.69
C THR A 651 -5.74 23.20 12.46
N LYS A 652 -5.63 24.55 12.44
CA LYS A 652 -4.34 25.23 12.26
C LYS A 652 -3.39 24.90 13.40
N TYR A 653 -3.95 24.81 14.61
CA TYR A 653 -3.17 24.47 15.80
C TYR A 653 -2.62 23.04 15.67
N ILE A 654 -3.50 22.06 15.37
CA ILE A 654 -3.11 20.65 15.21
C ILE A 654 -2.07 20.51 14.08
N MET A 655 -2.25 21.24 12.95
CA MET A 655 -1.30 21.25 11.84
C MET A 655 0.06 21.76 12.31
N ALA A 656 0.09 22.86 13.12
CA ALA A 656 1.34 23.41 13.69
C ALA A 656 2.04 22.40 14.61
N CYS A 657 1.27 21.55 15.31
CA CYS A 657 1.83 20.48 16.16
C CYS A 657 2.62 19.45 15.34
N MET A 658 2.19 19.14 14.07
CA MET A 658 2.87 18.15 13.20
C MET A 658 4.21 18.67 12.72
N SER A 659 4.22 19.94 12.25
CA SER A 659 5.39 20.65 11.74
C SER A 659 6.24 21.27 12.87
N ALA A 660 6.84 20.41 13.72
CA ALA A 660 7.69 20.80 14.84
C ALA A 660 9.17 20.43 14.58
N GLY B 22 2.94 -15.50 -16.30
CA GLY B 22 2.01 -16.03 -15.31
C GLY B 22 0.54 -16.00 -15.73
N SER B 23 -0.21 -16.99 -15.29
CA SER B 23 -1.64 -17.06 -15.58
C SER B 23 -2.45 -16.51 -14.39
N VAL B 24 -3.73 -16.16 -14.65
CA VAL B 24 -4.70 -15.75 -13.63
C VAL B 24 -5.12 -17.12 -12.98
N VAL B 25 -5.19 -17.17 -11.64
CA VAL B 25 -5.51 -18.41 -10.89
C VAL B 25 -6.78 -18.24 -10.06
N ILE B 26 -7.71 -19.23 -10.14
CA ILE B 26 -8.88 -19.30 -9.29
C ILE B 26 -8.37 -19.76 -7.90
N VAL B 27 -8.56 -18.93 -6.90
CA VAL B 27 -8.06 -19.19 -5.54
C VAL B 27 -9.19 -19.42 -4.56
N GLY B 28 -10.40 -19.21 -5.03
CA GLY B 28 -11.60 -19.36 -4.22
C GLY B 28 -12.85 -19.07 -5.03
N ARG B 29 -13.99 -19.13 -4.34
CA ARG B 29 -15.32 -18.91 -4.92
C ARG B 29 -16.28 -18.24 -3.95
N ILE B 30 -17.21 -17.43 -4.51
CA ILE B 30 -18.30 -16.79 -3.76
C ILE B 30 -19.52 -17.61 -4.16
N ILE B 31 -20.18 -18.24 -3.17
CA ILE B 31 -21.34 -19.11 -3.37
C ILE B 31 -22.65 -18.36 -3.12
N LEU B 32 -23.48 -18.28 -4.17
CA LEU B 32 -24.75 -17.56 -4.11
C LEU B 32 -25.94 -18.46 -3.81
N SER B 33 -26.91 -17.95 -3.04
CA SER B 33 -28.12 -18.70 -2.73
C SER B 33 -29.02 -18.77 -3.98
N GLY B 34 -29.62 -19.92 -4.23
CA GLY B 34 -30.50 -20.13 -5.37
C GLY B 34 -31.97 -19.94 -5.00
N SER B 35 -32.23 -19.83 -3.69
CA SER B 35 -33.56 -19.69 -3.12
C SER B 35 -33.64 -18.51 -2.15
N GLY B 36 -34.83 -17.90 -2.11
CA GLY B 36 -35.16 -16.76 -1.26
C GLY B 36 -34.33 -15.52 -1.54
N SER B 37 -33.96 -14.83 -0.45
CA SER B 37 -33.14 -13.61 -0.48
C SER B 37 -31.72 -13.91 -0.99
N ILE B 38 -31.09 -12.91 -1.63
CA ILE B 38 -29.74 -13.06 -2.17
C ILE B 38 -28.72 -12.94 -1.03
N THR B 39 -28.09 -14.07 -0.72
CA THR B 39 -27.04 -14.20 0.30
C THR B 39 -25.85 -14.87 -0.35
N ALA B 40 -24.67 -14.68 0.23
CA ALA B 40 -23.44 -15.25 -0.31
C ALA B 40 -22.46 -15.61 0.78
N TYR B 41 -21.53 -16.52 0.44
CA TYR B 41 -20.44 -16.93 1.33
C TYR B 41 -19.20 -17.28 0.54
N SER B 42 -18.03 -16.97 1.12
CA SER B 42 -16.76 -17.23 0.48
C SER B 42 -16.20 -18.56 0.88
N GLN B 43 -15.46 -19.16 -0.04
CA GLN B 43 -14.82 -20.45 0.14
C GLN B 43 -13.46 -20.39 -0.56
N GLN B 44 -12.38 -20.41 0.22
CA GLN B 44 -11.01 -20.43 -0.30
C GLN B 44 -10.68 -21.86 -0.77
N THR B 45 -9.97 -22.00 -1.89
CA THR B 45 -9.61 -23.29 -2.47
C THR B 45 -8.09 -23.44 -2.62
N ARG B 46 -7.35 -22.32 -2.56
CA ARG B 46 -5.89 -22.32 -2.70
C ARG B 46 -5.29 -21.36 -1.76
N GLY B 47 -4.09 -21.68 -1.33
CA GLY B 47 -3.23 -20.81 -0.54
C GLY B 47 -2.23 -20.14 -1.46
N LEU B 48 -1.42 -19.23 -0.91
CA LEU B 48 -0.40 -18.49 -1.67
C LEU B 48 0.54 -19.42 -2.46
N LEU B 49 0.96 -20.53 -1.86
CA LEU B 49 1.87 -21.44 -2.55
C LEU B 49 1.23 -22.08 -3.80
N GLY B 50 0.08 -22.72 -3.62
CA GLY B 50 -0.67 -23.36 -4.70
C GLY B 50 -1.02 -22.37 -5.80
N CYS B 51 -1.28 -21.14 -5.40
CA CYS B 51 -1.63 -20.04 -6.29
C CYS B 51 -0.43 -19.67 -7.15
N ILE B 52 0.77 -19.59 -6.54
CA ILE B 52 2.00 -19.20 -7.25
C ILE B 52 2.43 -20.31 -8.19
N ILE B 53 2.43 -21.57 -7.70
CA ILE B 53 2.77 -22.71 -8.53
C ILE B 53 1.84 -22.78 -9.76
N THR B 54 0.50 -22.75 -9.54
CA THR B 54 -0.52 -22.76 -10.59
C THR B 54 -0.34 -21.63 -11.62
N SER B 55 0.03 -20.41 -11.17
CA SER B 55 0.27 -19.24 -12.02
C SER B 55 1.41 -19.51 -13.00
N LEU B 56 2.52 -20.09 -12.50
CA LEU B 56 3.70 -20.44 -13.28
C LEU B 56 3.40 -21.50 -14.33
N THR B 57 2.81 -22.62 -13.92
CA THR B 57 2.49 -23.74 -14.80
C THR B 57 1.35 -23.45 -15.76
N GLY B 58 0.30 -22.78 -15.27
CA GLY B 58 -0.93 -22.52 -16.02
C GLY B 58 -1.84 -23.71 -15.94
N ARG B 59 -1.46 -24.74 -15.17
CA ARG B 59 -2.23 -25.96 -15.01
C ARG B 59 -2.97 -25.98 -13.69
N ASP B 60 -4.32 -26.01 -13.76
CA ASP B 60 -5.24 -26.06 -12.64
C ASP B 60 -6.19 -27.23 -12.85
N LYS B 61 -5.97 -28.31 -12.12
CA LYS B 61 -6.83 -29.47 -12.27
C LYS B 61 -8.11 -29.40 -11.41
N ASN B 62 -8.14 -28.48 -10.44
CA ASN B 62 -9.26 -28.24 -9.52
C ASN B 62 -10.58 -28.00 -10.24
N GLN B 63 -11.66 -28.53 -9.63
CA GLN B 63 -13.07 -28.43 -10.05
C GLN B 63 -13.54 -26.98 -9.90
N VAL B 64 -14.28 -26.45 -10.89
CA VAL B 64 -14.73 -25.06 -10.80
C VAL B 64 -16.22 -24.86 -10.47
N GLU B 65 -16.55 -25.04 -9.18
CA GLU B 65 -17.89 -24.88 -8.65
C GLU B 65 -18.27 -23.40 -8.59
N GLY B 66 -19.56 -23.12 -8.79
CA GLY B 66 -20.12 -21.78 -8.69
C GLY B 66 -20.07 -20.90 -9.92
N GLU B 67 -20.65 -19.69 -9.79
CA GLU B 67 -20.71 -18.67 -10.85
C GLU B 67 -19.68 -17.56 -10.62
N VAL B 68 -19.46 -17.15 -9.34
CA VAL B 68 -18.48 -16.13 -8.96
C VAL B 68 -17.20 -16.75 -8.47
N GLN B 69 -16.09 -16.39 -9.12
CA GLN B 69 -14.75 -16.87 -8.80
C GLN B 69 -13.88 -15.80 -8.14
N VAL B 70 -13.05 -16.23 -7.20
CA VAL B 70 -12.06 -15.38 -6.58
C VAL B 70 -10.78 -15.75 -7.34
N VAL B 71 -10.32 -14.83 -8.17
CA VAL B 71 -9.14 -14.98 -8.99
C VAL B 71 -7.99 -14.16 -8.47
N SER B 72 -6.78 -14.55 -8.83
CA SER B 72 -5.57 -13.89 -8.39
C SER B 72 -4.44 -14.01 -9.41
N THR B 73 -3.63 -12.95 -9.48
CA THR B 73 -2.35 -12.82 -10.16
C THR B 73 -1.38 -12.77 -8.94
N ALA B 74 -0.08 -12.57 -9.16
CA ALA B 74 0.84 -12.50 -8.01
C ALA B 74 0.60 -11.18 -7.24
N THR B 75 0.46 -10.08 -7.99
CA THR B 75 0.27 -8.72 -7.47
C THR B 75 -1.17 -8.36 -7.06
N GLN B 76 -2.18 -8.98 -7.68
CA GLN B 76 -3.56 -8.56 -7.46
C GLN B 76 -4.57 -9.69 -7.28
N SER B 77 -5.66 -9.37 -6.60
CA SER B 77 -6.79 -10.27 -6.46
C SER B 77 -8.06 -9.52 -6.79
N PHE B 78 -8.99 -10.20 -7.45
CA PHE B 78 -10.26 -9.63 -7.85
C PHE B 78 -11.25 -10.77 -8.11
N LEU B 79 -12.37 -10.47 -8.77
CA LEU B 79 -13.36 -11.49 -9.05
C LEU B 79 -13.56 -11.71 -10.54
N ALA B 80 -14.20 -12.85 -10.88
CA ALA B 80 -14.61 -13.23 -12.22
C ALA B 80 -15.96 -13.88 -12.09
N THR B 81 -16.85 -13.64 -13.05
CA THR B 81 -18.22 -14.15 -13.07
C THR B 81 -18.45 -14.92 -14.37
N CYS B 82 -19.13 -16.09 -14.27
CA CYS B 82 -19.49 -16.90 -15.44
C CYS B 82 -20.84 -16.53 -15.97
N VAL B 83 -20.84 -16.03 -17.20
CA VAL B 83 -22.06 -15.64 -17.88
C VAL B 83 -22.04 -16.27 -19.26
N ASN B 84 -23.09 -17.06 -19.56
CA ASN B 84 -23.29 -17.78 -20.81
C ASN B 84 -22.06 -18.53 -21.32
N GLY B 85 -21.47 -19.31 -20.40
CA GLY B 85 -20.32 -20.16 -20.66
C GLY B 85 -18.97 -19.49 -20.71
N VAL B 86 -18.92 -18.15 -20.59
CA VAL B 86 -17.66 -17.43 -20.60
C VAL B 86 -17.39 -16.92 -19.19
N CYS B 87 -16.17 -17.12 -18.72
CA CYS B 87 -15.75 -16.63 -17.42
C CYS B 87 -15.18 -15.20 -17.65
N TRP B 88 -15.92 -14.16 -17.21
CA TRP B 88 -15.59 -12.74 -17.43
C TRP B 88 -14.94 -12.06 -16.25
N THR B 89 -13.99 -11.15 -16.55
CA THR B 89 -13.33 -10.29 -15.58
C THR B 89 -12.98 -8.93 -16.18
N VAL B 90 -12.29 -8.12 -15.41
CA VAL B 90 -11.86 -6.78 -15.81
C VAL B 90 -10.47 -6.80 -16.40
N TYR B 91 -10.28 -6.03 -17.50
CA TYR B 91 -8.99 -5.89 -18.20
C TYR B 91 -7.94 -5.29 -17.25
N HIS B 92 -8.35 -4.37 -16.43
CA HIS B 92 -7.46 -3.76 -15.52
C HIS B 92 -6.92 -4.71 -14.50
N GLY B 93 -7.73 -5.64 -14.06
CA GLY B 93 -7.23 -6.77 -13.31
C GLY B 93 -6.41 -7.82 -14.02
N ALA B 94 -6.87 -8.27 -15.18
CA ALA B 94 -6.32 -9.46 -15.79
C ALA B 94 -5.39 -9.22 -16.93
N GLY B 95 -5.51 -8.07 -17.53
CA GLY B 95 -4.72 -7.71 -18.70
C GLY B 95 -5.04 -8.65 -19.84
N SER B 96 -4.03 -9.18 -20.50
CA SER B 96 -4.21 -10.14 -21.59
C SER B 96 -3.80 -11.57 -21.10
N LYS B 97 -3.57 -11.69 -19.78
CA LYS B 97 -3.19 -12.94 -19.13
C LYS B 97 -4.12 -14.12 -19.43
N THR B 98 -3.50 -15.29 -19.48
CA THR B 98 -4.18 -16.55 -19.65
C THR B 98 -4.76 -16.95 -18.28
N LEU B 99 -5.73 -17.87 -18.30
CA LEU B 99 -6.34 -18.41 -17.10
C LEU B 99 -5.82 -19.84 -16.97
N ALA B 100 -5.36 -20.21 -15.76
CA ALA B 100 -4.89 -21.57 -15.48
C ALA B 100 -6.06 -22.56 -15.56
N GLY B 101 -5.94 -23.55 -16.44
CA GLY B 101 -6.96 -24.56 -16.68
C GLY B 101 -6.50 -26.01 -16.60
N PRO B 102 -7.47 -26.95 -16.81
CA PRO B 102 -7.14 -28.38 -16.74
C PRO B 102 -6.07 -28.88 -17.70
N LYS B 103 -6.14 -28.42 -18.96
CA LYS B 103 -5.20 -28.78 -20.02
C LYS B 103 -4.02 -27.79 -20.09
N GLY B 104 -4.00 -26.80 -19.21
CA GLY B 104 -2.96 -25.79 -19.21
C GLY B 104 -3.56 -24.41 -19.40
N PRO B 105 -2.73 -23.40 -19.76
CA PRO B 105 -3.25 -22.01 -19.90
C PRO B 105 -4.36 -21.80 -20.93
N ILE B 106 -5.49 -21.23 -20.49
CA ILE B 106 -6.59 -20.88 -21.39
C ILE B 106 -6.34 -19.42 -21.81
N THR B 107 -6.22 -19.20 -23.13
CA THR B 107 -6.04 -17.88 -23.74
C THR B 107 -7.41 -17.15 -23.75
N GLN B 108 -7.39 -15.82 -23.55
CA GLN B 108 -8.61 -15.03 -23.58
C GLN B 108 -9.32 -15.16 -24.93
N MET B 109 -10.61 -15.37 -24.87
CA MET B 109 -11.44 -15.45 -26.06
C MET B 109 -11.84 -14.05 -26.45
N TYR B 110 -12.04 -13.19 -25.45
CA TYR B 110 -12.46 -11.82 -25.64
C TYR B 110 -11.64 -10.89 -24.78
N THR B 111 -11.26 -9.75 -25.36
CA THR B 111 -10.48 -8.71 -24.75
C THR B 111 -11.00 -7.41 -25.32
N ASN B 112 -11.82 -6.70 -24.54
CA ASN B 112 -12.35 -5.41 -24.94
C ASN B 112 -11.87 -4.40 -23.93
N VAL B 113 -10.78 -3.73 -24.28
CA VAL B 113 -10.17 -2.69 -23.45
C VAL B 113 -11.11 -1.48 -23.23
N ASP B 114 -11.91 -1.09 -24.25
CA ASP B 114 -12.83 0.04 -24.15
C ASP B 114 -13.92 -0.16 -23.08
N GLN B 115 -14.39 -1.39 -22.92
CA GLN B 115 -15.38 -1.77 -21.91
C GLN B 115 -14.68 -2.29 -20.62
N ASP B 116 -13.35 -2.54 -20.65
CA ASP B 116 -12.54 -3.05 -19.53
C ASP B 116 -12.93 -4.51 -19.24
N LEU B 117 -13.37 -5.21 -20.27
CA LEU B 117 -13.87 -6.56 -20.14
C LEU B 117 -13.03 -7.56 -20.87
N VAL B 118 -12.74 -8.63 -20.16
CA VAL B 118 -11.91 -9.75 -20.57
C VAL B 118 -12.73 -11.05 -20.32
N GLY B 119 -12.64 -12.02 -21.24
CA GLY B 119 -13.36 -13.28 -21.08
C GLY B 119 -12.60 -14.50 -21.58
N TRP B 120 -12.57 -15.57 -20.76
CA TRP B 120 -11.99 -16.88 -21.09
C TRP B 120 -13.13 -17.87 -21.18
N GLN B 121 -12.96 -18.94 -21.98
CA GLN B 121 -13.93 -20.03 -22.12
C GLN B 121 -13.96 -20.78 -20.77
N ALA B 122 -15.14 -20.86 -20.13
CA ALA B 122 -15.23 -21.53 -18.82
C ALA B 122 -14.89 -23.02 -18.84
N PRO B 123 -14.06 -23.49 -17.86
CA PRO B 123 -13.74 -24.93 -17.79
C PRO B 123 -14.94 -25.81 -17.40
N PRO B 124 -14.85 -27.16 -17.48
CA PRO B 124 -15.98 -27.99 -16.98
C PRO B 124 -16.22 -27.77 -15.48
N GLY B 125 -17.48 -27.84 -15.09
CA GLY B 125 -17.90 -27.64 -13.72
C GLY B 125 -18.45 -26.25 -13.45
N ALA B 126 -17.99 -25.26 -14.24
CA ALA B 126 -18.43 -23.88 -14.09
C ALA B 126 -19.91 -23.68 -14.41
N ARG B 127 -20.72 -23.47 -13.35
CA ARG B 127 -22.15 -23.22 -13.50
C ARG B 127 -22.23 -21.74 -13.87
N SER B 128 -22.80 -21.46 -15.02
CA SER B 128 -22.91 -20.09 -15.51
C SER B 128 -24.22 -19.43 -15.09
N LEU B 129 -24.15 -18.14 -14.66
CA LEU B 129 -25.32 -17.30 -14.37
C LEU B 129 -25.94 -17.03 -15.72
N THR B 130 -27.19 -16.55 -15.73
CA THR B 130 -27.86 -16.22 -17.00
C THR B 130 -28.27 -14.72 -17.06
N PRO B 131 -28.26 -14.02 -18.24
CA PRO B 131 -28.64 -12.60 -18.23
C PRO B 131 -30.06 -12.33 -17.74
N CYS B 132 -30.24 -11.19 -17.06
CA CYS B 132 -31.50 -10.71 -16.49
C CYS B 132 -32.46 -10.27 -17.59
N THR B 133 -33.74 -10.67 -17.45
CA THR B 133 -34.80 -10.35 -18.40
C THR B 133 -35.86 -9.39 -17.81
N CYS B 134 -36.00 -9.38 -16.45
CA CYS B 134 -37.00 -8.58 -15.72
C CYS B 134 -36.91 -7.05 -15.84
N GLY B 135 -35.72 -6.54 -16.17
CA GLY B 135 -35.47 -5.10 -16.33
C GLY B 135 -35.61 -4.30 -15.07
N SER B 136 -35.40 -4.96 -13.90
CA SER B 136 -35.46 -4.35 -12.56
C SER B 136 -34.35 -3.31 -12.33
N SER B 137 -34.64 -2.30 -11.48
CA SER B 137 -33.70 -1.25 -11.12
C SER B 137 -33.11 -1.48 -9.72
N ASP B 138 -33.70 -2.43 -8.96
CA ASP B 138 -33.22 -2.82 -7.63
C ASP B 138 -32.17 -3.90 -7.85
N LEU B 139 -30.89 -3.52 -7.68
CA LEU B 139 -29.74 -4.39 -7.95
C LEU B 139 -28.98 -4.77 -6.70
N TYR B 140 -28.16 -5.81 -6.82
CA TYR B 140 -27.39 -6.34 -5.71
C TYR B 140 -25.98 -6.66 -6.17
N LEU B 141 -25.01 -5.93 -5.60
CA LEU B 141 -23.59 -6.08 -5.88
C LEU B 141 -22.99 -7.11 -4.92
N VAL B 142 -22.34 -8.13 -5.49
CA VAL B 142 -21.69 -9.18 -4.70
C VAL B 142 -20.21 -8.79 -4.57
N THR B 143 -19.71 -8.66 -3.32
CA THR B 143 -18.32 -8.27 -3.07
C THR B 143 -17.44 -9.46 -2.81
N ARG B 144 -16.12 -9.25 -2.77
CA ARG B 144 -15.14 -10.31 -2.51
C ARG B 144 -15.26 -10.81 -1.07
N HIS B 145 -15.93 -10.01 -0.21
CA HIS B 145 -16.22 -10.28 1.20
C HIS B 145 -17.58 -11.00 1.33
N ALA B 146 -18.11 -11.50 0.19
CA ALA B 146 -19.37 -12.22 0.04
C ALA B 146 -20.56 -11.44 0.63
N ASP B 147 -20.48 -10.10 0.58
CA ASP B 147 -21.55 -9.25 1.04
C ASP B 147 -22.39 -8.85 -0.15
N VAL B 148 -23.71 -8.80 0.06
CA VAL B 148 -24.68 -8.46 -0.98
C VAL B 148 -25.15 -7.04 -0.70
N ILE B 149 -24.69 -6.12 -1.54
CA ILE B 149 -24.92 -4.70 -1.36
C ILE B 149 -26.01 -4.21 -2.29
N PRO B 150 -27.10 -3.61 -1.74
CA PRO B 150 -28.15 -3.08 -2.62
C PRO B 150 -27.70 -1.83 -3.39
N VAL B 151 -28.03 -1.81 -4.70
CA VAL B 151 -27.68 -0.78 -5.68
C VAL B 151 -28.96 -0.39 -6.45
N ARG B 152 -29.15 0.91 -6.72
CA ARG B 152 -30.28 1.41 -7.49
C ARG B 152 -29.76 1.77 -8.88
N ARG B 153 -30.23 1.07 -9.92
CA ARG B 153 -29.81 1.36 -11.29
C ARG B 153 -30.26 2.76 -11.69
N ARG B 154 -29.31 3.57 -12.18
CA ARG B 154 -29.57 4.93 -12.61
C ARG B 154 -29.40 5.13 -14.11
N GLY B 155 -28.66 4.23 -14.75
CA GLY B 155 -28.41 4.26 -16.18
C GLY B 155 -28.00 2.93 -16.74
N ASP B 156 -27.52 2.93 -17.99
CA ASP B 156 -27.09 1.73 -18.69
C ASP B 156 -25.99 1.03 -17.94
N SER B 157 -24.93 1.76 -17.55
CA SER B 157 -23.77 1.23 -16.86
C SER B 157 -23.58 1.81 -15.44
N ARG B 158 -24.62 2.48 -14.90
CA ARG B 158 -24.51 3.09 -13.56
C ARG B 158 -25.59 2.70 -12.61
N GLY B 159 -25.21 2.67 -11.34
CA GLY B 159 -26.09 2.39 -10.23
C GLY B 159 -25.59 3.06 -8.96
N SER B 160 -26.51 3.61 -8.14
CA SER B 160 -26.14 4.29 -6.90
C SER B 160 -26.27 3.41 -5.67
N LEU B 161 -25.27 3.48 -4.77
CA LEU B 161 -25.25 2.75 -3.52
C LEU B 161 -26.26 3.41 -2.60
N LEU B 162 -27.15 2.62 -1.97
CA LEU B 162 -28.19 3.11 -1.06
C LEU B 162 -27.57 3.79 0.18
N SER B 163 -26.41 3.29 0.61
CA SER B 163 -25.61 3.81 1.73
C SER B 163 -24.14 3.88 1.29
N PRO B 164 -23.57 5.10 1.20
CA PRO B 164 -22.17 5.24 0.75
C PRO B 164 -21.18 4.42 1.56
N ARG B 165 -20.27 3.77 0.86
CA ARG B 165 -19.26 2.92 1.46
C ARG B 165 -17.87 3.43 1.12
N PRO B 166 -16.86 3.32 2.02
CA PRO B 166 -15.51 3.80 1.65
C PRO B 166 -14.94 2.97 0.51
N VAL B 167 -14.16 3.62 -0.35
CA VAL B 167 -13.52 3.01 -1.51
C VAL B 167 -12.80 1.69 -1.22
N SER B 168 -12.05 1.65 -0.11
CA SER B 168 -11.26 0.48 0.30
C SER B 168 -12.11 -0.77 0.54
N TYR B 169 -13.40 -0.57 0.87
CA TYR B 169 -14.29 -1.69 1.07
C TYR B 169 -14.57 -2.46 -0.25
N LEU B 170 -14.63 -1.74 -1.39
CA LEU B 170 -14.92 -2.33 -2.69
C LEU B 170 -13.68 -2.76 -3.48
N LYS B 171 -12.46 -2.47 -3.00
CA LYS B 171 -11.26 -2.93 -3.69
C LYS B 171 -11.25 -4.45 -3.70
N GLY B 172 -10.89 -5.01 -4.86
CA GLY B 172 -10.83 -6.45 -5.10
C GLY B 172 -12.17 -7.07 -5.46
N SER B 173 -13.20 -6.25 -5.71
CA SER B 173 -14.53 -6.76 -6.08
C SER B 173 -14.87 -6.55 -7.54
N SER B 174 -13.97 -5.88 -8.31
CA SER B 174 -14.18 -5.68 -9.73
C SER B 174 -14.26 -7.05 -10.37
N GLY B 175 -15.12 -7.20 -11.39
CA GLY B 175 -15.35 -8.47 -12.06
C GLY B 175 -16.41 -9.29 -11.38
N GLY B 176 -16.96 -8.74 -10.29
CA GLY B 176 -18.04 -9.30 -9.49
C GLY B 176 -19.38 -8.99 -10.13
N PRO B 177 -20.45 -9.76 -9.85
CA PRO B 177 -21.71 -9.47 -10.53
C PRO B 177 -22.62 -8.47 -9.85
N LEU B 178 -23.47 -7.89 -10.68
CA LEU B 178 -24.57 -7.06 -10.30
C LEU B 178 -25.73 -7.91 -10.67
N LEU B 179 -26.44 -8.35 -9.64
CA LEU B 179 -27.59 -9.22 -9.76
C LEU B 179 -28.89 -8.47 -9.59
N CYS B 180 -29.95 -9.00 -10.20
CA CYS B 180 -31.30 -8.47 -10.09
C CYS B 180 -31.96 -9.21 -8.90
N PRO B 181 -33.19 -8.88 -8.42
CA PRO B 181 -33.78 -9.65 -7.30
C PRO B 181 -33.99 -11.16 -7.56
N SER B 182 -34.05 -11.55 -8.86
CA SER B 182 -34.29 -12.92 -9.29
C SER B 182 -33.01 -13.74 -9.43
N GLY B 183 -31.87 -13.10 -9.16
CA GLY B 183 -30.55 -13.72 -9.19
C GLY B 183 -29.89 -13.87 -10.54
N HIS B 184 -30.33 -13.06 -11.52
CA HIS B 184 -29.73 -13.05 -12.85
C HIS B 184 -28.69 -11.94 -12.97
N ALA B 185 -27.83 -12.04 -14.00
CA ALA B 185 -26.75 -11.09 -14.26
C ALA B 185 -27.19 -9.82 -15.01
N VAL B 186 -26.96 -8.66 -14.37
CA VAL B 186 -27.28 -7.34 -14.93
C VAL B 186 -26.04 -6.75 -15.60
N GLY B 187 -24.89 -6.98 -14.97
CA GLY B 187 -23.59 -6.54 -15.45
C GLY B 187 -22.47 -6.95 -14.51
N ILE B 188 -21.23 -6.62 -14.88
CA ILE B 188 -20.11 -6.91 -13.99
C ILE B 188 -19.53 -5.61 -13.45
N PHE B 189 -19.21 -5.59 -12.16
CA PHE B 189 -18.62 -4.45 -11.46
C PHE B 189 -17.24 -4.15 -12.05
N ARG B 190 -17.07 -2.90 -12.49
CA ARG B 190 -15.88 -2.41 -13.20
C ARG B 190 -15.13 -1.30 -12.42
N ALA B 191 -15.85 -0.23 -12.01
CA ALA B 191 -15.24 0.89 -11.30
C ALA B 191 -16.18 1.51 -10.27
N ALA B 192 -15.59 2.21 -9.28
CA ALA B 192 -16.33 2.90 -8.23
C ALA B 192 -16.45 4.39 -8.53
N VAL B 193 -17.67 4.93 -8.45
CA VAL B 193 -17.90 6.37 -8.61
C VAL B 193 -17.68 6.96 -7.22
N CYS B 194 -16.55 7.63 -7.02
CA CYS B 194 -16.19 8.14 -5.71
C CYS B 194 -15.72 9.60 -5.63
N THR B 195 -16.02 10.24 -4.49
CA THR B 195 -15.62 11.61 -4.14
C THR B 195 -14.87 11.55 -2.82
N ARG B 196 -13.63 12.07 -2.81
CA ARG B 196 -12.75 12.15 -1.63
C ARG B 196 -12.59 10.80 -0.85
N GLY B 197 -12.56 9.70 -1.60
CA GLY B 197 -12.41 8.35 -1.05
C GLY B 197 -13.66 7.68 -0.55
N VAL B 198 -14.85 8.25 -0.85
CA VAL B 198 -16.14 7.69 -0.45
C VAL B 198 -16.85 7.29 -1.73
N ALA B 199 -17.21 6.00 -1.85
CA ALA B 199 -17.92 5.49 -3.02
C ALA B 199 -19.41 5.71 -2.80
N LYS B 200 -20.05 6.41 -3.75
CA LYS B 200 -21.48 6.72 -3.67
C LYS B 200 -22.28 6.04 -4.80
N ALA B 201 -21.58 5.55 -5.83
CA ALA B 201 -22.17 4.85 -6.97
C ALA B 201 -21.17 3.84 -7.56
N VAL B 202 -21.67 2.92 -8.39
CA VAL B 202 -20.88 1.88 -9.07
C VAL B 202 -21.02 1.95 -10.59
N ASP B 203 -19.90 1.77 -11.29
CA ASP B 203 -19.92 1.71 -12.74
C ASP B 203 -19.75 0.23 -13.12
N PHE B 204 -20.62 -0.27 -14.02
CA PHE B 204 -20.57 -1.68 -14.40
C PHE B 204 -20.68 -1.92 -15.91
N VAL B 205 -20.14 -3.03 -16.39
CA VAL B 205 -20.28 -3.39 -17.81
C VAL B 205 -21.66 -4.01 -17.93
N PRO B 206 -22.56 -3.48 -18.79
CA PRO B 206 -23.88 -4.12 -18.96
C PRO B 206 -23.73 -5.49 -19.65
N VAL B 207 -24.55 -6.46 -19.23
CA VAL B 207 -24.57 -7.84 -19.72
C VAL B 207 -24.79 -7.94 -21.25
N GLU B 208 -25.52 -6.97 -21.81
CA GLU B 208 -25.84 -6.85 -23.23
C GLU B 208 -24.58 -6.45 -24.00
N SER B 209 -23.68 -5.66 -23.37
CA SER B 209 -22.41 -5.22 -23.95
C SER B 209 -21.41 -6.40 -24.04
N MET B 210 -21.65 -7.45 -23.22
CA MET B 210 -20.89 -8.71 -23.19
C MET B 210 -21.27 -9.56 -24.39
N GLU B 211 -22.58 -9.64 -24.74
CA GLU B 211 -23.05 -10.38 -25.92
C GLU B 211 -22.58 -9.67 -27.20
N THR B 212 -22.39 -8.33 -27.13
CA THR B 212 -21.84 -7.47 -28.20
C THR B 212 -20.37 -7.89 -28.41
N THR B 213 -19.66 -8.21 -27.30
CA THR B 213 -18.28 -8.68 -27.31
C THR B 213 -18.27 -10.11 -27.86
N MET B 214 -19.27 -10.93 -27.46
CA MET B 214 -19.42 -12.31 -27.94
C MET B 214 -19.59 -12.39 -29.47
N ARG B 215 -20.00 -11.27 -30.09
CA ARG B 215 -20.19 -11.11 -31.54
C ARG B 215 -18.84 -10.77 -32.24
N SER B 216 -18.07 -9.80 -31.69
CA SER B 216 -16.79 -9.32 -32.19
C SER B 216 -15.90 -10.39 -32.86
N PRO B 217 -15.38 -10.09 -34.08
CA PRO B 217 -14.54 -11.09 -34.78
C PRO B 217 -13.28 -11.60 -34.07
N VAL B 218 -12.92 -12.84 -34.41
CA VAL B 218 -11.76 -13.62 -33.92
C VAL B 218 -10.42 -13.07 -34.46
N PHE B 219 -10.46 -12.41 -35.64
CA PHE B 219 -9.27 -11.85 -36.28
C PHE B 219 -9.27 -10.32 -36.40
N THR B 220 -10.41 -9.75 -36.78
CA THR B 220 -10.57 -8.30 -36.98
C THR B 220 -9.54 -7.66 -37.90
N ASP B 221 -9.44 -8.14 -39.12
CA ASP B 221 -8.34 -7.76 -40.01
C ASP B 221 -8.18 -6.29 -40.37
N ASN B 222 -7.00 -5.74 -40.03
CA ASN B 222 -6.55 -4.38 -40.32
C ASN B 222 -5.01 -4.33 -40.41
N SER B 223 -4.46 -5.41 -40.99
CA SER B 223 -3.03 -5.60 -41.28
C SER B 223 -2.65 -4.85 -42.56
N SER B 224 -3.67 -4.56 -43.39
CA SER B 224 -3.54 -3.85 -44.66
C SER B 224 -4.15 -2.44 -44.57
N PRO B 225 -3.54 -1.43 -45.23
CA PRO B 225 -4.09 -0.07 -45.16
C PRO B 225 -5.48 0.07 -45.77
N PRO B 226 -6.35 0.91 -45.20
CA PRO B 226 -7.70 1.05 -45.76
C PRO B 226 -7.75 1.81 -47.09
N ALA B 227 -8.72 1.51 -47.94
CA ALA B 227 -8.89 2.25 -49.20
C ALA B 227 -9.57 3.57 -48.81
N VAL B 228 -9.28 4.66 -49.53
CA VAL B 228 -9.82 5.99 -49.22
C VAL B 228 -11.33 6.10 -49.45
N PRO B 229 -12.10 6.48 -48.42
CA PRO B 229 -13.56 6.54 -48.57
C PRO B 229 -14.12 7.83 -49.13
N GLN B 230 -15.39 7.75 -49.58
CA GLN B 230 -16.20 8.84 -50.13
C GLN B 230 -16.55 9.87 -49.03
N SER B 231 -16.92 9.37 -47.84
CA SER B 231 -17.26 10.14 -46.65
C SER B 231 -16.11 10.03 -45.65
N PHE B 232 -16.04 10.96 -44.68
CA PHE B 232 -14.99 10.93 -43.66
C PHE B 232 -15.11 9.65 -42.84
N GLN B 233 -13.96 9.06 -42.48
CA GLN B 233 -13.88 7.82 -41.72
C GLN B 233 -12.55 7.75 -40.92
N VAL B 234 -12.57 7.04 -39.78
CA VAL B 234 -11.44 6.78 -38.88
C VAL B 234 -11.14 5.29 -38.96
N ALA B 235 -9.97 4.94 -39.49
CA ALA B 235 -9.56 3.57 -39.66
C ALA B 235 -8.38 3.19 -38.76
N HIS B 236 -8.30 1.89 -38.44
CA HIS B 236 -7.20 1.35 -37.67
C HIS B 236 -6.25 0.58 -38.58
N LEU B 237 -4.94 0.72 -38.36
CA LEU B 237 -3.94 -0.04 -39.08
C LEU B 237 -3.02 -0.70 -38.07
N HIS B 238 -3.17 -2.02 -37.92
CA HIS B 238 -2.39 -2.83 -36.98
C HIS B 238 -1.43 -3.70 -37.77
N ALA B 239 -0.26 -3.17 -38.07
CA ALA B 239 0.75 -3.84 -38.86
C ALA B 239 2.10 -3.78 -38.18
N PRO B 240 3.01 -4.77 -38.39
CA PRO B 240 4.33 -4.72 -37.73
C PRO B 240 5.22 -3.53 -38.09
N THR B 241 6.23 -3.27 -37.26
CA THR B 241 7.20 -2.20 -37.51
C THR B 241 8.13 -2.65 -38.63
N GLY B 242 8.31 -1.76 -39.60
CA GLY B 242 9.18 -1.97 -40.75
C GLY B 242 8.40 -2.40 -41.97
N SER B 243 7.07 -2.54 -41.81
CA SER B 243 6.14 -2.95 -42.85
C SER B 243 5.71 -1.79 -43.79
N GLY B 244 6.32 -0.63 -43.56
CA GLY B 244 6.11 0.56 -44.38
C GLY B 244 4.83 1.31 -44.12
N LYS B 245 4.36 1.34 -42.85
CA LYS B 245 3.15 2.09 -42.45
C LYS B 245 3.43 3.60 -42.55
N SER B 246 4.70 3.96 -42.38
CA SER B 246 5.16 5.35 -42.44
C SER B 246 5.84 5.64 -43.77
N THR B 247 6.06 4.63 -44.61
CA THR B 247 6.77 4.80 -45.88
C THR B 247 6.02 4.33 -47.11
N LYS B 248 5.73 3.01 -47.22
CA LYS B 248 5.03 2.44 -48.37
C LYS B 248 3.58 2.96 -48.50
N VAL B 249 2.84 2.94 -47.37
CA VAL B 249 1.44 3.35 -47.24
C VAL B 249 1.26 4.82 -47.70
N PRO B 250 1.97 5.85 -47.12
CA PRO B 250 1.78 7.22 -47.65
C PRO B 250 2.15 7.38 -49.13
N ALA B 251 3.30 6.81 -49.57
CA ALA B 251 3.77 6.82 -50.96
C ALA B 251 2.72 6.25 -51.90
N ALA B 252 2.05 5.15 -51.50
CA ALA B 252 0.97 4.46 -52.22
C ALA B 252 -0.24 5.38 -52.37
N TYR B 253 -0.67 6.05 -51.28
CA TYR B 253 -1.79 7.01 -51.28
C TYR B 253 -1.47 8.21 -52.16
N ALA B 254 -0.21 8.69 -52.11
CA ALA B 254 0.27 9.86 -52.86
C ALA B 254 0.24 9.57 -54.35
N ALA B 255 0.60 8.32 -54.72
CA ALA B 255 0.59 7.82 -56.09
C ALA B 255 -0.85 7.84 -56.65
N GLN B 256 -1.88 7.68 -55.79
CA GLN B 256 -3.30 7.73 -56.15
C GLN B 256 -3.82 9.18 -56.29
N GLY B 257 -3.00 10.16 -55.93
CA GLY B 257 -3.35 11.57 -56.03
C GLY B 257 -3.91 12.24 -54.80
N TYR B 258 -3.69 11.66 -53.61
CA TYR B 258 -4.13 12.27 -52.35
C TYR B 258 -2.99 13.01 -51.62
N LYS B 259 -3.34 14.01 -50.80
CA LYS B 259 -2.42 14.77 -49.95
C LYS B 259 -2.40 14.01 -48.62
N VAL B 260 -1.20 13.59 -48.18
CA VAL B 260 -0.97 12.80 -46.97
C VAL B 260 -0.12 13.52 -45.91
N LEU B 261 -0.60 13.56 -44.65
CA LEU B 261 0.12 14.05 -43.49
C LEU B 261 0.43 12.82 -42.65
N VAL B 262 1.69 12.66 -42.23
CA VAL B 262 2.17 11.53 -41.43
C VAL B 262 2.71 12.06 -40.14
N LEU B 263 2.07 11.69 -39.02
CA LEU B 263 2.45 12.18 -37.69
C LEU B 263 3.18 11.15 -36.83
N ASN B 264 4.24 11.56 -36.12
CA ASN B 264 5.04 10.67 -35.26
C ASN B 264 5.44 11.37 -33.99
N PRO B 265 5.64 10.63 -32.89
CA PRO B 265 6.13 11.29 -31.66
C PRO B 265 7.59 11.78 -31.72
N SER B 266 8.47 11.11 -32.49
CA SER B 266 9.92 11.39 -32.59
C SER B 266 10.34 12.32 -33.71
N VAL B 267 11.24 13.28 -33.40
CA VAL B 267 11.85 14.20 -34.37
C VAL B 267 12.79 13.38 -35.27
N ALA B 268 13.65 12.54 -34.62
CA ALA B 268 14.61 11.67 -35.29
C ALA B 268 13.93 10.78 -36.33
N ALA B 269 12.78 10.17 -36.00
CA ALA B 269 12.02 9.35 -36.94
C ALA B 269 11.49 10.22 -38.08
N THR B 270 10.80 11.33 -37.75
CA THR B 270 10.27 12.28 -38.73
C THR B 270 11.30 12.72 -39.77
N LEU B 271 12.51 13.16 -39.33
CA LEU B 271 13.60 13.57 -40.23
C LEU B 271 14.05 12.39 -41.07
N GLY B 272 14.21 11.24 -40.41
CA GLY B 272 14.63 9.99 -41.01
C GLY B 272 13.81 9.63 -42.23
N PHE B 273 12.46 9.70 -42.08
CA PHE B 273 11.48 9.40 -43.13
C PHE B 273 11.62 10.24 -44.40
N GLY B 274 12.20 11.44 -44.27
CA GLY B 274 12.43 12.31 -45.40
C GLY B 274 13.58 11.84 -46.27
N ALA B 275 14.58 11.16 -45.66
CA ALA B 275 15.73 10.64 -46.39
C ALA B 275 15.37 9.35 -47.12
N TYR B 276 14.67 8.42 -46.43
CA TYR B 276 14.26 7.14 -47.00
C TYR B 276 13.29 7.36 -48.14
N MET B 277 12.27 8.21 -47.96
CA MET B 277 11.28 8.50 -48.99
C MET B 277 11.86 9.17 -50.25
N SER B 278 12.94 9.95 -50.08
CA SER B 278 13.61 10.61 -51.19
C SER B 278 14.34 9.56 -52.03
N LYS B 279 15.23 8.79 -51.41
CA LYS B 279 16.02 7.75 -52.05
C LYS B 279 15.17 6.60 -52.57
N ALA B 280 14.30 6.01 -51.72
CA ALA B 280 13.45 4.87 -52.08
C ALA B 280 12.22 5.13 -52.95
N HIS B 281 11.22 5.89 -52.44
CA HIS B 281 9.96 6.15 -53.15
C HIS B 281 9.96 7.34 -54.13
N GLY B 282 11.12 7.98 -54.29
CA GLY B 282 11.33 9.10 -55.21
C GLY B 282 10.51 10.35 -54.95
N ILE B 283 10.16 10.60 -53.68
CA ILE B 283 9.36 11.75 -53.24
C ILE B 283 10.16 12.57 -52.26
N ASP B 284 10.38 13.87 -52.55
CA ASP B 284 11.07 14.77 -51.60
C ASP B 284 9.95 15.34 -50.73
N PRO B 285 9.68 14.78 -49.53
CA PRO B 285 8.53 15.28 -48.77
C PRO B 285 8.76 16.55 -47.99
N ASN B 286 7.64 17.17 -47.57
CA ASN B 286 7.66 18.32 -46.68
C ASN B 286 7.95 17.77 -45.27
N ILE B 287 8.88 18.37 -44.56
CA ILE B 287 9.27 17.93 -43.21
C ILE B 287 8.91 19.01 -42.24
N ARG B 288 8.24 18.67 -41.15
CA ARG B 288 7.87 19.65 -40.17
C ARG B 288 8.20 19.20 -38.77
N THR B 289 9.30 19.75 -38.22
CA THR B 289 9.75 19.55 -36.84
C THR B 289 10.12 20.93 -36.31
N GLY B 290 10.25 21.06 -34.98
CA GLY B 290 10.60 22.31 -34.32
C GLY B 290 12.02 22.73 -34.67
N VAL B 291 12.88 21.71 -34.84
CA VAL B 291 14.28 21.87 -35.16
C VAL B 291 14.44 22.28 -36.65
N ARG B 292 13.78 21.54 -37.55
CA ARG B 292 13.93 21.68 -38.99
C ARG B 292 12.60 21.54 -39.73
N THR B 293 12.31 22.51 -40.58
CA THR B 293 11.14 22.51 -41.44
C THR B 293 11.62 22.64 -42.88
N ILE B 294 11.15 21.75 -43.76
CA ILE B 294 11.46 21.82 -45.19
C ILE B 294 10.12 21.84 -45.94
N THR B 295 9.93 22.76 -46.89
CA THR B 295 8.70 22.89 -47.66
C THR B 295 9.06 22.82 -49.13
N THR B 296 8.67 21.71 -49.76
CA THR B 296 8.93 21.38 -51.16
C THR B 296 7.65 21.53 -52.00
N GLY B 297 6.49 21.45 -51.33
CA GLY B 297 5.18 21.46 -51.95
C GLY B 297 4.77 20.06 -52.43
N ALA B 298 5.39 19.00 -51.89
CA ALA B 298 5.11 17.60 -52.25
C ALA B 298 3.74 17.15 -51.71
N PRO B 299 3.17 16.00 -52.15
CA PRO B 299 1.86 15.58 -51.62
C PRO B 299 1.96 14.83 -50.29
N VAL B 300 3.20 14.62 -49.77
CA VAL B 300 3.44 13.95 -48.47
C VAL B 300 4.16 14.89 -47.52
N THR B 301 3.65 14.97 -46.29
CA THR B 301 4.26 15.74 -45.23
C THR B 301 4.50 14.87 -44.03
N TYR B 302 5.71 14.94 -43.48
CA TYR B 302 6.08 14.26 -42.25
C TYR B 302 6.20 15.33 -41.19
N SER B 303 5.52 15.11 -40.08
CA SER B 303 5.53 16.06 -38.98
C SER B 303 5.49 15.33 -37.68
N THR B 304 6.01 15.95 -36.61
CA THR B 304 5.87 15.43 -35.26
C THR B 304 4.48 15.90 -34.75
N TYR B 305 3.98 15.28 -33.66
CA TYR B 305 2.70 15.72 -33.10
C TYR B 305 2.83 17.11 -32.51
N GLY B 306 3.99 17.40 -31.92
CA GLY B 306 4.31 18.69 -31.30
C GLY B 306 4.28 19.83 -32.29
N LYS B 307 4.95 19.65 -33.44
CA LYS B 307 4.97 20.66 -34.50
C LYS B 307 3.58 20.91 -35.04
N PHE B 308 2.80 19.84 -35.19
CA PHE B 308 1.42 19.88 -35.68
C PHE B 308 0.59 20.74 -34.71
N LEU B 309 0.79 20.54 -33.39
CA LEU B 309 0.10 21.29 -32.33
C LEU B 309 0.54 22.74 -32.32
N ALA B 310 1.86 22.99 -32.51
CA ALA B 310 2.48 24.30 -32.59
C ALA B 310 1.91 25.08 -33.77
N ASP B 311 1.73 24.40 -34.91
CA ASP B 311 1.18 24.96 -36.15
C ASP B 311 -0.29 25.34 -36.04
N GLY B 312 -0.95 24.91 -34.97
CA GLY B 312 -2.37 25.17 -34.78
C GLY B 312 -3.29 24.03 -35.17
N GLY B 313 -2.70 22.88 -35.49
CA GLY B 313 -3.43 21.69 -35.87
C GLY B 313 -3.84 21.72 -37.32
N CYS B 314 -5.04 21.25 -37.61
CA CYS B 314 -5.60 21.21 -38.96
C CYS B 314 -6.00 22.56 -39.49
N SER B 315 -5.58 22.81 -40.73
CA SER B 315 -5.98 23.98 -41.52
C SER B 315 -6.78 23.36 -42.65
N GLY B 316 -7.84 24.07 -43.06
CA GLY B 316 -8.74 23.61 -44.11
C GLY B 316 -8.08 23.18 -45.40
N GLY B 317 -8.67 22.13 -46.01
CA GLY B 317 -8.30 21.52 -47.28
C GLY B 317 -6.84 21.26 -47.54
N ALA B 318 -6.05 21.07 -46.46
CA ALA B 318 -4.61 20.82 -46.57
C ALA B 318 -4.29 19.37 -46.89
N TYR B 319 -4.98 18.41 -46.25
CA TYR B 319 -4.72 16.98 -46.44
C TYR B 319 -5.97 16.16 -46.66
N ASP B 320 -5.82 15.03 -47.38
CA ASP B 320 -6.90 14.07 -47.67
C ASP B 320 -6.85 12.93 -46.66
N ILE B 321 -5.62 12.43 -46.38
CA ILE B 321 -5.35 11.36 -45.43
C ILE B 321 -4.39 11.86 -44.35
N ILE B 322 -4.71 11.60 -43.08
CA ILE B 322 -3.82 11.90 -41.95
C ILE B 322 -3.49 10.56 -41.28
N ILE B 323 -2.21 10.21 -41.24
CA ILE B 323 -1.77 8.99 -40.61
C ILE B 323 -1.16 9.34 -39.26
N CYS B 324 -1.75 8.79 -38.21
CA CYS B 324 -1.27 8.97 -36.85
C CYS B 324 -0.45 7.74 -36.49
N ASP B 325 0.86 7.78 -36.76
CA ASP B 325 1.75 6.67 -36.48
C ASP B 325 2.07 6.61 -35.00
N GLU B 326 2.37 5.38 -34.50
CA GLU B 326 2.68 5.08 -33.11
C GLU B 326 1.55 5.61 -32.23
N CYS B 327 0.30 5.30 -32.62
CA CYS B 327 -0.88 5.77 -31.91
C CYS B 327 -1.14 5.08 -30.56
N HIS B 328 -0.29 4.16 -30.21
CA HIS B 328 -0.28 3.46 -28.92
C HIS B 328 0.45 4.33 -27.84
N SER B 329 1.27 5.35 -28.29
CA SER B 329 2.05 6.27 -27.45
C SER B 329 1.20 7.03 -26.48
N THR B 330 1.50 6.91 -25.19
CA THR B 330 0.75 7.64 -24.17
C THR B 330 1.46 8.88 -23.66
N ASP B 331 2.31 9.49 -24.50
CA ASP B 331 2.86 10.77 -24.08
C ASP B 331 1.79 11.85 -24.34
N SER B 332 1.80 12.93 -23.52
CA SER B 332 0.82 14.01 -23.61
C SER B 332 0.74 14.64 -25.00
N THR B 333 1.86 14.67 -25.74
CA THR B 333 1.89 15.30 -27.06
C THR B 333 1.11 14.50 -28.07
N THR B 334 1.29 13.16 -28.05
CA THR B 334 0.63 12.21 -28.94
C THR B 334 -0.88 12.19 -28.67
N ILE B 335 -1.26 12.14 -27.38
CA ILE B 335 -2.67 12.17 -26.98
C ILE B 335 -3.33 13.45 -27.45
N LEU B 336 -2.67 14.58 -27.20
CA LEU B 336 -3.19 15.88 -27.59
C LEU B 336 -3.19 16.05 -29.13
N GLY B 337 -2.19 15.47 -29.79
CA GLY B 337 -2.04 15.50 -31.23
C GLY B 337 -3.10 14.69 -31.92
N ILE B 338 -3.30 13.42 -31.47
CA ILE B 338 -4.32 12.52 -32.03
C ILE B 338 -5.71 13.10 -31.77
N GLY B 339 -5.93 13.58 -30.55
CA GLY B 339 -7.18 14.25 -30.16
C GLY B 339 -7.52 15.42 -31.07
N THR B 340 -6.48 16.23 -31.43
CA THR B 340 -6.62 17.38 -32.32
C THR B 340 -7.05 16.91 -33.69
N VAL B 341 -6.35 15.88 -34.24
CA VAL B 341 -6.69 15.28 -35.53
C VAL B 341 -8.15 14.81 -35.53
N LEU B 342 -8.56 14.05 -34.51
CA LEU B 342 -9.91 13.50 -34.39
C LEU B 342 -11.04 14.54 -34.25
N ASP B 343 -10.71 15.72 -33.73
CA ASP B 343 -11.67 16.81 -33.57
C ASP B 343 -11.75 17.69 -34.83
N GLN B 344 -10.61 17.92 -35.50
CA GLN B 344 -10.51 18.84 -36.64
C GLN B 344 -10.57 18.25 -38.06
N ALA B 345 -10.10 17.01 -38.26
CA ALA B 345 -10.00 16.38 -39.57
C ALA B 345 -11.21 16.41 -40.50
N GLU B 346 -12.43 15.99 -40.03
CA GLU B 346 -13.63 16.01 -40.87
C GLU B 346 -13.86 17.43 -41.42
N THR B 347 -13.85 18.44 -40.52
CA THR B 347 -14.04 19.86 -40.80
C THR B 347 -13.04 20.39 -41.84
N ALA B 348 -11.75 20.11 -41.67
CA ALA B 348 -10.69 20.56 -42.58
C ALA B 348 -10.65 19.84 -43.94
N GLY B 349 -11.68 19.02 -44.20
CA GLY B 349 -11.85 18.30 -45.46
C GLY B 349 -11.08 17.01 -45.69
N ALA B 350 -10.58 16.41 -44.61
CA ALA B 350 -9.84 15.14 -44.69
C ALA B 350 -10.87 14.02 -44.87
N ARG B 351 -10.53 13.00 -45.66
CA ARG B 351 -11.48 11.90 -45.91
C ARG B 351 -11.16 10.64 -45.12
N LEU B 352 -9.89 10.53 -44.62
CA LEU B 352 -9.44 9.37 -43.86
C LEU B 352 -8.41 9.69 -42.79
N VAL B 353 -8.63 9.19 -41.56
CA VAL B 353 -7.70 9.27 -40.43
C VAL B 353 -7.29 7.83 -40.15
N VAL B 354 -5.97 7.55 -40.19
CA VAL B 354 -5.46 6.20 -39.97
C VAL B 354 -4.65 6.12 -38.67
N LEU B 355 -5.24 5.48 -37.65
CA LEU B 355 -4.57 5.26 -36.38
C LEU B 355 -3.70 4.01 -36.58
N ALA B 356 -2.38 4.22 -36.80
CA ALA B 356 -1.41 3.16 -37.05
C ALA B 356 -0.52 2.82 -35.84
N THR B 357 -0.31 1.53 -35.61
CA THR B 357 0.48 1.00 -34.51
C THR B 357 0.80 -0.49 -34.73
N ALA B 358 1.94 -0.93 -34.13
CA ALA B 358 2.39 -2.32 -34.15
C ALA B 358 1.81 -3.04 -32.92
N THR B 359 1.59 -2.25 -31.84
CA THR B 359 1.12 -2.72 -30.54
C THR B 359 -0.20 -2.06 -30.10
N PRO B 360 -1.36 -2.45 -30.65
CA PRO B 360 -2.65 -1.85 -30.21
C PRO B 360 -3.00 -2.19 -28.72
N PRO B 361 -3.97 -1.51 -28.02
CA PRO B 361 -4.24 -1.88 -26.61
C PRO B 361 -4.67 -3.33 -26.46
N GLY B 362 -4.12 -4.02 -25.46
CA GLY B 362 -4.41 -5.43 -25.21
C GLY B 362 -3.47 -6.37 -25.93
N SER B 363 -2.40 -5.81 -26.52
CA SER B 363 -1.36 -6.56 -27.20
C SER B 363 -0.60 -7.47 -26.23
N VAL B 364 -0.20 -8.65 -26.74
CA VAL B 364 0.61 -9.63 -26.03
C VAL B 364 1.90 -9.79 -26.83
N THR B 365 3.07 -9.60 -26.19
CA THR B 365 4.35 -9.78 -26.91
C THR B 365 4.50 -11.21 -27.37
N VAL B 366 4.77 -11.35 -28.65
CA VAL B 366 4.94 -12.64 -29.31
C VAL B 366 6.41 -12.83 -29.68
N PRO B 367 6.89 -14.05 -29.88
CA PRO B 367 8.31 -14.21 -30.25
C PRO B 367 8.62 -13.52 -31.57
N HIS B 368 9.84 -13.03 -31.68
CA HIS B 368 10.30 -12.40 -32.91
C HIS B 368 11.25 -13.41 -33.61
N PRO B 369 11.03 -13.71 -34.93
CA PRO B 369 11.86 -14.71 -35.62
C PRO B 369 13.36 -14.41 -35.73
N ASN B 370 13.81 -13.13 -35.80
CA ASN B 370 15.26 -12.93 -35.78
C ASN B 370 15.79 -12.28 -34.50
N ILE B 371 15.12 -12.61 -33.37
CA ILE B 371 15.53 -12.20 -32.03
C ILE B 371 15.58 -13.37 -31.07
N GLU B 372 16.80 -13.73 -30.64
CA GLU B 372 17.05 -14.75 -29.62
C GLU B 372 16.93 -14.04 -28.24
N GLU B 373 16.03 -14.55 -27.39
CA GLU B 373 15.72 -14.05 -26.06
C GLU B 373 16.40 -14.93 -24.98
N VAL B 374 17.30 -14.32 -24.18
CA VAL B 374 18.06 -15.02 -23.15
C VAL B 374 17.90 -14.34 -21.81
N ALA B 375 17.30 -15.02 -20.85
CA ALA B 375 17.15 -14.48 -19.50
C ALA B 375 18.54 -14.23 -18.87
N LEU B 376 18.74 -13.07 -18.18
CA LEU B 376 20.02 -12.86 -17.50
C LEU B 376 20.11 -13.82 -16.28
N SER B 377 21.32 -14.20 -15.90
CA SER B 377 21.48 -15.05 -14.74
C SER B 377 22.25 -14.25 -13.67
N ASN B 378 22.85 -14.89 -12.69
CA ASN B 378 23.72 -14.22 -11.72
C ASN B 378 25.18 -14.51 -12.07
N THR B 379 25.38 -15.25 -13.16
CA THR B 379 26.71 -15.52 -13.67
C THR B 379 27.08 -14.33 -14.58
N GLY B 380 27.96 -13.47 -14.09
CA GLY B 380 28.45 -12.34 -14.85
C GLY B 380 29.30 -11.41 -14.01
N GLU B 381 30.09 -10.56 -14.68
CA GLU B 381 30.97 -9.63 -13.99
C GLU B 381 30.38 -8.25 -13.78
N ILE B 382 29.25 -7.97 -14.45
CA ILE B 382 28.59 -6.66 -14.37
C ILE B 382 27.24 -6.78 -13.65
N PRO B 383 27.10 -6.19 -12.44
CA PRO B 383 25.79 -6.19 -11.76
C PRO B 383 24.77 -5.42 -12.57
N PHE B 384 23.56 -5.99 -12.70
CA PHE B 384 22.48 -5.34 -13.41
C PHE B 384 21.18 -5.80 -12.86
N TYR B 385 20.49 -4.89 -12.14
CA TYR B 385 19.17 -5.10 -11.54
C TYR B 385 18.97 -6.43 -10.77
N GLY B 386 19.96 -6.78 -9.95
CA GLY B 386 19.91 -7.98 -9.14
C GLY B 386 20.46 -9.19 -9.85
N LYS B 387 20.57 -9.10 -11.18
CA LYS B 387 21.14 -10.12 -12.04
C LYS B 387 22.55 -9.65 -12.47
N ALA B 388 23.11 -10.30 -13.50
CA ALA B 388 24.46 -9.95 -13.93
C ALA B 388 24.61 -10.05 -15.44
N ILE B 389 25.51 -9.22 -15.98
CA ILE B 389 25.83 -9.21 -17.40
C ILE B 389 27.23 -9.76 -17.55
N PRO B 390 27.44 -10.87 -18.31
CA PRO B 390 28.81 -11.33 -18.55
C PRO B 390 29.52 -10.29 -19.43
N ILE B 391 30.79 -9.99 -19.11
CA ILE B 391 31.60 -9.03 -19.88
C ILE B 391 31.66 -9.39 -21.41
N GLU B 392 31.67 -10.67 -21.75
CA GLU B 392 31.76 -11.18 -23.14
C GLU B 392 30.56 -10.81 -24.01
N ALA B 393 29.36 -10.70 -23.41
CA ALA B 393 28.12 -10.33 -24.08
C ALA B 393 28.12 -8.89 -24.62
N ILE B 394 28.95 -8.01 -24.04
CA ILE B 394 29.01 -6.59 -24.40
C ILE B 394 30.37 -6.05 -24.87
N ARG B 395 31.48 -6.78 -24.62
CA ARG B 395 32.83 -6.36 -25.04
C ARG B 395 32.96 -6.52 -26.57
N GLY B 396 32.96 -5.41 -27.28
CA GLY B 396 32.97 -5.44 -28.73
C GLY B 396 31.56 -5.59 -29.27
N GLY B 397 31.25 -4.84 -30.33
CA GLY B 397 29.91 -4.82 -30.92
C GLY B 397 29.11 -3.64 -30.43
N ARG B 398 27.91 -3.45 -30.95
CA ARG B 398 27.07 -2.31 -30.51
C ARG B 398 25.88 -2.78 -29.71
N HIS B 399 25.84 -2.37 -28.46
CA HIS B 399 24.84 -2.81 -27.50
C HIS B 399 24.10 -1.69 -26.83
N LEU B 400 22.83 -1.95 -26.56
CA LEU B 400 21.95 -0.98 -25.90
C LEU B 400 21.43 -1.61 -24.64
N ILE B 401 21.64 -0.93 -23.51
CA ILE B 401 21.18 -1.36 -22.20
C ILE B 401 20.17 -0.36 -21.74
N PHE B 402 18.94 -0.84 -21.41
CA PHE B 402 17.88 0.00 -20.89
C PHE B 402 17.84 0.00 -19.41
N CYS B 403 17.92 1.20 -18.85
CA CYS B 403 17.82 1.49 -17.44
C CYS B 403 16.56 2.34 -17.22
N HIS B 404 15.97 2.26 -16.02
CA HIS B 404 14.74 2.99 -15.71
C HIS B 404 14.98 4.44 -15.38
N SER B 405 16.22 4.83 -15.00
CA SER B 405 16.53 6.21 -14.59
C SER B 405 17.89 6.71 -15.06
N LYS B 406 17.99 8.07 -15.17
CA LYS B 406 19.22 8.81 -15.46
C LYS B 406 20.35 8.41 -14.46
N LYS B 407 19.99 8.23 -13.16
CA LYS B 407 20.96 7.83 -12.11
C LYS B 407 21.65 6.51 -12.45
N LYS B 408 20.83 5.48 -12.77
CA LYS B 408 21.26 4.13 -13.12
C LYS B 408 22.11 4.10 -14.40
N CYS B 409 21.78 4.97 -15.39
CA CYS B 409 22.55 5.16 -16.64
C CYS B 409 23.97 5.62 -16.34
N ASP B 410 24.10 6.69 -15.50
CA ASP B 410 25.37 7.26 -15.09
C ASP B 410 26.26 6.24 -14.41
N GLU B 411 25.69 5.50 -13.44
CA GLU B 411 26.41 4.47 -12.67
C GLU B 411 26.88 3.35 -13.59
N LEU B 412 25.99 2.82 -14.46
CA LEU B 412 26.34 1.71 -15.36
C LEU B 412 27.38 2.09 -16.39
N ALA B 413 27.22 3.26 -17.05
CA ALA B 413 28.21 3.78 -18.01
C ALA B 413 29.56 4.05 -17.35
N ALA B 414 29.57 4.44 -16.06
CA ALA B 414 30.84 4.67 -15.33
C ALA B 414 31.55 3.36 -14.98
N LYS B 415 30.78 2.33 -14.54
CA LYS B 415 31.26 1.00 -14.17
C LYS B 415 31.92 0.34 -15.41
N LEU B 416 31.23 0.45 -16.60
CA LEU B 416 31.69 -0.08 -17.88
C LEU B 416 32.92 0.64 -18.42
N SER B 417 32.98 1.97 -18.23
CA SER B 417 34.15 2.77 -18.64
C SER B 417 35.37 2.42 -17.81
N GLY B 418 35.14 2.01 -16.55
CA GLY B 418 36.21 1.56 -15.66
C GLY B 418 36.78 0.24 -16.10
N LEU B 419 35.95 -0.58 -16.77
CA LEU B 419 36.34 -1.88 -17.29
C LEU B 419 36.88 -1.79 -18.74
N GLY B 420 37.23 -0.56 -19.18
CA GLY B 420 37.73 -0.29 -20.51
C GLY B 420 36.72 -0.41 -21.64
N ILE B 421 35.41 -0.58 -21.30
CA ILE B 421 34.37 -0.66 -22.32
C ILE B 421 34.05 0.76 -22.82
N ASN B 422 33.71 0.89 -24.10
CA ASN B 422 33.27 2.17 -24.67
C ASN B 422 31.80 2.37 -24.38
N ALA B 423 31.52 2.93 -23.18
CA ALA B 423 30.14 3.13 -22.72
C ALA B 423 29.71 4.58 -22.71
N VAL B 424 28.46 4.79 -23.04
CA VAL B 424 27.83 6.11 -23.11
C VAL B 424 26.41 6.05 -22.53
N ALA B 425 26.08 7.05 -21.68
CA ALA B 425 24.74 7.21 -21.11
C ALA B 425 23.95 8.21 -21.98
N TYR B 426 22.67 7.94 -22.18
CA TYR B 426 21.80 8.82 -22.94
C TYR B 426 20.42 8.90 -22.28
N TYR B 427 19.94 10.11 -22.06
CA TYR B 427 18.64 10.38 -21.45
C TYR B 427 18.18 11.80 -21.80
N ARG B 428 16.98 12.22 -21.31
CA ARG B 428 16.39 13.54 -21.52
C ARG B 428 17.32 14.67 -21.05
N GLY B 429 17.54 15.63 -21.94
CA GLY B 429 18.38 16.78 -21.68
C GLY B 429 19.80 16.63 -22.18
N LEU B 430 20.08 15.47 -22.83
CA LEU B 430 21.40 15.19 -23.41
C LEU B 430 21.32 15.22 -24.91
N ASP B 431 22.40 15.65 -25.59
CA ASP B 431 22.33 15.61 -27.04
C ASP B 431 22.63 14.21 -27.52
N VAL B 432 21.93 13.82 -28.59
CA VAL B 432 22.03 12.53 -29.24
C VAL B 432 23.44 12.26 -29.87
N SER B 433 24.30 13.32 -29.98
CA SER B 433 25.66 13.21 -30.50
C SER B 433 26.51 12.35 -29.58
N VAL B 434 26.07 12.19 -28.28
CA VAL B 434 26.73 11.34 -27.28
C VAL B 434 26.84 9.88 -27.81
N ILE B 435 25.84 9.43 -28.59
CA ILE B 435 25.85 8.11 -29.23
C ILE B 435 26.74 8.10 -30.48
N PRO B 436 27.85 7.32 -30.50
CA PRO B 436 28.65 7.19 -31.73
C PRO B 436 27.87 6.41 -32.77
N THR B 437 27.81 6.91 -34.01
CA THR B 437 27.04 6.19 -35.02
C THR B 437 27.79 5.03 -35.64
N ILE B 438 29.10 4.86 -35.29
CA ILE B 438 29.82 3.79 -35.93
C ILE B 438 30.92 3.44 -34.88
N GLY B 439 31.29 2.21 -34.66
CA GLY B 439 32.25 2.04 -33.55
C GLY B 439 31.54 1.03 -32.65
N ASP B 440 32.34 0.31 -31.81
CA ASP B 440 31.93 -0.57 -30.73
C ASP B 440 31.34 0.38 -29.67
N VAL B 441 30.20 0.04 -29.10
CA VAL B 441 29.58 0.91 -28.11
C VAL B 441 28.57 0.20 -27.26
N VAL B 442 28.51 0.60 -25.99
CA VAL B 442 27.46 0.20 -25.08
C VAL B 442 26.70 1.49 -24.71
N VAL B 443 25.48 1.62 -25.26
CA VAL B 443 24.59 2.76 -24.98
C VAL B 443 23.75 2.39 -23.76
N VAL B 444 23.90 3.12 -22.68
CA VAL B 444 23.10 2.91 -21.48
C VAL B 444 22.04 4.03 -21.50
N ALA B 445 20.78 3.66 -21.73
CA ALA B 445 19.75 4.66 -21.93
C ALA B 445 18.44 4.41 -21.21
N THR B 446 17.62 5.47 -21.09
CA THR B 446 16.24 5.44 -20.59
C THR B 446 15.35 5.43 -21.87
N ASP B 447 14.01 5.41 -21.72
CA ASP B 447 13.07 5.40 -22.87
C ASP B 447 13.18 6.67 -23.72
N ALA B 448 13.94 7.68 -23.23
CA ALA B 448 14.26 8.91 -23.96
C ALA B 448 14.95 8.59 -25.31
N LEU B 449 15.60 7.41 -25.42
CA LEU B 449 16.28 6.95 -26.64
C LEU B 449 15.30 6.75 -27.79
N MET B 450 14.15 6.14 -27.46
CA MET B 450 13.05 5.84 -28.38
C MET B 450 12.59 7.00 -29.25
N THR B 451 12.74 8.25 -28.80
CA THR B 451 12.34 9.45 -29.51
C THR B 451 13.52 10.31 -29.97
N GLY B 452 14.70 10.03 -29.44
CA GLY B 452 15.90 10.79 -29.77
C GLY B 452 16.79 10.14 -30.81
N TYR B 453 16.84 8.81 -30.82
CA TYR B 453 17.74 8.03 -31.65
C TYR B 453 17.06 7.03 -32.53
N THR B 454 17.41 7.03 -33.81
CA THR B 454 16.93 6.10 -34.82
C THR B 454 17.37 4.64 -34.81
N GLY B 455 18.62 4.41 -34.47
CA GLY B 455 19.33 3.18 -34.72
C GLY B 455 19.05 1.87 -34.03
N ASP B 456 19.66 0.84 -34.59
CA ASP B 456 19.50 -0.56 -34.30
C ASP B 456 20.77 -1.08 -33.66
N PHE B 457 20.66 -2.08 -32.80
CA PHE B 457 21.78 -2.63 -32.08
C PHE B 457 21.95 -4.12 -32.27
N ASP B 458 23.15 -4.63 -31.94
CA ASP B 458 23.46 -6.04 -32.00
C ASP B 458 22.67 -6.79 -30.97
N SER B 459 22.52 -6.19 -29.81
CA SER B 459 21.80 -6.74 -28.67
C SER B 459 21.19 -5.64 -27.83
N VAL B 460 20.14 -6.02 -27.10
CA VAL B 460 19.42 -5.15 -26.18
C VAL B 460 19.35 -5.87 -24.84
N ILE B 461 19.71 -5.16 -23.76
CA ILE B 461 19.61 -5.66 -22.40
C ILE B 461 18.58 -4.79 -21.72
N ASP B 462 17.48 -5.43 -21.30
CA ASP B 462 16.33 -4.74 -20.74
C ASP B 462 16.19 -5.02 -19.24
N CYS B 463 16.07 -3.92 -18.44
CA CYS B 463 15.86 -3.96 -16.99
C CYS B 463 14.41 -4.35 -16.65
N ASN B 464 13.51 -4.25 -17.65
CA ASN B 464 12.10 -4.61 -17.61
C ASN B 464 11.23 -3.74 -16.70
N THR B 465 11.75 -2.57 -16.36
CA THR B 465 11.06 -1.61 -15.52
C THR B 465 11.06 -0.23 -16.16
N CYS B 466 10.04 0.54 -15.85
CA CYS B 466 9.98 1.92 -16.32
C CYS B 466 9.50 2.86 -15.24
N VAL B 467 9.56 4.14 -15.56
CA VAL B 467 9.15 5.20 -14.65
C VAL B 467 7.88 5.80 -15.19
N THR B 468 6.88 5.90 -14.34
CA THR B 468 5.61 6.50 -14.70
C THR B 468 5.23 7.58 -13.68
N GLN B 469 4.41 8.54 -14.09
CA GLN B 469 3.90 9.58 -13.18
C GLN B 469 2.48 9.22 -12.84
N THR B 470 2.10 9.27 -11.56
CA THR B 470 0.72 8.93 -11.18
C THR B 470 0.12 10.04 -10.38
N VAL B 471 -1.18 10.25 -10.56
CA VAL B 471 -1.87 11.27 -9.80
C VAL B 471 -2.54 10.57 -8.63
N ASP B 472 -2.40 11.18 -7.46
CA ASP B 472 -2.99 10.72 -6.22
C ASP B 472 -3.86 11.84 -5.69
N PHE B 473 -5.19 11.65 -5.61
CA PHE B 473 -6.07 12.68 -5.05
C PHE B 473 -6.01 12.57 -3.52
N SER B 474 -4.84 12.99 -2.99
CA SER B 474 -4.38 12.90 -1.61
C SER B 474 -5.00 13.86 -0.55
N LEU B 475 -5.68 14.93 -0.98
CA LEU B 475 -6.34 15.87 -0.05
C LEU B 475 -5.42 16.53 0.97
N ASP B 476 -4.14 16.62 0.65
CA ASP B 476 -3.11 17.18 1.52
C ASP B 476 -2.40 18.44 0.92
N PRO B 477 -3.09 19.49 0.43
CA PRO B 477 -4.54 19.76 0.45
C PRO B 477 -5.32 19.28 -0.76
N THR B 478 -4.63 18.99 -1.87
CA THR B 478 -5.33 18.74 -3.11
C THR B 478 -5.01 17.42 -3.76
N PHE B 479 -4.01 17.41 -4.62
CA PHE B 479 -3.55 16.22 -5.32
C PHE B 479 -2.04 16.16 -5.33
N THR B 480 -1.51 15.00 -5.72
CA THR B 480 -0.07 14.78 -5.78
C THR B 480 0.28 14.12 -7.10
N ILE B 481 1.35 14.62 -7.73
CA ILE B 481 1.90 13.99 -8.94
C ILE B 481 3.24 13.38 -8.58
N GLU B 482 3.22 12.06 -8.36
CA GLU B 482 4.38 11.26 -7.97
C GLU B 482 4.94 10.44 -9.10
N THR B 483 6.27 10.35 -9.16
CA THR B 483 7.01 9.51 -10.11
C THR B 483 7.19 8.12 -9.45
N THR B 484 6.78 7.06 -10.15
CA THR B 484 6.92 5.69 -9.65
C THR B 484 7.57 4.74 -10.66
N THR B 485 8.26 3.72 -10.14
CA THR B 485 8.89 2.64 -10.91
C THR B 485 7.86 1.53 -11.03
N VAL B 486 7.63 1.06 -12.25
CA VAL B 486 6.63 0.02 -12.50
C VAL B 486 7.17 -1.08 -13.42
N PRO B 487 6.62 -2.31 -13.42
CA PRO B 487 7.05 -3.29 -14.42
C PRO B 487 6.57 -2.83 -15.80
N GLN B 488 7.33 -3.11 -16.82
CA GLN B 488 7.00 -2.71 -18.17
C GLN B 488 5.76 -3.43 -18.71
N ASP B 489 5.10 -2.85 -19.70
CA ASP B 489 3.95 -3.41 -20.37
C ASP B 489 4.35 -3.99 -21.73
N ALA B 490 3.46 -4.70 -22.40
CA ALA B 490 3.69 -5.26 -23.72
C ALA B 490 4.19 -4.26 -24.79
N VAL B 491 3.81 -2.95 -24.71
CA VAL B 491 4.29 -1.92 -25.65
C VAL B 491 5.73 -1.61 -25.35
N SER B 492 6.07 -1.34 -24.07
CA SER B 492 7.43 -1.05 -23.63
C SER B 492 8.38 -2.17 -24.04
N ARG B 493 8.02 -3.45 -23.73
CA ARG B 493 8.82 -4.62 -24.06
C ARG B 493 9.08 -4.71 -25.54
N SER B 494 8.07 -4.42 -26.35
CA SER B 494 8.15 -4.48 -27.79
C SER B 494 9.03 -3.36 -28.36
N GLN B 495 8.83 -2.09 -27.95
CA GLN B 495 9.64 -0.97 -28.46
C GLN B 495 11.14 -1.20 -28.15
N ARG B 496 11.45 -1.60 -26.88
CA ARG B 496 12.79 -1.87 -26.38
C ARG B 496 13.43 -3.03 -27.14
N ARG B 497 12.80 -4.25 -27.12
CA ARG B 497 13.27 -5.43 -27.87
C ARG B 497 13.43 -5.13 -29.36
N GLY B 498 12.48 -4.33 -29.90
CA GLY B 498 12.46 -3.86 -31.27
C GLY B 498 13.66 -3.06 -31.71
N ARG B 499 14.61 -2.75 -30.80
CA ARG B 499 15.83 -2.01 -31.15
C ARG B 499 16.96 -2.93 -31.63
N THR B 500 16.66 -4.22 -31.70
CA THR B 500 17.53 -5.24 -32.27
C THR B 500 16.66 -6.10 -33.22
N GLY B 501 17.28 -6.84 -34.14
CA GLY B 501 16.60 -7.74 -35.06
C GLY B 501 16.01 -7.12 -36.31
N ARG B 502 16.34 -5.86 -36.60
CA ARG B 502 15.83 -5.17 -37.80
C ARG B 502 16.79 -5.38 -38.95
N GLY B 503 16.54 -6.41 -39.74
CA GLY B 503 17.37 -6.70 -40.90
C GLY B 503 18.67 -7.43 -40.63
N ARG B 504 18.83 -7.95 -39.41
CA ARG B 504 19.99 -8.75 -38.98
C ARG B 504 19.66 -9.38 -37.65
N ARG B 505 20.17 -10.60 -37.43
CA ARG B 505 19.99 -11.43 -36.24
C ARG B 505 20.30 -10.66 -34.95
N GLY B 506 19.33 -10.58 -34.06
CA GLY B 506 19.50 -9.84 -32.82
C GLY B 506 19.42 -10.71 -31.58
N ILE B 507 19.93 -10.19 -30.47
CA ILE B 507 19.86 -10.85 -29.17
C ILE B 507 19.19 -9.88 -28.17
N TYR B 508 18.25 -10.42 -27.37
CA TYR B 508 17.52 -9.69 -26.34
C TYR B 508 17.68 -10.42 -25.01
N ARG B 509 18.31 -9.74 -24.04
CA ARG B 509 18.55 -10.25 -22.69
C ARG B 509 17.68 -9.46 -21.73
N PHE B 510 17.06 -10.15 -20.77
CA PHE B 510 16.11 -9.52 -19.83
C PHE B 510 16.31 -9.96 -18.37
N VAL B 511 15.84 -9.14 -17.44
CA VAL B 511 15.87 -9.41 -16.01
C VAL B 511 14.64 -10.30 -15.60
N THR B 512 13.48 -10.02 -16.17
CA THR B 512 12.24 -10.72 -15.84
C THR B 512 11.31 -10.81 -17.05
N PRO B 513 10.51 -11.84 -17.14
CA PRO B 513 9.54 -12.00 -18.20
C PRO B 513 8.21 -11.32 -17.88
N GLY B 514 8.02 -10.90 -16.65
CA GLY B 514 6.75 -10.34 -16.27
C GLY B 514 6.41 -9.06 -16.97
N GLU B 515 5.24 -9.02 -17.58
CA GLU B 515 4.76 -7.83 -18.24
C GLU B 515 3.36 -7.45 -17.83
N ARG B 516 3.16 -6.19 -17.48
CA ARG B 516 1.85 -5.62 -17.07
C ARG B 516 0.92 -5.25 -18.29
N PRO B 517 -0.41 -4.96 -18.10
CA PRO B 517 -1.28 -4.68 -19.25
C PRO B 517 -1.06 -3.35 -20.01
N SER B 518 -0.90 -3.45 -21.32
CA SER B 518 -0.76 -2.31 -22.22
C SER B 518 -2.13 -1.63 -22.55
N GLY B 519 -2.10 -0.43 -23.11
CA GLY B 519 -3.29 0.31 -23.53
C GLY B 519 -4.04 1.10 -22.49
N MET B 520 -3.42 1.36 -21.36
CA MET B 520 -4.07 2.13 -20.30
C MET B 520 -3.13 3.18 -19.84
N PHE B 521 -3.64 4.37 -19.51
CA PHE B 521 -2.77 5.42 -19.01
C PHE B 521 -3.34 6.17 -17.81
N ASP B 522 -2.45 6.85 -17.07
CA ASP B 522 -2.84 7.61 -15.87
C ASP B 522 -3.46 9.00 -16.18
N SER B 523 -4.35 9.46 -15.25
CA SER B 523 -5.01 10.77 -15.29
C SER B 523 -3.98 11.92 -15.27
N SER B 524 -2.79 11.69 -14.69
CA SER B 524 -1.71 12.69 -14.70
C SER B 524 -1.25 12.99 -16.14
N VAL B 525 -1.52 12.07 -17.07
CA VAL B 525 -1.17 12.29 -18.48
C VAL B 525 -2.12 13.36 -19.04
N LEU B 526 -3.43 13.32 -18.60
CA LEU B 526 -4.41 14.32 -18.99
C LEU B 526 -3.98 15.67 -18.44
N CYS B 527 -3.54 15.70 -17.15
CA CYS B 527 -3.05 16.90 -16.48
C CYS B 527 -1.87 17.52 -17.28
N GLU B 528 -0.98 16.66 -17.88
CA GLU B 528 0.14 17.08 -18.72
C GLU B 528 -0.36 17.70 -20.01
N CYS B 529 -1.50 17.20 -20.55
CA CYS B 529 -2.11 17.76 -21.76
C CYS B 529 -2.61 19.18 -21.55
N TYR B 530 -3.29 19.44 -20.42
CA TYR B 530 -3.76 20.79 -20.09
C TYR B 530 -2.55 21.69 -19.83
N ASP B 531 -1.51 21.14 -19.21
CA ASP B 531 -0.27 21.84 -18.95
C ASP B 531 0.41 22.29 -20.26
N ALA B 532 0.59 21.37 -21.21
CA ALA B 532 1.19 21.63 -22.52
C ALA B 532 0.35 22.61 -23.32
N GLY B 533 -0.98 22.43 -23.28
CA GLY B 533 -1.93 23.32 -23.93
C GLY B 533 -1.73 24.77 -23.52
N CYS B 534 -1.55 25.01 -22.22
CA CYS B 534 -1.32 26.33 -21.64
C CYS B 534 0.09 26.84 -21.92
N ALA B 535 1.11 26.04 -21.53
CA ALA B 535 2.52 26.39 -21.65
C ALA B 535 3.00 26.60 -23.08
N TRP B 536 2.67 25.67 -23.99
CA TRP B 536 3.18 25.65 -25.35
C TRP B 536 2.22 25.94 -26.45
N TYR B 537 0.98 25.46 -26.35
CA TYR B 537 0.07 25.55 -27.47
C TYR B 537 -0.97 26.65 -27.51
N GLU B 538 -0.88 27.64 -26.57
CA GLU B 538 -1.80 28.77 -26.49
C GLU B 538 -3.25 28.28 -26.60
N LEU B 539 -3.51 27.19 -25.88
CA LEU B 539 -4.77 26.49 -25.82
C LEU B 539 -5.39 26.76 -24.47
N THR B 540 -6.67 27.17 -24.46
CA THR B 540 -7.40 27.44 -23.22
C THR B 540 -7.81 26.07 -22.70
N PRO B 541 -8.02 25.88 -21.38
CA PRO B 541 -8.51 24.59 -20.89
C PRO B 541 -9.71 24.02 -21.67
N ALA B 542 -10.66 24.89 -22.07
CA ALA B 542 -11.84 24.49 -22.84
C ALA B 542 -11.50 23.92 -24.22
N GLU B 543 -10.49 24.51 -24.89
CA GLU B 543 -10.02 24.03 -26.19
C GLU B 543 -9.41 22.64 -26.04
N THR B 544 -8.58 22.43 -24.98
CA THR B 544 -7.90 21.16 -24.69
C THR B 544 -8.93 20.05 -24.45
N SER B 545 -9.94 20.32 -23.59
CA SER B 545 -11.01 19.38 -23.28
C SER B 545 -11.67 18.88 -24.55
N VAL B 546 -11.98 19.80 -25.47
CA VAL B 546 -12.60 19.47 -26.76
C VAL B 546 -11.76 18.40 -27.48
N ARG B 547 -10.44 18.64 -27.58
CA ARG B 547 -9.47 17.78 -28.25
C ARG B 547 -9.30 16.42 -27.58
N LEU B 548 -9.20 16.39 -26.24
CA LEU B 548 -9.08 15.14 -25.49
C LEU B 548 -10.36 14.30 -25.53
N ARG B 549 -11.54 14.93 -25.57
CA ARG B 549 -12.84 14.25 -25.66
C ARG B 549 -12.89 13.45 -26.96
N ALA B 550 -12.42 14.06 -28.08
CA ALA B 550 -12.36 13.42 -29.38
C ALA B 550 -11.50 12.15 -29.28
N TYR B 551 -10.39 12.19 -28.48
CA TYR B 551 -9.51 11.04 -28.27
C TYR B 551 -10.22 10.00 -27.41
N LEU B 552 -10.84 10.42 -26.29
CA LEU B 552 -11.54 9.53 -25.37
C LEU B 552 -12.68 8.78 -26.01
N ASN B 553 -13.54 9.50 -26.73
CA ASN B 553 -14.68 8.95 -27.41
C ASN B 553 -14.34 8.10 -28.66
N THR B 554 -13.07 8.04 -29.05
CA THR B 554 -12.65 7.20 -30.17
C THR B 554 -12.22 5.81 -29.65
N PRO B 555 -12.92 4.74 -30.11
CA PRO B 555 -12.53 3.38 -29.67
C PRO B 555 -11.25 2.91 -30.34
N GLY B 556 -10.62 1.91 -29.76
CA GLY B 556 -9.40 1.30 -30.29
C GLY B 556 -8.11 1.99 -29.92
N LEU B 557 -8.19 3.05 -29.10
CA LEU B 557 -7.00 3.79 -28.65
C LEU B 557 -6.74 3.49 -27.18
N PRO B 558 -5.52 3.78 -26.63
CA PRO B 558 -5.31 3.62 -25.17
C PRO B 558 -6.43 4.29 -24.35
N VAL B 559 -6.81 3.66 -23.24
CA VAL B 559 -7.89 4.16 -22.39
C VAL B 559 -7.42 4.84 -21.11
N CYS B 560 -8.31 5.66 -20.57
CA CYS B 560 -8.07 6.50 -19.42
C CYS B 560 -9.37 6.86 -18.73
N GLN B 561 -9.28 7.26 -17.44
CA GLN B 561 -10.43 7.73 -16.67
C GLN B 561 -10.81 9.11 -17.20
N ASP B 562 -12.11 9.33 -17.43
CA ASP B 562 -12.54 10.63 -17.93
C ASP B 562 -12.48 11.70 -16.81
N HIS B 563 -11.30 12.35 -16.68
CA HIS B 563 -11.10 13.42 -15.68
C HIS B 563 -11.00 14.78 -16.35
N LEU B 564 -11.37 14.88 -17.64
CA LEU B 564 -11.31 16.11 -18.45
C LEU B 564 -11.97 17.27 -17.78
N GLU B 565 -13.22 17.08 -17.29
CA GLU B 565 -13.88 18.22 -16.63
C GLU B 565 -13.15 18.66 -15.35
N PHE B 566 -12.61 17.70 -14.58
CA PHE B 566 -11.88 18.04 -13.37
C PHE B 566 -10.62 18.86 -13.67
N TRP B 567 -9.79 18.39 -14.60
CA TRP B 567 -8.54 19.07 -14.95
C TRP B 567 -8.80 20.42 -15.61
N GLU B 568 -9.80 20.48 -16.50
CA GLU B 568 -10.21 21.72 -17.13
C GLU B 568 -10.54 22.73 -16.02
N SER B 569 -11.42 22.34 -15.07
CA SER B 569 -11.79 23.23 -13.99
C SER B 569 -10.60 23.71 -13.15
N VAL B 570 -9.63 22.83 -12.88
CA VAL B 570 -8.40 23.17 -12.14
C VAL B 570 -7.61 24.28 -12.86
N PHE B 571 -7.20 24.01 -14.12
CA PHE B 571 -6.43 24.94 -14.95
C PHE B 571 -7.15 26.27 -15.22
N THR B 572 -8.50 26.22 -15.37
CA THR B 572 -9.34 27.40 -15.59
C THR B 572 -9.14 28.46 -14.47
N GLY B 573 -8.87 27.98 -13.24
CA GLY B 573 -8.62 28.83 -12.09
C GLY B 573 -7.19 29.27 -11.92
N LEU B 574 -6.27 28.74 -12.73
CA LEU B 574 -4.85 29.13 -12.67
C LEU B 574 -4.66 30.34 -13.55
N THR B 575 -5.10 31.49 -13.02
CA THR B 575 -5.12 32.75 -13.77
C THR B 575 -3.98 33.65 -13.47
N HIS B 576 -3.57 34.42 -14.49
CA HIS B 576 -2.52 35.42 -14.41
C HIS B 576 -1.19 34.87 -13.90
N ILE B 577 -0.64 33.93 -14.65
CA ILE B 577 0.65 33.33 -14.37
C ILE B 577 1.79 34.35 -14.64
N ASP B 578 2.93 34.23 -13.94
CA ASP B 578 4.03 35.12 -14.21
C ASP B 578 4.74 34.60 -15.45
N ALA B 579 4.70 35.40 -16.54
CA ALA B 579 5.28 35.10 -17.85
C ALA B 579 6.75 34.70 -17.80
N HIS B 580 7.54 35.35 -16.90
CA HIS B 580 8.96 35.10 -16.72
C HIS B 580 9.23 33.73 -16.10
N PHE B 581 8.37 33.29 -15.15
CA PHE B 581 8.49 31.96 -14.55
C PHE B 581 8.12 30.93 -15.57
N LEU B 582 7.02 31.18 -16.31
CA LEU B 582 6.60 30.28 -17.38
C LEU B 582 7.71 30.05 -18.41
N SER B 583 8.39 31.11 -18.82
CA SER B 583 9.50 31.05 -19.77
C SER B 583 10.62 30.15 -19.24
N GLN B 584 10.97 30.35 -17.95
CA GLN B 584 12.04 29.63 -17.23
C GLN B 584 11.82 28.14 -17.12
N THR B 585 10.60 27.72 -16.71
CA THR B 585 10.20 26.31 -16.52
C THR B 585 10.14 25.58 -17.86
N LYS B 586 9.59 26.27 -18.89
CA LYS B 586 9.50 25.77 -20.27
C LYS B 586 10.90 25.48 -20.82
N GLN B 587 11.86 26.36 -20.53
CA GLN B 587 13.25 26.27 -20.98
C GLN B 587 14.07 25.20 -20.30
N ALA B 588 13.74 24.88 -19.04
CA ALA B 588 14.40 23.83 -18.27
C ALA B 588 14.01 22.43 -18.77
N GLY B 589 12.85 22.30 -19.41
CA GLY B 589 12.37 21.05 -19.99
C GLY B 589 11.82 19.96 -19.07
N ASP B 590 11.49 20.32 -17.81
CA ASP B 590 10.92 19.37 -16.86
C ASP B 590 9.40 19.29 -16.98
N ASN B 591 8.79 18.22 -16.45
CA ASN B 591 7.41 17.74 -16.53
C ASN B 591 6.18 18.66 -16.52
N PHE B 592 6.01 19.55 -15.53
CA PHE B 592 4.77 20.33 -15.53
C PHE B 592 5.14 21.81 -15.48
N PRO B 593 5.67 22.35 -16.60
CA PRO B 593 6.13 23.75 -16.59
C PRO B 593 5.07 24.74 -16.18
N TYR B 594 3.79 24.47 -16.48
CA TYR B 594 2.73 25.39 -16.13
C TYR B 594 2.43 25.31 -14.64
N LEU B 595 2.33 24.09 -14.08
CA LEU B 595 2.05 23.91 -12.66
C LEU B 595 3.20 24.38 -11.77
N VAL B 596 4.46 24.25 -12.25
CA VAL B 596 5.63 24.67 -11.48
C VAL B 596 5.66 26.19 -11.47
N ALA B 597 5.62 26.81 -12.67
CA ALA B 597 5.58 28.27 -12.82
C ALA B 597 4.40 28.87 -12.04
N TYR B 598 3.20 28.26 -12.09
CA TYR B 598 2.07 28.77 -11.33
C TYR B 598 2.25 28.68 -9.81
N GLN B 599 2.85 27.60 -9.29
CA GLN B 599 3.11 27.52 -7.85
C GLN B 599 4.12 28.60 -7.47
N ALA B 600 5.17 28.81 -8.31
CA ALA B 600 6.18 29.86 -8.10
C ALA B 600 5.52 31.25 -8.08
N THR B 601 4.62 31.50 -9.05
CA THR B 601 3.87 32.73 -9.17
C THR B 601 3.13 33.01 -7.87
N VAL B 602 2.47 31.97 -7.30
CA VAL B 602 1.71 32.05 -6.04
C VAL B 602 2.65 32.35 -4.85
N CYS B 603 3.87 31.79 -4.87
CA CYS B 603 4.91 31.97 -3.85
C CYS B 603 5.46 33.37 -3.87
N ALA B 604 5.91 33.83 -5.06
CA ALA B 604 6.48 35.16 -5.30
C ALA B 604 5.47 36.25 -4.84
N ARG B 605 4.20 36.11 -5.26
CA ARG B 605 3.11 37.02 -4.92
C ARG B 605 2.71 37.02 -3.48
N ALA B 606 2.72 35.85 -2.84
CA ALA B 606 2.40 35.78 -1.40
C ALA B 606 3.69 36.07 -0.59
N GLN B 607 4.84 36.24 -1.31
CA GLN B 607 6.18 36.43 -0.76
C GLN B 607 6.46 35.34 0.25
N ALA B 608 6.45 34.11 -0.25
CA ALA B 608 6.69 32.90 0.52
C ALA B 608 7.67 31.98 -0.21
N PRO B 609 8.47 31.17 0.51
CA PRO B 609 9.43 30.29 -0.20
C PRO B 609 8.76 29.09 -0.90
N PRO B 610 9.40 28.49 -1.94
CA PRO B 610 8.79 27.33 -2.63
C PRO B 610 8.65 26.10 -1.74
N PRO B 611 7.92 25.03 -2.17
CA PRO B 611 7.77 23.85 -1.29
C PRO B 611 9.09 23.22 -0.84
N SER B 612 10.18 23.47 -1.60
CA SER B 612 11.54 22.99 -1.32
C SER B 612 12.55 23.76 -2.19
N TRP B 613 13.85 23.53 -1.96
CA TRP B 613 14.89 24.15 -2.77
C TRP B 613 15.53 23.18 -3.81
N ASP B 614 14.77 22.12 -4.17
CA ASP B 614 15.15 21.16 -5.23
C ASP B 614 15.21 21.90 -6.57
N GLN B 615 15.94 21.34 -7.55
CA GLN B 615 16.07 21.91 -8.90
C GLN B 615 14.76 22.34 -9.56
N MET B 616 13.65 21.68 -9.20
CA MET B 616 12.30 22.00 -9.66
C MET B 616 12.00 23.50 -9.46
N TRP B 617 12.40 24.05 -8.31
CA TRP B 617 12.13 25.46 -7.97
C TRP B 617 13.29 26.45 -8.23
N LYS B 618 14.18 26.13 -9.19
CA LYS B 618 15.33 26.96 -9.55
C LYS B 618 14.97 28.43 -9.90
N CYS B 619 13.79 28.64 -10.52
CA CYS B 619 13.30 29.95 -10.94
C CYS B 619 13.09 30.98 -9.82
N LEU B 620 12.87 30.53 -8.57
CA LEU B 620 12.63 31.42 -7.44
C LEU B 620 13.89 31.82 -6.68
N ILE B 621 15.09 31.38 -7.15
CA ILE B 621 16.40 31.66 -6.52
C ILE B 621 16.74 33.15 -6.38
N ARG B 622 16.37 33.97 -7.42
CA ARG B 622 16.56 35.43 -7.47
C ARG B 622 15.67 36.14 -6.45
N LEU B 623 14.93 35.35 -5.62
CA LEU B 623 14.02 35.85 -4.61
C LEU B 623 14.20 35.16 -3.25
N LYS B 624 15.15 34.19 -3.15
CA LYS B 624 15.49 33.46 -1.92
C LYS B 624 15.59 34.35 -0.64
N PRO B 625 16.23 35.56 -0.64
CA PRO B 625 16.26 36.35 0.59
C PRO B 625 14.94 37.02 0.98
N THR B 626 14.09 37.37 0.00
CA THR B 626 12.81 38.07 0.23
C THR B 626 11.69 37.15 0.74
N LEU B 627 11.60 35.93 0.17
CA LEU B 627 10.59 34.91 0.49
C LEU B 627 10.90 34.24 1.83
N HIS B 628 9.91 34.30 2.74
CA HIS B 628 9.94 33.74 4.10
C HIS B 628 8.50 33.38 4.53
N GLY B 629 8.38 32.44 5.46
CA GLY B 629 7.11 31.98 5.98
C GLY B 629 6.67 30.63 5.44
N PRO B 630 5.41 30.22 5.69
CA PRO B 630 4.92 28.95 5.13
C PRO B 630 4.69 29.09 3.63
N THR B 631 4.57 27.97 2.94
CA THR B 631 4.31 27.95 1.51
C THR B 631 2.81 27.87 1.27
N PRO B 632 2.26 28.75 0.40
CA PRO B 632 0.85 28.59 0.02
C PRO B 632 0.79 27.41 -0.97
N LEU B 633 0.64 26.19 -0.41
CA LEU B 633 0.66 24.95 -1.17
C LEU B 633 -0.60 24.73 -1.97
N LEU B 634 -0.47 24.63 -3.32
CA LEU B 634 -1.60 24.44 -4.23
C LEU B 634 -1.88 22.98 -4.53
N TYR B 635 -0.80 22.17 -4.58
CA TYR B 635 -0.75 20.75 -4.94
C TYR B 635 0.70 20.31 -4.70
N ARG B 636 0.95 19.00 -4.69
CA ARG B 636 2.27 18.42 -4.46
C ARG B 636 2.86 17.85 -5.75
N LEU B 637 4.04 18.34 -6.09
CA LEU B 637 4.74 17.96 -7.31
C LEU B 637 6.02 17.16 -7.04
N GLY B 638 6.35 17.04 -5.76
CA GLY B 638 7.51 16.34 -5.24
C GLY B 638 7.52 16.48 -3.73
N ALA B 639 8.72 16.47 -3.14
CA ALA B 639 8.91 16.60 -1.70
C ALA B 639 8.69 18.04 -1.25
N VAL B 640 7.97 18.21 -0.14
CA VAL B 640 7.67 19.49 0.46
C VAL B 640 8.46 19.51 1.76
N GLN B 641 9.50 20.36 1.84
CA GLN B 641 10.33 20.43 3.04
C GLN B 641 9.98 21.64 3.91
N ASN B 642 9.38 22.69 3.30
CA ASN B 642 8.97 23.91 3.98
C ASN B 642 7.57 23.74 4.64
N GLU B 643 7.25 24.62 5.62
CA GLU B 643 5.96 24.67 6.34
C GLU B 643 4.90 25.04 5.31
N VAL B 644 3.67 24.60 5.48
CA VAL B 644 2.66 24.96 4.50
C VAL B 644 1.47 25.68 5.09
N THR B 645 0.82 26.47 4.21
CA THR B 645 -0.43 27.15 4.48
C THR B 645 -1.44 26.69 3.46
N LEU B 646 -2.61 26.30 3.93
CA LEU B 646 -3.67 25.77 3.09
C LEU B 646 -4.83 26.78 2.97
N THR B 647 -4.52 28.05 3.23
CA THR B 647 -5.46 29.17 3.25
C THR B 647 -5.54 29.96 1.92
N HIS B 648 -4.61 29.73 0.98
CA HIS B 648 -4.59 30.48 -0.27
C HIS B 648 -5.87 30.23 -1.09
N PRO B 649 -6.49 31.31 -1.66
CA PRO B 649 -7.73 31.11 -2.44
C PRO B 649 -7.63 30.11 -3.58
N ILE B 650 -6.42 29.96 -4.21
CA ILE B 650 -6.20 28.99 -5.28
C ILE B 650 -6.31 27.54 -4.76
N THR B 651 -5.73 27.28 -3.56
CA THR B 651 -5.81 25.99 -2.89
C THR B 651 -7.29 25.65 -2.62
N LYS B 652 -8.05 26.64 -2.11
CA LYS B 652 -9.49 26.47 -1.83
C LYS B 652 -10.25 26.22 -3.13
N TYR B 653 -9.82 26.87 -4.21
CA TYR B 653 -10.43 26.70 -5.52
C TYR B 653 -10.19 25.25 -6.00
N ILE B 654 -8.91 24.79 -5.97
CA ILE B 654 -8.54 23.42 -6.39
C ILE B 654 -9.29 22.40 -5.55
N MET B 655 -9.40 22.63 -4.23
CA MET B 655 -10.15 21.75 -3.32
C MET B 655 -11.61 21.66 -3.72
N ALA B 656 -12.25 22.82 -4.06
CA ALA B 656 -13.64 22.85 -4.51
C ALA B 656 -13.83 22.08 -5.84
N CYS B 657 -12.80 22.10 -6.73
CA CYS B 657 -12.82 21.34 -7.98
C CYS B 657 -12.96 19.85 -7.74
N MET B 658 -12.29 19.31 -6.67
CA MET B 658 -12.33 17.86 -6.34
C MET B 658 -13.73 17.34 -6.00
N SER B 659 -14.59 18.19 -5.44
CA SER B 659 -15.98 17.88 -5.06
C SER B 659 -16.93 17.86 -6.27
N ALA B 660 -17.63 16.70 -6.45
CA ALA B 660 -18.56 16.46 -7.56
C ALA B 660 -19.90 15.85 -7.10
ZN ZN C . 35.84 3.18 11.78
F1 F9K D . 13.27 3.06 17.20
C2 F9K D . 12.72 2.00 17.80
C3 F9K D . 11.63 1.35 17.26
C4 F9K D . 11.04 0.30 17.92
C5 F9K D . 11.53 -0.19 19.13
C6 F9K D . 12.61 0.44 19.68
C7 F9K D . 13.19 1.53 19.03
C8 F9K D . 9.93 -0.30 17.11
N9 F9K D . 9.92 0.62 15.99
C10 F9K D . 10.90 1.68 15.98
C11 F9K D . 9.04 0.44 15.02
O12 F9K D . 8.26 -0.47 14.94
O13 F9K D . 9.18 1.38 14.14
C14 F9K D . 8.35 1.40 13.03
C15 F9K D . 8.20 2.85 12.60
N16 F9K D . 9.44 3.01 11.92
C17 F9K D . 10.17 1.80 11.59
C18 F9K D . 9.08 0.80 11.84
C19 F9K D . 10.45 1.82 10.13
N20 F9K D . 11.68 1.54 9.75
C21 F9K D . 12.07 1.61 8.40
C22 F9K D . 12.45 3.05 8.02
C23 F9K D . 13.52 2.03 8.28
C24 F9K D . 12.05 3.52 6.69
C25 F9K D . 11.28 4.58 6.56
C26 F9K D . 11.86 0.44 7.53
N27 F9K D . 10.92 -0.43 7.89
S28 F9K D . 10.51 -1.67 7.01
C29 F9K D . 9.14 -2.34 7.83
C30 F9K D . 7.99 -1.64 8.26
C31 F9K D . 7.01 -2.33 8.95
C32 F9K D . 7.09 -3.69 9.05
C33 F9K D . 8.16 -4.38 8.56
C34 F9K D . 9.21 -3.72 7.93
F35 F9K D . 8.19 -5.66 8.73
N36 F9K D . 7.85 -0.30 8.19
C37 F9K D . 6.69 0.35 7.67
C38 F9K D . 6.47 1.73 8.30
C39 F9K D . 6.71 2.84 7.27
C40 F9K D . 6.44 4.30 7.73
C41 F9K D . 7.70 5.05 8.25
C42 F9K D . 7.73 5.16 9.79
C43 F9K D . 8.76 6.09 10.47
C44 F9K D . 9.10 5.47 11.83
C45 F9K D . 9.90 4.24 11.61
O46 F9K D . 10.90 4.39 11.04
N47 F9K D . 9.73 6.49 12.57
C48 F9K D . 10.05 6.38 13.85
O49 F9K D . 9.81 5.41 14.53
C50 F9K D . 10.68 7.58 14.47
C51 F9K D . 12.17 7.41 14.77
C52 F9K D . 12.66 8.40 15.83
C53 F9K D . 11.76 8.27 17.07
N54 F9K D . 10.36 8.45 16.79
C55 F9K D . 9.85 8.15 15.59
O56 F9K D . 8.69 8.33 15.32
C57 F9K D . 9.48 9.01 17.76
O58 F9K D . 10.13 -1.12 5.79
O59 F9K D . 11.51 -2.62 6.97
O60 F9K D . 12.50 0.35 6.54
O61 F9K D . 9.60 2.12 9.35
ZN ZN E . -34.15 -10.91 -13.63
F1 F9K F . -14.60 2.17 -16.93
C2 F9K F . -13.56 1.75 -17.64
C3 F9K F . -12.32 1.43 -17.06
C4 F9K F . -11.27 1.02 -17.85
C5 F9K F . -11.37 0.90 -19.23
C6 F9K F . -12.58 1.23 -19.80
C7 F9K F . -13.66 1.63 -19.03
C8 F9K F . -10.06 0.66 -17.03
N9 F9K F . -10.53 1.14 -15.75
C10 F9K F . -11.93 1.50 -15.62
C11 F9K F . -9.64 1.21 -14.77
O12 F9K F . -8.50 0.87 -14.90
O13 F9K F . -10.13 1.72 -13.66
C14 F9K F . -9.27 1.78 -12.55
C15 F9K F . -9.75 2.85 -11.58
N16 F9K F . -10.85 2.16 -10.97
C17 F9K F . -10.88 0.72 -11.22
C18 F9K F . -9.45 0.54 -11.69
C19 F9K F . -11.04 0.02 -9.93
N20 F9K F . -12.03 -0.84 -9.83
C21 F9K F . -12.32 -1.49 -8.62
C22 F9K F . -13.36 -0.70 -7.83
C23 F9K F . -13.79 -1.86 -8.68
C24 F9K F . -13.21 -0.76 -6.36
C25 F9K F . -12.42 0.11 -5.76
C26 F9K F . -11.52 -2.64 -8.16
N27 F9K F . -10.24 -2.68 -8.54
S28 F9K F . -9.21 -3.80 -8.13
C29 F9K F . -7.76 -3.36 -8.97
C30 F9K F . -7.11 -2.12 -9.05
C31 F9K F . -5.95 -2.02 -9.77
C32 F9K F . -5.42 -3.13 -10.37
C33 F9K F . -6.04 -4.34 -10.28
C34 F9K F . -7.19 -4.48 -9.57
F35 F9K F . -5.51 -5.37 -10.85
N36 F9K F . -7.56 -0.97 -8.55
C37 F9K F . -7.20 -0.55 -7.22
C38 F9K F . -8.03 0.64 -6.71
C39 F9K F . -7.63 1.96 -7.40
C40 F9K F . -8.23 3.21 -6.73
C41 F9K F . -9.76 3.42 -6.89
C42 F9K F . -10.12 4.44 -7.98
C43 F9K F . -11.60 4.49 -8.38
C44 F9K F . -11.67 4.28 -9.89
C45 F9K F . -11.77 2.83 -10.23
O46 F9K F . -12.67 2.25 -9.74
N47 F9K F . -12.71 5.15 -10.29
C48 F9K F . -13.06 5.43 -11.54
O49 F9K F . -12.56 5.00 -12.51
C50 F9K F . -14.18 6.38 -11.68
C51 F9K F . -15.49 5.68 -12.11
C52 F9K F . -16.49 6.59 -12.82
C53 F9K F . -15.76 7.44 -13.88
N54 F9K F . -14.55 8.09 -13.45
C55 F9K F . -13.81 7.60 -12.45
O56 F9K F . -12.80 8.14 -12.12
C57 F9K F . -14.09 9.28 -14.07
O58 F9K F . -9.09 -3.71 -6.76
O59 F9K F . -9.61 -5.03 -8.59
O60 F9K F . -12.01 -3.44 -7.46
O61 F9K F . -10.30 0.28 -9.02
#